data_8VPI
#
_entry.id   8VPI
#
_cell.length_a   81.588
_cell.length_b   161.260
_cell.length_c   235.716
_cell.angle_alpha   90.000
_cell.angle_beta   90.000
_cell.angle_gamma   90.000
#
_symmetry.space_group_name_H-M   'P 21 21 21'
#
loop_
_entity.id
_entity.type
_entity.pdbx_description
1 polymer 'Site-specific DNA-methyltransferase (adenine-specific)'
2 polymer 'DNA Strand II'
3 polymer 'DNA Strand I'
4 non-polymer N-{3-[(2-amino-6-methylpyrimidin-4-yl)amino]-5-[(4-methylpiperazin-1-yl)methyl]phenyl}-3-[(quinolin-4-yl)amino]benzamide
5 non-polymer pyridine
6 water water
#
loop_
_entity_poly.entity_id
_entity_poly.type
_entity_poly.pdbx_seq_one_letter_code
_entity_poly.pdbx_strand_id
1 'polypeptide(L)'
;MDDISQDNFLLSKEYENSLDVDTKKASGIYYTPKIIVDYIVKKTLKNHDIIKNPYPRILDISCGCGNFLLEVYDILYDLF
EENIYELKKKYDENYWTVDNIHRHILNYCIYGADIDEKAISILKDSLTNKKVVNDLDESDIKINLFCCDSLKKKWRYKFD
YIVGNPPYIGHKKLEKKYKKFLLEKYSEVYKDKADLYFCFYKKIIDILKQGGIGSVITPRYFLESLSGKDLREYIKSNVN
VQEIVDFLGANIFKNIGVSSCILTFDKKKTKETYIDVFKIKNEDICINKFETLEELLKSSKFEHFNINQRLLSDEWILVN
KDDETFYNKIQEKCKYSLEDIAISFQGIITGCDKAFILSKDDVKLNLVDDKFLKCWIKSKNINKYIVDKSEYRLIYSNDI
DNENTNKRILDEIIGLYKTKLENRRECKSGIRKWYELQWGREKLFFERKKIMYPYKSNENRFAIDYDNNFSSADVYSFFI
KEEYLDKFSYEYLVGILNSSVYDKYFKITAKKMSKNIYDYYPNKVMKIRIFRDNNYEEIENLSKQIISILLNKSIDKGKV
EKLQIKMDNLIMDSLGI
;
A,B,C
2 'polydeoxyribonucleotide' (DA)(DT)(DG)(DG)(DG)(DA)(DC)(DT)(DT)(DT)(DT)(DT)(DG)(DA) E,G,I
3 'polydeoxyribonucleotide' (DT)(DT)(DC)(DA)(DA)(DA)(DA)(DA)(DG)(DT)(DC)(DC)(DC)(DA) D,F,H
#
# COMPACT_ATOMS: atom_id res chain seq x y z
N TYR A 31 -51.62 8.84 -23.03
CA TYR A 31 -52.76 8.06 -23.50
C TYR A 31 -52.46 7.37 -24.83
N THR A 32 -52.42 6.04 -24.80
CA THR A 32 -52.14 5.28 -26.02
C THR A 32 -53.28 5.45 -27.02
N PRO A 33 -52.97 5.61 -28.31
CA PRO A 33 -54.03 5.72 -29.31
C PRO A 33 -54.91 4.48 -29.33
N LYS A 34 -56.20 4.71 -29.58
CA LYS A 34 -57.19 3.63 -29.46
C LYS A 34 -56.95 2.53 -30.50
N ILE A 35 -56.49 2.91 -31.69
CA ILE A 35 -56.30 1.93 -32.76
C ILE A 35 -55.20 0.93 -32.39
N ILE A 36 -54.10 1.43 -31.82
CA ILE A 36 -53.04 0.54 -31.39
C ILE A 36 -53.51 -0.36 -30.25
N VAL A 37 -54.29 0.19 -29.32
CA VAL A 37 -54.81 -0.62 -28.21
C VAL A 37 -55.68 -1.75 -28.74
N ASP A 38 -56.57 -1.44 -29.68
CA ASP A 38 -57.43 -2.47 -30.26
C ASP A 38 -56.59 -3.51 -30.98
N TYR A 39 -55.58 -3.08 -31.74
CA TYR A 39 -54.73 -4.03 -32.46
C TYR A 39 -54.01 -4.96 -31.49
N ILE A 40 -53.48 -4.41 -30.40
CA ILE A 40 -52.75 -5.23 -29.43
C ILE A 40 -53.67 -6.24 -28.77
N VAL A 41 -54.87 -5.80 -28.36
CA VAL A 41 -55.79 -6.70 -27.69
C VAL A 41 -56.23 -7.81 -28.64
N LYS A 42 -56.56 -7.47 -29.88
CA LYS A 42 -56.95 -8.49 -30.85
C LYS A 42 -55.79 -9.42 -31.15
N LYS A 43 -54.56 -8.89 -31.24
CA LYS A 43 -53.39 -9.73 -31.45
C LYS A 43 -53.25 -10.76 -30.33
N THR A 44 -53.51 -10.36 -29.09
CA THR A 44 -53.35 -11.28 -27.97
C THR A 44 -54.48 -12.31 -27.89
N LEU A 45 -55.73 -11.87 -28.10
CA LEU A 45 -56.88 -12.69 -27.71
C LEU A 45 -57.66 -13.32 -28.85
N LYS A 46 -57.34 -13.02 -30.11
CA LYS A 46 -58.24 -13.39 -31.20
C LYS A 46 -58.39 -14.91 -31.32
N ASN A 47 -57.32 -15.66 -31.09
CA ASN A 47 -57.34 -17.11 -31.28
C ASN A 47 -57.40 -17.88 -29.97
N HIS A 48 -57.83 -17.23 -28.89
CA HIS A 48 -57.99 -17.94 -27.63
C HIS A 48 -59.20 -18.86 -27.69
N ASP A 49 -59.00 -20.12 -27.32
CA ASP A 49 -60.07 -21.11 -27.29
C ASP A 49 -60.79 -20.97 -25.96
N ILE A 50 -61.84 -20.15 -25.95
CA ILE A 50 -62.59 -19.92 -24.73
C ILE A 50 -63.28 -21.19 -24.24
N ILE A 51 -63.55 -22.13 -25.14
CA ILE A 51 -64.12 -23.40 -24.71
C ILE A 51 -63.10 -24.21 -23.93
N LYS A 52 -61.87 -24.30 -24.46
CA LYS A 52 -60.84 -25.10 -23.82
C LYS A 52 -60.40 -24.50 -22.49
N ASN A 53 -60.17 -23.19 -22.45
CA ASN A 53 -59.74 -22.48 -21.25
C ASN A 53 -60.66 -21.28 -21.03
N PRO A 54 -61.82 -21.49 -20.39
CA PRO A 54 -62.68 -20.36 -20.04
C PRO A 54 -62.20 -19.55 -18.86
N TYR A 55 -60.95 -19.74 -18.43
CA TYR A 55 -60.38 -18.99 -17.32
C TYR A 55 -59.05 -18.39 -17.75
N PRO A 56 -59.07 -17.41 -18.65
CA PRO A 56 -57.82 -16.75 -19.04
C PRO A 56 -57.54 -15.55 -18.13
N ARG A 57 -56.26 -15.36 -17.83
CA ARG A 57 -55.83 -14.24 -16.98
C ARG A 57 -55.09 -13.24 -17.84
N ILE A 58 -55.73 -12.11 -18.11
CA ILE A 58 -55.15 -11.03 -18.90
C ILE A 58 -54.74 -9.91 -17.95
N LEU A 59 -53.48 -9.48 -18.06
CA LEU A 59 -52.90 -8.51 -17.14
C LEU A 59 -52.42 -7.29 -17.90
N ASP A 60 -52.74 -6.12 -17.37
CA ASP A 60 -52.13 -4.86 -17.76
C ASP A 60 -51.21 -4.40 -16.63
N ILE A 61 -49.96 -4.08 -16.97
CA ILE A 61 -49.00 -3.68 -15.96
C ILE A 61 -48.95 -2.16 -15.76
N SER A 62 -49.36 -1.39 -16.77
CA SER A 62 -49.37 0.07 -16.71
C SER A 62 -50.70 0.61 -17.22
N CYS A 63 -51.79 0.06 -16.67
CA CYS A 63 -53.12 0.38 -17.16
C CYS A 63 -53.42 1.87 -17.09
N GLY A 64 -53.08 2.51 -15.98
CA GLY A 64 -53.39 3.92 -15.81
C GLY A 64 -54.89 4.13 -15.82
N CYS A 65 -55.37 4.92 -16.77
CA CYS A 65 -56.81 5.10 -16.94
C CYS A 65 -57.50 3.81 -17.36
N GLY A 66 -56.74 2.82 -17.84
CA GLY A 66 -57.30 1.53 -18.19
C GLY A 66 -57.70 1.42 -19.65
N ASN A 67 -56.89 1.98 -20.54
CA ASN A 67 -57.21 1.96 -21.96
C ASN A 67 -57.26 0.52 -22.49
N PHE A 68 -56.31 -0.32 -22.08
CA PHE A 68 -56.27 -1.69 -22.56
C PHE A 68 -57.31 -2.57 -21.89
N LEU A 69 -57.54 -2.36 -20.59
CA LEU A 69 -58.39 -3.28 -19.84
C LEU A 69 -59.86 -3.19 -20.26
N LEU A 70 -60.34 -2.00 -20.61
CA LEU A 70 -61.72 -1.89 -21.07
C LEU A 70 -61.92 -2.65 -22.38
N GLU A 71 -60.97 -2.53 -23.32
CA GLU A 71 -61.07 -3.26 -24.57
C GLU A 71 -60.96 -4.77 -24.32
N VAL A 72 -60.09 -5.18 -23.39
CA VAL A 72 -60.02 -6.59 -23.03
C VAL A 72 -61.35 -7.06 -22.48
N TYR A 73 -62.00 -6.25 -21.65
CA TYR A 73 -63.31 -6.59 -21.11
C TYR A 73 -64.32 -6.78 -22.23
N ASP A 74 -64.35 -5.86 -23.20
CA ASP A 74 -65.30 -5.97 -24.30
C ASP A 74 -65.06 -7.23 -25.12
N ILE A 75 -63.79 -7.51 -25.43
CA ILE A 75 -63.45 -8.70 -26.22
C ILE A 75 -63.84 -9.96 -25.47
N LEU A 76 -63.54 -10.02 -24.16
CA LEU A 76 -63.88 -11.19 -23.37
C LEU A 76 -65.39 -11.38 -23.26
N TYR A 77 -66.13 -10.28 -23.07
CA TYR A 77 -67.58 -10.40 -22.96
C TYR A 77 -68.18 -10.93 -24.25
N ASP A 78 -67.73 -10.41 -25.39
CA ASP A 78 -68.23 -10.92 -26.67
C ASP A 78 -67.87 -12.40 -26.84
N LEU A 79 -66.63 -12.77 -26.48
CA LEU A 79 -66.20 -14.15 -26.65
C LEU A 79 -66.99 -15.10 -25.77
N PHE A 80 -67.27 -14.69 -24.52
CA PHE A 80 -68.06 -15.53 -23.63
C PHE A 80 -69.50 -15.65 -24.10
N GLU A 81 -70.11 -14.52 -24.50
CA GLU A 81 -71.51 -14.58 -24.93
C GLU A 81 -71.66 -15.38 -26.22
N GLU A 82 -70.65 -15.37 -27.08
CA GLU A 82 -70.74 -16.12 -28.34
C GLU A 82 -70.81 -17.62 -28.08
N ASN A 83 -70.09 -18.10 -27.07
CA ASN A 83 -70.04 -19.53 -26.75
C ASN A 83 -70.63 -19.80 -25.38
N ILE A 84 -71.70 -19.10 -25.02
CA ILE A 84 -72.26 -19.25 -23.67
C ILE A 84 -72.93 -20.60 -23.52
N TYR A 85 -73.70 -21.04 -24.53
CA TYR A 85 -74.38 -22.32 -24.43
C TYR A 85 -73.43 -23.50 -24.57
N GLU A 86 -72.37 -23.34 -25.34
CA GLU A 86 -71.36 -24.40 -25.43
C GLU A 86 -70.68 -24.60 -24.09
N LEU A 87 -70.34 -23.52 -23.39
CA LEU A 87 -69.78 -23.63 -22.06
C LEU A 87 -70.80 -24.20 -21.08
N LYS A 88 -72.06 -23.79 -21.21
CA LYS A 88 -73.11 -24.31 -20.34
C LYS A 88 -73.23 -25.83 -20.49
N LYS A 89 -73.13 -26.34 -21.72
CA LYS A 89 -73.20 -27.77 -21.93
C LYS A 89 -71.94 -28.48 -21.46
N LYS A 90 -70.75 -27.91 -21.73
CA LYS A 90 -69.51 -28.59 -21.39
C LYS A 90 -69.23 -28.55 -19.90
N TYR A 91 -69.30 -27.37 -19.31
CA TYR A 91 -69.02 -27.17 -17.90
C TYR A 91 -70.31 -27.10 -17.11
N ASP A 92 -70.23 -26.64 -15.87
CA ASP A 92 -71.39 -26.52 -15.01
C ASP A 92 -72.47 -25.69 -15.70
N GLU A 93 -73.69 -26.24 -15.73
CA GLU A 93 -74.78 -25.59 -16.43
C GLU A 93 -75.25 -24.33 -15.73
N ASN A 94 -75.24 -24.32 -14.39
CA ASN A 94 -75.77 -23.21 -13.63
C ASN A 94 -74.81 -22.01 -13.58
N TYR A 95 -73.50 -22.27 -13.59
CA TYR A 95 -72.55 -21.17 -13.46
C TYR A 95 -72.50 -20.33 -14.74
N TRP A 96 -72.48 -20.98 -15.90
CA TRP A 96 -72.29 -20.27 -17.17
C TRP A 96 -73.64 -19.75 -17.64
N THR A 97 -73.94 -18.51 -17.29
CA THR A 97 -75.13 -17.81 -17.76
C THR A 97 -74.73 -16.41 -18.18
N VAL A 98 -75.55 -15.81 -19.07
CA VAL A 98 -75.21 -14.51 -19.64
C VAL A 98 -75.11 -13.45 -18.54
N ASP A 99 -75.99 -13.51 -17.55
CA ASP A 99 -75.97 -12.53 -16.48
C ASP A 99 -74.67 -12.61 -15.67
N ASN A 100 -74.09 -13.79 -15.56
CA ASN A 100 -72.91 -14.01 -14.73
C ASN A 100 -71.60 -13.72 -15.46
N ILE A 101 -71.64 -13.35 -16.74
CA ILE A 101 -70.41 -13.14 -17.50
C ILE A 101 -69.60 -12.00 -16.91
N HIS A 102 -70.27 -10.89 -16.59
CA HIS A 102 -69.58 -9.72 -16.04
C HIS A 102 -68.85 -10.08 -14.75
N ARG A 103 -69.53 -10.77 -13.84
CA ARG A 103 -68.93 -11.17 -12.57
C ARG A 103 -67.74 -12.10 -12.80
N HIS A 104 -67.88 -13.06 -13.72
CA HIS A 104 -66.79 -13.99 -13.99
C HIS A 104 -65.57 -13.25 -14.53
N ILE A 105 -65.77 -12.32 -15.47
CA ILE A 105 -64.66 -11.57 -16.03
C ILE A 105 -63.97 -10.77 -14.94
N LEU A 106 -64.75 -10.08 -14.11
CA LEU A 106 -64.15 -9.26 -13.06
C LEU A 106 -63.50 -10.09 -11.95
N ASN A 107 -63.88 -11.36 -11.81
CA ASN A 107 -63.31 -12.18 -10.74
C ASN A 107 -62.08 -12.97 -11.15
N TYR A 108 -62.07 -13.54 -12.36
CA TYR A 108 -61.01 -14.47 -12.74
C TYR A 108 -60.16 -14.04 -13.93
N CYS A 109 -60.53 -12.98 -14.66
CA CYS A 109 -59.95 -12.73 -15.96
C CYS A 109 -59.11 -11.47 -16.06
N ILE A 110 -59.60 -10.35 -15.54
CA ILE A 110 -58.95 -9.05 -15.72
C ILE A 110 -58.09 -8.75 -14.50
N TYR A 111 -56.82 -8.45 -14.73
CA TYR A 111 -55.91 -8.01 -13.68
C TYR A 111 -55.18 -6.76 -14.17
N GLY A 112 -55.16 -5.74 -13.33
CA GLY A 112 -54.46 -4.51 -13.66
C GLY A 112 -53.60 -4.06 -12.49
N ALA A 113 -52.47 -3.45 -12.83
CA ALA A 113 -51.56 -2.93 -11.82
C ALA A 113 -51.11 -1.53 -12.24
N ASP A 114 -50.95 -0.65 -11.26
CA ASP A 114 -50.44 0.69 -11.54
C ASP A 114 -49.97 1.32 -10.24
N ILE A 115 -49.35 2.49 -10.36
CA ILE A 115 -48.83 3.25 -9.22
C ILE A 115 -49.68 4.46 -8.88
N ASP A 116 -50.63 4.84 -9.74
CA ASP A 116 -51.51 5.98 -9.50
C ASP A 116 -52.84 5.46 -8.98
N GLU A 117 -53.17 5.81 -7.73
CA GLU A 117 -54.40 5.30 -7.12
C GLU A 117 -55.64 5.97 -7.72
N LYS A 118 -55.54 7.22 -8.14
CA LYS A 118 -56.68 7.88 -8.77
C LYS A 118 -57.04 7.21 -10.08
N ALA A 119 -56.02 6.87 -10.89
CA ALA A 119 -56.28 6.15 -12.13
C ALA A 119 -56.85 4.76 -11.85
N ILE A 120 -56.36 4.11 -10.80
CA ILE A 120 -56.88 2.79 -10.44
C ILE A 120 -58.37 2.89 -10.07
N SER A 121 -58.73 3.90 -9.27
CA SER A 121 -60.12 4.07 -8.88
C SER A 121 -61.00 4.40 -10.09
N ILE A 122 -60.49 5.22 -11.01
CA ILE A 122 -61.25 5.56 -12.21
C ILE A 122 -61.49 4.31 -13.05
N LEU A 123 -60.44 3.48 -13.22
CA LEU A 123 -60.60 2.24 -13.98
C LEU A 123 -61.57 1.28 -13.30
N LYS A 124 -61.50 1.19 -11.97
CA LYS A 124 -62.43 0.32 -11.24
C LYS A 124 -63.87 0.79 -11.42
N ASP A 125 -64.10 2.09 -11.35
CA ASP A 125 -65.43 2.63 -11.57
C ASP A 125 -65.90 2.35 -13.00
N SER A 126 -65.00 2.50 -13.98
CA SER A 126 -65.38 2.22 -15.36
C SER A 126 -65.76 0.75 -15.55
N LEU A 127 -65.00 -0.16 -14.92
CA LEU A 127 -65.30 -1.59 -15.02
C LEU A 127 -66.63 -1.93 -14.34
N THR A 128 -66.88 -1.35 -13.17
CA THR A 128 -68.16 -1.60 -12.50
C THR A 128 -69.33 -1.07 -13.31
N ASN A 129 -69.17 0.13 -13.89
CA ASN A 129 -70.24 0.73 -14.68
C ASN A 129 -70.47 0.03 -16.02
N LYS A 130 -69.59 -0.90 -16.41
CA LYS A 130 -69.78 -1.63 -17.65
C LYS A 130 -71.05 -2.47 -17.63
N LYS A 131 -71.47 -2.92 -16.44
CA LYS A 131 -72.65 -3.79 -16.32
C LYS A 131 -73.89 -3.01 -15.91
N VAL A 132 -73.83 -2.30 -14.78
CA VAL A 132 -74.97 -1.56 -14.24
C VAL A 132 -76.21 -2.45 -14.09
N ASP A 137 -71.35 -3.92 -1.87
CA ASP A 137 -71.69 -4.33 -3.23
C ASP A 137 -73.04 -5.06 -3.25
N GLU A 138 -73.62 -5.18 -4.44
CA GLU A 138 -74.89 -5.89 -4.58
C GLU A 138 -74.72 -7.36 -4.20
N SER A 139 -73.72 -8.02 -4.76
CA SER A 139 -73.35 -9.37 -4.33
C SER A 139 -71.83 -9.54 -4.54
N ASP A 140 -71.07 -9.20 -3.50
CA ASP A 140 -69.62 -9.43 -3.41
C ASP A 140 -68.90 -9.22 -4.74
N ILE A 141 -69.04 -8.01 -5.28
CA ILE A 141 -68.38 -7.66 -6.53
C ILE A 141 -66.94 -7.25 -6.22
N LYS A 142 -65.98 -8.04 -6.67
CA LYS A 142 -64.57 -7.80 -6.42
C LYS A 142 -63.82 -7.66 -7.73
N ILE A 143 -62.91 -6.70 -7.79
CA ILE A 143 -62.11 -6.42 -8.98
C ILE A 143 -60.64 -6.51 -8.59
N ASN A 144 -59.86 -7.23 -9.40
CA ASN A 144 -58.45 -7.47 -9.09
C ASN A 144 -57.57 -6.39 -9.69
N LEU A 145 -57.62 -5.22 -9.06
CA LEU A 145 -56.81 -4.07 -9.43
C LEU A 145 -55.84 -3.76 -8.29
N PHE A 146 -54.56 -3.59 -8.63
CA PHE A 146 -53.51 -3.38 -7.65
C PHE A 146 -52.89 -2.01 -7.86
N CYS A 147 -52.79 -1.25 -6.77
CA CYS A 147 -52.07 0.02 -6.77
C CYS A 147 -50.74 -0.23 -6.06
N CYS A 148 -49.72 -0.55 -6.86
CA CYS A 148 -48.43 -0.94 -6.31
C CYS A 148 -47.35 -0.74 -7.37
N ASP A 149 -46.10 -0.77 -6.92
CA ASP A 149 -44.97 -0.80 -7.82
C ASP A 149 -44.92 -2.16 -8.50
N SER A 150 -45.17 -2.18 -9.81
CA SER A 150 -45.23 -3.45 -10.53
C SER A 150 -43.90 -4.18 -10.50
N LEU A 151 -42.80 -3.43 -10.59
CA LEU A 151 -41.47 -4.04 -10.60
C LEU A 151 -41.10 -4.65 -9.26
N LYS A 152 -41.75 -4.25 -8.17
CA LYS A 152 -41.43 -4.75 -6.84
C LYS A 152 -42.48 -5.70 -6.28
N LYS A 153 -43.64 -5.84 -6.93
CA LYS A 153 -44.67 -6.72 -6.39
C LYS A 153 -44.27 -8.19 -6.55
N LYS A 154 -44.52 -8.96 -5.49
CA LYS A 154 -44.35 -10.41 -5.53
C LYS A 154 -45.62 -11.02 -6.12
N TRP A 155 -45.57 -11.33 -7.42
CA TRP A 155 -46.76 -11.80 -8.12
C TRP A 155 -47.07 -13.24 -7.74
N ARG A 156 -48.28 -13.47 -7.23
CA ARG A 156 -48.61 -14.77 -6.66
C ARG A 156 -48.87 -15.83 -7.72
N TYR A 157 -49.10 -15.43 -8.97
CA TYR A 157 -49.37 -16.38 -10.04
C TYR A 157 -49.07 -15.71 -11.38
N LYS A 158 -48.73 -16.52 -12.37
CA LYS A 158 -48.40 -16.02 -13.69
C LYS A 158 -49.68 -15.83 -14.50
N PHE A 159 -49.54 -15.29 -15.71
CA PHE A 159 -50.69 -14.85 -16.51
C PHE A 159 -50.65 -15.45 -17.90
N ASP A 160 -51.84 -15.74 -18.41
CA ASP A 160 -51.98 -16.26 -19.77
C ASP A 160 -51.68 -15.19 -20.81
N TYR A 161 -52.14 -13.95 -20.58
CA TYR A 161 -51.95 -12.88 -21.53
C TYR A 161 -51.53 -11.61 -20.81
N ILE A 162 -50.61 -10.87 -21.40
CA ILE A 162 -50.14 -9.60 -20.85
C ILE A 162 -50.14 -8.56 -21.96
N VAL A 163 -50.71 -7.39 -21.70
CA VAL A 163 -50.81 -6.33 -22.70
C VAL A 163 -50.46 -4.99 -22.09
N GLY A 164 -49.97 -4.09 -22.93
CA GLY A 164 -50.01 -2.70 -22.51
C GLY A 164 -48.84 -1.87 -23.04
N ASN A 165 -48.56 -0.81 -22.29
CA ASN A 165 -47.61 0.23 -22.67
C ASN A 165 -46.90 0.72 -21.42
N PRO A 166 -45.67 0.27 -21.19
CA PRO A 166 -44.94 0.69 -19.99
C PRO A 166 -44.64 2.18 -20.02
N PRO A 167 -44.45 2.80 -18.86
CA PRO A 167 -44.23 4.25 -18.83
C PRO A 167 -42.88 4.63 -19.41
N TYR A 168 -42.77 5.90 -19.81
CA TYR A 168 -41.53 6.46 -20.33
C TYR A 168 -41.17 7.67 -19.47
N ILE A 169 -40.51 7.41 -18.34
CA ILE A 169 -39.99 8.46 -17.46
C ILE A 169 -38.72 7.94 -16.81
N GLY A 170 -37.60 8.63 -17.05
CA GLY A 170 -36.32 8.14 -16.57
C GLY A 170 -35.34 9.26 -16.27
N HIS A 171 -34.27 8.88 -15.56
CA HIS A 171 -33.19 9.76 -15.19
C HIS A 171 -33.66 10.86 -14.25
N LYS A 172 -34.39 11.84 -14.78
CA LYS A 172 -34.86 12.95 -13.96
C LYS A 172 -35.88 12.48 -12.91
N LYS A 173 -36.75 11.55 -13.28
CA LYS A 173 -37.80 11.10 -12.38
C LYS A 173 -37.30 10.09 -11.34
N LEU A 174 -36.26 9.33 -11.66
CA LEU A 174 -35.81 8.26 -10.76
C LEU A 174 -35.19 8.84 -9.50
N GLU A 175 -35.33 8.10 -8.40
CA GLU A 175 -34.69 8.44 -7.14
C GLU A 175 -33.38 7.65 -7.03
N LYS A 176 -32.46 8.18 -6.21
CA LYS A 176 -31.17 7.53 -6.04
C LYS A 176 -31.34 6.13 -5.44
N LYS A 177 -32.20 6.01 -4.43
CA LYS A 177 -32.45 4.69 -3.83
C LYS A 177 -33.13 3.76 -4.83
N TYR A 178 -34.07 4.28 -5.62
CA TYR A 178 -34.79 3.45 -6.58
C TYR A 178 -33.86 2.88 -7.64
N LYS A 179 -32.91 3.69 -8.13
CA LYS A 179 -32.00 3.22 -9.16
C LYS A 179 -31.10 2.11 -8.63
N LYS A 180 -30.65 2.22 -7.38
CA LYS A 180 -29.83 1.18 -6.79
C LYS A 180 -30.59 -0.15 -6.70
N PHE A 181 -31.88 -0.08 -6.33
CA PHE A 181 -32.70 -1.29 -6.29
C PHE A 181 -32.85 -1.90 -7.68
N LEU A 182 -33.00 -1.06 -8.70
CA LEU A 182 -33.11 -1.57 -10.06
C LEU A 182 -31.84 -2.29 -10.50
N LEU A 183 -30.68 -1.74 -10.14
CA LEU A 183 -29.42 -2.37 -10.53
C LEU A 183 -29.26 -3.75 -9.90
N GLU A 184 -29.65 -3.89 -8.63
CA GLU A 184 -29.53 -5.18 -7.96
C GLU A 184 -30.55 -6.18 -8.46
N LYS A 185 -31.81 -5.75 -8.61
CA LYS A 185 -32.88 -6.68 -8.94
C LYS A 185 -32.90 -7.06 -10.43
N TYR A 186 -32.53 -6.15 -11.31
CA TYR A 186 -32.66 -6.35 -12.75
C TYR A 186 -31.32 -6.24 -13.46
N SER A 187 -30.28 -6.85 -12.87
CA SER A 187 -28.93 -6.72 -13.41
C SER A 187 -28.80 -7.28 -14.82
N GLU A 188 -29.71 -8.14 -15.25
CA GLU A 188 -29.60 -8.74 -16.57
C GLU A 188 -30.20 -7.87 -17.67
N VAL A 189 -30.87 -6.77 -17.34
CA VAL A 189 -31.44 -5.90 -18.36
C VAL A 189 -31.12 -4.44 -18.09
N TYR A 190 -30.68 -4.12 -16.87
CA TYR A 190 -30.50 -2.74 -16.44
C TYR A 190 -29.03 -2.49 -16.13
N LYS A 191 -28.45 -1.49 -16.78
CA LYS A 191 -27.06 -1.10 -16.59
C LYS A 191 -26.93 0.42 -16.71
N ASP A 192 -26.26 1.03 -15.73
CA ASP A 192 -25.92 2.46 -15.75
C ASP A 192 -27.21 3.27 -15.86
N LYS A 193 -27.37 4.12 -16.87
CA LYS A 193 -28.53 4.99 -17.01
C LYS A 193 -29.54 4.43 -18.01
N ALA A 194 -29.70 3.11 -18.05
CA ALA A 194 -30.66 2.50 -18.96
C ALA A 194 -32.08 2.90 -18.62
N ASP A 195 -32.96 2.85 -19.63
CA ASP A 195 -34.33 3.27 -19.43
C ASP A 195 -35.08 2.30 -18.54
N LEU A 196 -36.09 2.83 -17.84
CA LEU A 196 -36.84 2.04 -16.87
C LEU A 196 -37.56 0.87 -17.53
N TYR A 197 -38.16 1.11 -18.71
CA TYR A 197 -39.04 0.11 -19.30
C TYR A 197 -38.31 -1.20 -19.60
N PHE A 198 -36.97 -1.18 -19.68
CA PHE A 198 -36.23 -2.43 -19.81
C PHE A 198 -36.65 -3.42 -18.74
N CYS A 199 -36.64 -2.98 -17.48
CA CYS A 199 -37.03 -3.87 -16.39
C CYS A 199 -38.44 -4.38 -16.58
N PHE A 200 -39.33 -3.55 -17.14
CA PHE A 200 -40.70 -4.01 -17.38
C PHE A 200 -40.71 -5.22 -18.30
N TYR A 201 -39.92 -5.18 -19.38
CA TYR A 201 -39.76 -6.37 -20.21
C TYR A 201 -39.36 -7.56 -19.35
N LYS A 202 -38.32 -7.37 -18.52
CA LYS A 202 -37.84 -8.42 -17.64
C LYS A 202 -38.97 -8.97 -16.77
N LYS A 203 -39.87 -8.09 -16.33
CA LYS A 203 -40.99 -8.56 -15.52
C LYS A 203 -42.00 -9.31 -16.38
N ILE A 204 -42.33 -8.76 -17.56
CA ILE A 204 -43.42 -9.31 -18.36
C ILE A 204 -43.09 -10.74 -18.79
N ILE A 205 -41.84 -10.97 -19.19
CA ILE A 205 -41.41 -12.32 -19.54
C ILE A 205 -41.49 -13.24 -18.33
N ASP A 206 -41.09 -12.74 -17.16
CA ASP A 206 -40.98 -13.60 -15.99
C ASP A 206 -42.34 -14.11 -15.53
N ILE A 207 -43.37 -13.27 -15.58
CA ILE A 207 -44.68 -13.62 -15.05
C ILE A 207 -45.64 -14.05 -16.17
N LEU A 208 -45.11 -14.49 -17.30
CA LEU A 208 -45.91 -14.98 -18.41
C LEU A 208 -45.98 -16.50 -18.35
N LYS A 209 -47.18 -17.05 -18.33
CA LYS A 209 -47.35 -18.50 -18.29
C LYS A 209 -46.82 -19.14 -19.56
N GLN A 210 -46.38 -20.39 -19.44
CA GLN A 210 -45.92 -21.15 -20.59
C GLN A 210 -47.02 -21.21 -21.65
N GLY A 211 -46.66 -20.90 -22.89
CA GLY A 211 -47.64 -20.80 -23.95
C GLY A 211 -48.46 -19.54 -23.94
N GLY A 212 -48.13 -18.57 -23.07
CA GLY A 212 -48.86 -17.32 -23.03
C GLY A 212 -48.39 -16.32 -24.08
N ILE A 213 -49.12 -15.21 -24.16
CA ILE A 213 -48.87 -14.18 -25.18
C ILE A 213 -48.72 -12.83 -24.49
N GLY A 214 -47.68 -12.10 -24.87
CA GLY A 214 -47.49 -10.73 -24.42
C GLY A 214 -47.43 -9.79 -25.61
N SER A 215 -48.01 -8.59 -25.43
CA SER A 215 -48.05 -7.60 -26.49
C SER A 215 -47.97 -6.22 -25.86
N VAL A 216 -46.92 -5.48 -26.22
CA VAL A 216 -46.67 -4.18 -25.65
C VAL A 216 -46.33 -3.19 -26.75
N ILE A 217 -46.50 -1.91 -26.44
CA ILE A 217 -45.98 -0.83 -27.27
C ILE A 217 -44.99 -0.04 -26.42
N THR A 218 -43.75 0.04 -26.89
CA THR A 218 -42.65 0.60 -26.13
C THR A 218 -41.84 1.53 -27.02
N PRO A 219 -40.92 2.30 -26.43
CA PRO A 219 -39.90 2.97 -27.26
C PRO A 219 -39.09 1.94 -28.04
N ARG A 220 -38.70 2.31 -29.26
CA ARG A 220 -37.96 1.41 -30.14
C ARG A 220 -36.46 1.49 -29.94
N TYR A 221 -35.97 2.33 -29.03
CA TYR A 221 -34.54 2.60 -28.95
C TYR A 221 -33.73 1.38 -28.55
N PHE A 222 -34.32 0.46 -27.79
CA PHE A 222 -33.59 -0.72 -27.35
C PHE A 222 -33.25 -1.67 -28.49
N LEU A 223 -33.89 -1.51 -29.65
CA LEU A 223 -33.63 -2.42 -30.77
C LEU A 223 -32.20 -2.31 -31.27
N GLU A 224 -31.59 -1.13 -31.17
CA GLU A 224 -30.26 -0.93 -31.72
C GLU A 224 -29.31 -0.16 -30.80
N SER A 225 -29.74 0.28 -29.63
CA SER A 225 -28.86 0.96 -28.70
C SER A 225 -27.96 -0.03 -27.99
N LEU A 226 -26.80 0.45 -27.54
CA LEU A 226 -25.86 -0.42 -26.83
C LEU A 226 -26.36 -0.79 -25.44
N SER A 227 -27.25 0.01 -24.85
CA SER A 227 -27.80 -0.33 -23.54
C SER A 227 -28.71 -1.55 -23.61
N GLY A 228 -29.42 -1.72 -24.73
CA GLY A 228 -30.37 -2.80 -24.87
C GLY A 228 -29.80 -4.14 -25.26
N LYS A 229 -28.48 -4.27 -25.34
CA LYS A 229 -27.88 -5.54 -25.76
C LYS A 229 -28.26 -6.66 -24.80
N ASP A 230 -28.15 -6.42 -23.49
CA ASP A 230 -28.57 -7.43 -22.52
C ASP A 230 -30.06 -7.70 -22.61
N LEU A 231 -30.87 -6.65 -22.76
CA LEU A 231 -32.31 -6.84 -22.89
C LEU A 231 -32.66 -7.64 -24.13
N ARG A 232 -32.00 -7.32 -25.25
CA ARG A 232 -32.27 -8.06 -26.49
C ARG A 232 -31.86 -9.51 -26.37
N GLU A 233 -30.72 -9.78 -25.72
CA GLU A 233 -30.32 -11.17 -25.50
C GLU A 233 -31.31 -11.91 -24.62
N TYR A 234 -31.80 -11.25 -23.57
CA TYR A 234 -32.78 -11.88 -22.69
C TYR A 234 -34.05 -12.23 -23.44
N ILE A 235 -34.55 -11.29 -24.24
CA ILE A 235 -35.75 -11.54 -25.04
C ILE A 235 -35.51 -12.68 -26.01
N LYS A 236 -34.36 -12.68 -26.69
CA LYS A 236 -34.06 -13.71 -27.67
C LYS A 236 -33.99 -15.10 -27.03
N SER A 237 -33.38 -15.19 -25.85
CA SER A 237 -33.14 -16.49 -25.23
C SER A 237 -34.30 -16.98 -24.38
N ASN A 238 -35.27 -16.14 -24.04
CA ASN A 238 -36.35 -16.55 -23.16
C ASN A 238 -37.69 -16.77 -23.86
N VAL A 239 -38.06 -15.93 -24.82
CA VAL A 239 -39.36 -16.03 -25.46
C VAL A 239 -39.17 -16.16 -26.97
N ASN A 240 -40.29 -16.36 -27.66
CA ASN A 240 -40.35 -16.39 -29.11
C ASN A 240 -41.03 -15.11 -29.58
N VAL A 241 -40.30 -14.28 -30.31
CA VAL A 241 -40.86 -13.04 -30.84
C VAL A 241 -41.63 -13.38 -32.11
N GLN A 242 -42.90 -13.00 -32.15
CA GLN A 242 -43.75 -13.27 -33.30
C GLN A 242 -43.82 -12.10 -34.27
N GLU A 243 -44.08 -10.90 -33.77
CA GLU A 243 -44.30 -9.75 -34.63
C GLU A 243 -43.61 -8.53 -34.05
N ILE A 244 -42.98 -7.75 -34.93
CA ILE A 244 -42.36 -6.47 -34.58
C ILE A 244 -42.90 -5.43 -35.55
N VAL A 245 -43.64 -4.45 -35.02
CA VAL A 245 -44.13 -3.34 -35.82
C VAL A 245 -43.28 -2.13 -35.48
N ASP A 246 -42.48 -1.67 -36.43
CA ASP A 246 -41.52 -0.59 -36.23
C ASP A 246 -42.01 0.66 -36.94
N PHE A 247 -42.49 1.64 -36.16
CA PHE A 247 -42.97 2.89 -36.71
C PHE A 247 -41.85 3.90 -36.97
N LEU A 248 -40.62 3.56 -36.60
CA LEU A 248 -39.46 4.44 -36.79
C LEU A 248 -39.78 5.80 -36.16
N GLY A 249 -39.53 6.91 -36.84
CA GLY A 249 -39.74 8.24 -36.30
C GLY A 249 -41.14 8.80 -36.45
N ALA A 250 -42.11 7.99 -36.86
CA ALA A 250 -43.48 8.48 -37.01
C ALA A 250 -44.05 8.91 -35.66
N ASN A 251 -44.72 10.05 -35.66
CA ASN A 251 -45.25 10.65 -34.43
C ASN A 251 -46.49 9.88 -34.00
N ILE A 252 -46.24 8.74 -33.34
CA ILE A 252 -47.34 7.90 -32.87
C ILE A 252 -48.10 8.57 -31.74
N PHE A 253 -47.36 9.11 -30.76
CA PHE A 253 -47.96 9.76 -29.60
C PHE A 253 -47.96 11.26 -29.82
N LYS A 254 -49.15 11.88 -29.72
CA LYS A 254 -49.28 13.29 -30.00
C LYS A 254 -48.49 14.12 -28.99
N ASN A 255 -47.77 15.12 -29.51
CA ASN A 255 -47.00 16.07 -28.71
C ASN A 255 -45.91 15.40 -27.87
N ILE A 256 -45.56 14.16 -28.19
CA ILE A 256 -44.49 13.44 -27.52
C ILE A 256 -43.51 12.94 -28.56
N GLY A 257 -42.23 13.24 -28.36
CA GLY A 257 -41.20 12.84 -29.31
C GLY A 257 -40.54 11.52 -29.00
N VAL A 258 -41.30 10.43 -29.02
CA VAL A 258 -40.78 9.09 -28.74
C VAL A 258 -41.08 8.19 -29.94
N SER A 259 -40.04 7.54 -30.44
CA SER A 259 -40.19 6.58 -31.53
C SER A 259 -40.65 5.24 -30.93
N SER A 260 -41.82 4.79 -31.36
CA SER A 260 -42.48 3.66 -30.72
C SER A 260 -42.51 2.44 -31.64
N CYS A 261 -42.58 1.26 -31.03
CA CYS A 261 -42.72 0.01 -31.75
C CYS A 261 -43.55 -0.95 -30.91
N ILE A 262 -44.21 -1.88 -31.59
CA ILE A 262 -45.09 -2.86 -30.97
C ILE A 262 -44.41 -4.22 -31.00
N LEU A 263 -44.31 -4.86 -29.85
CA LEU A 263 -43.70 -6.17 -29.71
C LEU A 263 -44.74 -7.18 -29.28
N THR A 264 -44.81 -8.29 -30.01
CA THR A 264 -45.67 -9.42 -29.67
C THR A 264 -44.80 -10.67 -29.54
N PHE A 265 -44.99 -11.41 -28.45
CA PHE A 265 -44.15 -12.57 -28.18
C PHE A 265 -44.96 -13.62 -27.43
N ASP A 266 -44.45 -14.84 -27.45
CA ASP A 266 -45.13 -15.97 -26.82
C ASP A 266 -44.11 -16.95 -26.27
N LYS A 267 -44.57 -17.79 -25.36
CA LYS A 267 -43.75 -18.87 -24.80
C LYS A 267 -44.21 -20.24 -25.28
N LYS A 268 -44.88 -20.29 -26.43
CA LYS A 268 -45.35 -21.55 -27.00
C LYS A 268 -44.16 -22.38 -27.47
N LYS A 269 -44.33 -23.70 -27.44
CA LYS A 269 -43.29 -24.63 -27.90
C LYS A 269 -43.31 -24.65 -29.41
N THR A 270 -42.51 -23.79 -30.02
CA THR A 270 -42.41 -23.67 -31.47
C THR A 270 -40.98 -23.96 -31.90
N LYS A 271 -40.83 -24.60 -33.06
CA LYS A 271 -39.52 -24.99 -33.57
C LYS A 271 -38.93 -24.00 -34.58
N GLU A 272 -39.76 -23.33 -35.37
CA GLU A 272 -39.25 -22.45 -36.41
C GLU A 272 -38.94 -21.06 -35.87
N THR A 273 -39.94 -20.42 -35.24
CA THR A 273 -39.79 -19.11 -34.61
C THR A 273 -39.29 -18.05 -35.60
N TYR A 274 -40.15 -17.78 -36.59
CA TYR A 274 -39.91 -16.71 -37.55
C TYR A 274 -40.68 -15.46 -37.13
N ILE A 275 -40.03 -14.30 -37.29
CA ILE A 275 -40.59 -13.02 -36.86
C ILE A 275 -41.12 -12.29 -38.08
N ASP A 276 -42.40 -11.93 -38.05
CA ASP A 276 -42.92 -10.93 -38.96
C ASP A 276 -42.41 -9.55 -38.55
N VAL A 277 -42.01 -8.76 -39.53
CA VAL A 277 -41.55 -7.40 -39.29
C VAL A 277 -42.32 -6.49 -40.21
N PHE A 278 -43.04 -5.53 -39.62
CA PHE A 278 -43.77 -4.49 -40.35
C PHE A 278 -43.02 -3.19 -40.12
N LYS A 279 -42.18 -2.82 -41.09
CA LYS A 279 -41.35 -1.64 -41.00
C LYS A 279 -42.04 -0.50 -41.76
N ILE A 280 -42.14 0.68 -41.13
CA ILE A 280 -42.83 1.78 -41.79
C ILE A 280 -41.98 2.29 -42.95
N LYS A 281 -42.66 2.76 -43.99
CA LYS A 281 -42.03 3.39 -45.15
C LYS A 281 -42.18 4.90 -45.13
N ASN A 282 -43.40 5.39 -45.03
CA ASN A 282 -43.69 6.81 -44.95
C ASN A 282 -43.81 7.17 -43.47
N GLU A 283 -42.87 7.96 -42.97
CA GLU A 283 -42.88 8.37 -41.57
C GLU A 283 -43.73 9.61 -41.34
N ASP A 284 -44.19 10.27 -42.39
CA ASP A 284 -44.99 11.48 -42.28
C ASP A 284 -46.49 11.21 -42.24
N ILE A 285 -46.89 9.95 -42.09
CA ILE A 285 -48.30 9.62 -42.04
C ILE A 285 -48.88 9.97 -40.68
N CYS A 286 -50.19 10.18 -40.65
CA CYS A 286 -50.96 10.31 -39.42
C CYS A 286 -51.83 9.07 -39.26
N ILE A 287 -52.05 8.66 -38.01
CA ILE A 287 -52.77 7.40 -37.75
C ILE A 287 -54.25 7.76 -37.77
N ASN A 288 -54.76 7.95 -39.00
CA ASN A 288 -56.20 7.97 -39.23
C ASN A 288 -56.56 7.33 -40.56
N LYS A 289 -55.62 6.65 -41.23
CA LYS A 289 -55.87 6.18 -42.59
C LYS A 289 -57.04 5.21 -42.64
N PHE A 290 -57.12 4.31 -41.68
CA PHE A 290 -58.25 3.38 -41.57
C PHE A 290 -58.60 3.23 -40.10
N GLU A 291 -59.76 2.65 -39.85
CA GLU A 291 -60.20 2.41 -38.49
C GLU A 291 -59.35 1.35 -37.79
N THR A 292 -58.64 0.52 -38.55
CA THR A 292 -57.86 -0.58 -38.00
C THR A 292 -56.40 -0.44 -38.39
N LEU A 293 -55.51 -0.87 -37.49
CA LEU A 293 -54.08 -0.85 -37.77
C LEU A 293 -53.70 -1.90 -38.81
N GLU A 294 -54.49 -2.98 -38.95
CA GLU A 294 -54.18 -4.01 -39.93
C GLU A 294 -54.23 -3.44 -41.35
N GLU A 295 -55.21 -2.59 -41.63
CA GLU A 295 -55.30 -1.97 -42.95
C GLU A 295 -54.07 -1.10 -43.22
N LEU A 296 -53.58 -0.41 -42.18
CA LEU A 296 -52.35 0.37 -42.35
C LEU A 296 -51.16 -0.53 -42.62
N LEU A 297 -51.03 -1.63 -41.87
CA LEU A 297 -49.90 -2.53 -42.05
C LEU A 297 -49.94 -3.20 -43.43
N LYS A 298 -51.13 -3.58 -43.88
CA LYS A 298 -51.27 -4.22 -45.19
C LYS A 298 -51.09 -3.23 -46.34
N SER A 299 -51.05 -1.93 -46.07
CA SER A 299 -50.97 -0.95 -47.12
C SER A 299 -49.54 -0.82 -47.65
N SER A 300 -49.35 0.08 -48.62
CA SER A 300 -48.02 0.34 -49.14
C SER A 300 -47.20 1.26 -48.24
N LYS A 301 -47.82 1.83 -47.20
CA LYS A 301 -47.08 2.64 -46.24
C LYS A 301 -46.20 1.79 -45.33
N PHE A 302 -46.38 0.48 -45.32
CA PHE A 302 -45.56 -0.43 -44.54
C PHE A 302 -45.01 -1.52 -45.45
N GLU A 303 -43.86 -2.06 -45.08
CA GLU A 303 -43.31 -3.25 -45.73
C GLU A 303 -43.22 -4.37 -44.71
N HIS A 304 -43.40 -5.60 -45.19
CA HIS A 304 -43.36 -6.77 -44.34
C HIS A 304 -42.27 -7.72 -44.80
N PHE A 305 -41.51 -8.25 -43.84
CA PHE A 305 -40.53 -9.28 -44.15
C PHE A 305 -40.29 -10.17 -42.94
N ASN A 306 -39.77 -11.36 -43.19
CA ASN A 306 -39.59 -12.37 -42.15
C ASN A 306 -38.11 -12.47 -41.76
N ILE A 307 -37.87 -12.64 -40.47
CA ILE A 307 -36.52 -12.78 -39.92
C ILE A 307 -36.47 -14.05 -39.09
N ASN A 308 -35.41 -14.85 -39.28
CA ASN A 308 -35.22 -16.04 -38.47
C ASN A 308 -34.63 -15.63 -37.12
N GLN A 309 -35.33 -15.97 -36.04
CA GLN A 309 -34.88 -15.56 -34.72
C GLN A 309 -33.54 -16.20 -34.35
N ARG A 310 -33.35 -17.47 -34.73
CA ARG A 310 -32.10 -18.16 -34.42
C ARG A 310 -30.90 -17.48 -35.09
N LEU A 311 -31.12 -16.80 -36.21
CA LEU A 311 -30.05 -16.15 -36.95
C LEU A 311 -29.85 -14.70 -36.53
N LEU A 312 -30.55 -14.23 -35.49
CA LEU A 312 -30.41 -12.85 -35.06
C LEU A 312 -29.01 -12.57 -34.55
N SER A 313 -28.44 -11.45 -34.98
CA SER A 313 -27.19 -10.96 -34.43
C SER A 313 -27.48 -10.33 -33.07
N ASP A 314 -26.49 -9.64 -32.51
CA ASP A 314 -26.65 -8.99 -31.21
C ASP A 314 -27.12 -7.55 -31.34
N GLU A 315 -27.47 -7.10 -32.54
CA GLU A 315 -27.92 -5.72 -32.73
C GLU A 315 -29.24 -5.59 -33.48
N TRP A 316 -29.78 -6.68 -34.04
CA TRP A 316 -31.12 -6.68 -34.64
C TRP A 316 -31.21 -5.68 -35.80
N ILE A 317 -30.49 -6.00 -36.86
CA ILE A 317 -30.46 -5.15 -38.06
C ILE A 317 -31.87 -4.95 -38.60
N LEU A 318 -32.61 -6.05 -38.79
CA LEU A 318 -34.00 -6.02 -39.25
C LEU A 318 -34.14 -5.33 -40.61
N VAL A 319 -33.57 -5.99 -41.62
CA VAL A 319 -33.69 -5.55 -43.00
C VAL A 319 -34.39 -6.65 -43.80
N ASN A 320 -34.81 -6.29 -45.02
CA ASN A 320 -35.50 -7.23 -45.88
C ASN A 320 -34.51 -8.02 -46.74
N LYS A 321 -35.05 -8.85 -47.64
CA LYS A 321 -34.21 -9.79 -48.38
C LYS A 321 -33.31 -9.08 -49.38
N ASP A 322 -33.84 -8.10 -50.10
CA ASP A 322 -33.03 -7.40 -51.10
C ASP A 322 -31.88 -6.65 -50.44
N ASP A 323 -32.18 -5.94 -49.34
CA ASP A 323 -31.12 -5.24 -48.62
C ASP A 323 -30.10 -6.20 -48.05
N GLU A 324 -30.57 -7.35 -47.55
CA GLU A 324 -29.63 -8.35 -47.02
C GLU A 324 -28.71 -8.86 -48.13
N THR A 325 -29.24 -9.14 -49.32
CA THR A 325 -28.40 -9.60 -50.41
C THR A 325 -27.39 -8.53 -50.81
N PHE A 326 -27.85 -7.28 -50.90
CA PHE A 326 -26.98 -6.16 -51.25
C PHE A 326 -25.83 -6.03 -50.25
N TYR A 327 -26.16 -6.02 -48.96
CA TYR A 327 -25.16 -5.91 -47.91
C TYR A 327 -24.19 -7.09 -47.95
N ASN A 328 -24.71 -8.31 -48.13
CA ASN A 328 -23.85 -9.49 -48.14
C ASN A 328 -22.88 -9.46 -49.31
N LYS A 329 -23.36 -9.07 -50.49
CA LYS A 329 -22.47 -8.99 -51.66
C LYS A 329 -21.40 -7.94 -51.44
N ILE A 330 -21.76 -6.78 -50.90
CA ILE A 330 -20.76 -5.75 -50.65
C ILE A 330 -19.73 -6.23 -49.64
N GLN A 331 -20.20 -6.87 -48.56
CA GLN A 331 -19.28 -7.37 -47.54
C GLN A 331 -18.33 -8.43 -48.11
N GLU A 332 -18.85 -9.32 -48.94
CA GLU A 332 -18.02 -10.37 -49.53
C GLU A 332 -16.99 -9.80 -50.49
N LYS A 333 -17.37 -8.78 -51.28
CA LYS A 333 -16.49 -8.29 -52.33
C LYS A 333 -15.30 -7.50 -51.76
N CYS A 334 -15.47 -6.87 -50.60
CA CYS A 334 -14.46 -5.97 -50.06
C CYS A 334 -13.51 -6.72 -49.14
N LYS A 335 -12.21 -6.65 -49.44
CA LYS A 335 -11.19 -7.32 -48.64
C LYS A 335 -10.62 -6.46 -47.53
N TYR A 336 -10.99 -5.18 -47.47
CA TYR A 336 -10.49 -4.27 -46.44
C TYR A 336 -11.66 -3.53 -45.82
N SER A 337 -11.42 -2.98 -44.63
CA SER A 337 -12.38 -2.12 -43.95
C SER A 337 -11.69 -0.84 -43.53
N LEU A 338 -12.50 0.16 -43.18
CA LEU A 338 -11.94 1.44 -42.73
C LEU A 338 -11.09 1.26 -41.48
N GLU A 339 -11.55 0.43 -40.54
CA GLU A 339 -10.78 0.21 -39.32
C GLU A 339 -9.43 -0.44 -39.63
N ASP A 340 -9.37 -1.28 -40.65
CA ASP A 340 -8.11 -1.96 -40.98
C ASP A 340 -7.06 -0.97 -41.48
N ILE A 341 -7.47 0.05 -42.23
CA ILE A 341 -6.53 0.89 -42.96
C ILE A 341 -6.53 2.34 -42.47
N ALA A 342 -7.39 2.71 -41.54
CA ALA A 342 -7.48 4.10 -41.11
C ALA A 342 -7.47 4.19 -39.59
N ILE A 343 -7.11 5.38 -39.11
CA ILE A 343 -7.12 5.72 -37.70
C ILE A 343 -8.16 6.81 -37.49
N SER A 344 -9.09 6.57 -36.58
CA SER A 344 -10.22 7.46 -36.33
C SER A 344 -10.04 8.20 -35.01
N PHE A 345 -10.67 9.38 -34.91
CA PHE A 345 -10.68 10.11 -33.65
C PHE A 345 -11.83 11.11 -33.63
N GLN A 346 -12.17 11.50 -32.40
CA GLN A 346 -13.21 12.47 -32.07
C GLN A 346 -12.61 13.86 -31.98
N GLY A 347 -13.46 14.87 -32.20
CA GLY A 347 -13.02 16.24 -32.24
C GLY A 347 -12.70 16.80 -30.86
N ILE A 348 -12.26 18.07 -30.89
CA ILE A 348 -11.89 18.77 -29.66
C ILE A 348 -13.13 18.95 -28.79
N ILE A 349 -12.98 18.68 -27.50
CA ILE A 349 -14.03 18.96 -26.52
C ILE A 349 -13.43 19.97 -25.55
N THR A 350 -13.76 21.25 -25.75
CA THR A 350 -13.16 22.30 -24.93
C THR A 350 -13.72 22.31 -23.52
N GLY A 351 -14.98 21.90 -23.34
CA GLY A 351 -15.67 22.03 -22.08
C GLY A 351 -16.37 23.35 -21.89
N CYS A 352 -15.96 24.38 -22.62
CA CYS A 352 -16.67 25.66 -22.66
C CYS A 352 -16.33 26.31 -23.99
N ASP A 353 -17.21 26.15 -24.98
CA ASP A 353 -16.90 26.62 -26.33
C ASP A 353 -16.81 28.14 -26.39
N LYS A 354 -17.62 28.84 -25.60
CA LYS A 354 -17.65 30.30 -25.66
C LYS A 354 -16.33 30.93 -25.22
N ALA A 355 -15.52 30.22 -24.43
CA ALA A 355 -14.27 30.78 -23.95
C ALA A 355 -13.10 30.52 -24.89
N PHE A 356 -13.27 29.72 -25.94
CA PHE A 356 -12.18 29.37 -26.83
C PHE A 356 -12.48 29.56 -28.31
N ILE A 357 -13.75 29.53 -28.72
CA ILE A 357 -14.14 29.67 -30.11
C ILE A 357 -14.56 31.10 -30.37
N LEU A 358 -13.95 31.74 -31.35
CA LEU A 358 -14.26 33.12 -31.70
C LEU A 358 -14.53 33.23 -33.19
N SER A 359 -15.26 34.27 -33.56
CA SER A 359 -15.44 34.58 -34.97
C SER A 359 -14.08 34.92 -35.58
N LYS A 360 -13.83 34.43 -36.80
CA LYS A 360 -12.52 34.63 -37.41
C LYS A 360 -12.24 36.11 -37.67
N ASP A 361 -13.27 36.94 -37.68
CA ASP A 361 -13.12 38.39 -37.85
C ASP A 361 -13.22 39.16 -36.55
N ASP A 362 -13.22 38.46 -35.41
CA ASP A 362 -13.35 39.14 -34.13
C ASP A 362 -12.10 39.96 -33.82
N VAL A 363 -12.32 41.11 -33.18
CA VAL A 363 -11.22 42.00 -32.86
C VAL A 363 -10.28 41.38 -31.83
N LYS A 364 -10.84 40.60 -30.89
CA LYS A 364 -10.03 40.02 -29.84
C LYS A 364 -8.98 39.05 -30.37
N LEU A 365 -9.13 38.58 -31.61
CA LEU A 365 -8.11 37.72 -32.21
C LEU A 365 -6.80 38.46 -32.41
N ASN A 366 -6.82 39.79 -32.46
CA ASN A 366 -5.57 40.54 -32.49
C ASN A 366 -4.81 40.41 -31.18
N LEU A 367 -5.47 40.03 -30.10
CA LEU A 367 -4.83 39.83 -28.81
C LEU A 367 -4.17 38.46 -28.68
N VAL A 368 -4.37 37.57 -29.65
CA VAL A 368 -3.88 36.20 -29.59
C VAL A 368 -2.84 36.01 -30.68
N ASP A 369 -1.70 35.44 -30.32
CA ASP A 369 -0.69 35.10 -31.31
C ASP A 369 -1.23 34.06 -32.28
N ASP A 370 -0.86 34.20 -33.56
CA ASP A 370 -1.40 33.32 -34.58
C ASP A 370 -0.94 31.88 -34.41
N LYS A 371 0.12 31.63 -33.63
CA LYS A 371 0.52 30.27 -33.36
C LYS A 371 -0.50 29.54 -32.48
N PHE A 372 -1.25 30.29 -31.67
CA PHE A 372 -2.29 29.72 -30.81
C PHE A 372 -3.62 29.55 -31.52
N LEU A 373 -3.79 30.12 -32.71
CA LEU A 373 -5.07 30.11 -33.40
C LEU A 373 -5.11 28.97 -34.41
N LYS A 374 -6.21 28.23 -34.41
CA LYS A 374 -6.45 27.15 -35.36
C LYS A 374 -7.80 27.37 -36.02
N CYS A 375 -7.97 26.82 -37.22
CA CYS A 375 -9.24 26.92 -37.93
C CYS A 375 -10.27 25.99 -37.32
N TRP A 376 -11.52 26.45 -37.26
CA TRP A 376 -12.58 25.75 -36.55
C TRP A 376 -13.79 25.62 -37.47
N ILE A 377 -14.34 24.40 -37.56
CA ILE A 377 -15.48 24.13 -38.44
C ILE A 377 -16.57 23.43 -37.63
N LYS A 378 -17.78 23.51 -38.15
CA LYS A 378 -18.94 22.84 -37.57
C LYS A 378 -19.40 21.74 -38.51
N SER A 379 -20.48 21.07 -38.12
CA SER A 379 -21.05 20.02 -38.97
C SER A 379 -21.58 20.60 -40.27
N LYS A 380 -22.17 21.80 -40.21
CA LYS A 380 -22.71 22.42 -41.42
C LYS A 380 -21.61 22.78 -42.41
N ASN A 381 -20.38 22.98 -41.92
CA ASN A 381 -19.27 23.27 -42.81
C ASN A 381 -18.90 22.07 -43.67
N ILE A 382 -19.30 20.87 -43.28
CA ILE A 382 -18.94 19.65 -44.00
C ILE A 382 -19.94 19.42 -45.11
N ASN A 383 -19.46 19.36 -46.33
CA ASN A 383 -20.24 18.98 -47.51
C ASN A 383 -19.61 17.74 -48.12
N LYS A 384 -20.19 17.28 -49.23
CA LYS A 384 -19.61 16.15 -49.93
C LYS A 384 -18.30 16.56 -50.59
N TYR A 385 -17.22 15.85 -50.25
CA TYR A 385 -15.88 15.89 -50.81
C TYR A 385 -15.06 17.10 -50.37
N ILE A 386 -15.65 18.13 -49.75
CA ILE A 386 -14.90 19.33 -49.38
C ILE A 386 -15.50 19.92 -48.12
N VAL A 387 -14.73 20.81 -47.49
CA VAL A 387 -15.11 21.47 -46.24
C VAL A 387 -15.22 22.96 -46.52
N ASP A 388 -16.29 23.58 -46.01
CA ASP A 388 -16.47 25.01 -46.18
C ASP A 388 -15.35 25.77 -45.47
N LYS A 389 -15.08 26.98 -45.95
CA LYS A 389 -14.03 27.80 -45.37
C LYS A 389 -14.35 28.09 -43.90
N SER A 390 -13.35 27.90 -43.05
CA SER A 390 -13.55 28.09 -41.61
C SER A 390 -13.88 29.54 -41.31
N GLU A 391 -15.03 29.76 -40.68
CA GLU A 391 -15.45 31.08 -40.24
C GLU A 391 -15.11 31.33 -38.77
N TYR A 392 -14.54 30.36 -38.09
CA TYR A 392 -14.26 30.46 -36.67
C TYR A 392 -12.81 30.05 -36.38
N ARG A 393 -12.29 30.58 -35.27
CA ARG A 393 -10.95 30.27 -34.80
C ARG A 393 -11.00 29.72 -33.39
N LEU A 394 -10.18 28.71 -33.14
CA LEU A 394 -10.03 28.07 -31.83
C LEU A 394 -8.70 28.49 -31.22
N ILE A 395 -8.75 28.97 -29.98
CA ILE A 395 -7.55 29.33 -29.23
C ILE A 395 -7.06 28.06 -28.56
N TYR A 396 -6.01 27.45 -29.11
CA TYR A 396 -5.43 26.23 -28.55
C TYR A 396 -4.65 26.62 -27.30
N SER A 397 -5.38 26.84 -26.21
CA SER A 397 -4.80 27.35 -24.98
C SER A 397 -3.85 26.36 -24.30
N ASN A 398 -3.87 25.09 -24.69
CA ASN A 398 -2.94 24.13 -24.11
C ASN A 398 -1.49 24.46 -24.41
N ASP A 399 -1.23 25.23 -25.47
CA ASP A 399 0.12 25.65 -25.81
C ASP A 399 0.57 26.88 -25.01
N ILE A 400 -0.30 27.47 -24.21
CA ILE A 400 0.09 28.56 -23.31
C ILE A 400 0.73 27.95 -22.07
N ASP A 401 2.00 28.28 -21.83
CA ASP A 401 2.75 27.65 -20.76
C ASP A 401 2.45 28.29 -19.41
N ASN A 402 2.77 29.58 -19.26
CA ASN A 402 2.56 30.29 -18.02
C ASN A 402 1.54 31.40 -18.21
N GLU A 403 0.94 31.82 -17.09
CA GLU A 403 -0.11 32.83 -17.12
C GLU A 403 0.42 34.25 -17.16
N ASN A 404 1.71 34.46 -16.81
CA ASN A 404 2.25 35.81 -16.75
C ASN A 404 2.53 36.38 -18.13
N THR A 405 3.05 35.55 -19.05
CA THR A 405 3.43 36.04 -20.37
C THR A 405 2.23 36.39 -21.22
N ASN A 406 1.21 35.53 -21.24
CA ASN A 406 0.00 35.74 -22.02
C ASN A 406 -1.17 36.20 -21.15
N LYS A 407 -0.88 37.07 -20.17
CA LYS A 407 -1.91 37.49 -19.23
C LYS A 407 -3.06 38.19 -19.92
N ARG A 408 -2.80 38.87 -21.05
CA ARG A 408 -3.86 39.57 -21.75
C ARG A 408 -4.93 38.60 -22.25
N ILE A 409 -4.49 37.48 -22.85
CA ILE A 409 -5.45 36.50 -23.37
C ILE A 409 -6.27 35.90 -22.24
N LEU A 410 -5.61 35.53 -21.14
CA LEU A 410 -6.32 34.89 -20.05
C LEU A 410 -7.28 35.85 -19.36
N ASP A 411 -6.86 37.09 -19.14
CA ASP A 411 -7.70 38.02 -18.39
C ASP A 411 -8.84 38.58 -19.24
N GLU A 412 -8.63 38.79 -20.54
CA GLU A 412 -9.59 39.52 -21.37
C GLU A 412 -10.36 38.65 -22.35
N ILE A 413 -10.02 37.37 -22.49
CA ILE A 413 -10.74 36.50 -23.42
C ILE A 413 -11.27 35.27 -22.68
N ILE A 414 -10.36 34.49 -22.12
CA ILE A 414 -10.75 33.22 -21.51
C ILE A 414 -11.29 33.42 -20.10
N GLY A 415 -10.81 34.44 -19.38
CA GLY A 415 -11.22 34.64 -18.00
C GLY A 415 -12.68 35.02 -17.83
N LEU A 416 -13.34 35.50 -18.89
CA LEU A 416 -14.75 35.86 -18.81
C LEU A 416 -15.62 34.68 -18.40
N TYR A 417 -15.14 33.46 -18.61
CA TYR A 417 -15.85 32.25 -18.21
C TYR A 417 -15.05 31.44 -17.20
N LYS A 418 -14.06 32.06 -16.56
CA LYS A 418 -13.12 31.32 -15.71
C LYS A 418 -13.83 30.49 -14.66
N THR A 419 -14.80 31.09 -13.96
CA THR A 419 -15.57 30.37 -12.95
C THR A 419 -16.17 29.10 -13.53
N LYS A 420 -16.86 29.21 -14.67
CA LYS A 420 -17.39 28.02 -15.33
C LYS A 420 -16.27 27.05 -15.68
N LEU A 421 -15.16 27.57 -16.20
CA LEU A 421 -14.03 26.71 -16.53
C LEU A 421 -13.49 25.99 -15.30
N GLU A 422 -13.66 26.59 -14.12
CA GLU A 422 -13.18 25.96 -12.90
C GLU A 422 -14.10 24.86 -12.40
N ASN A 423 -15.31 24.74 -12.94
CA ASN A 423 -16.22 23.70 -12.50
C ASN A 423 -16.10 22.42 -13.31
N ARG A 424 -15.21 22.38 -14.30
CA ARG A 424 -15.00 21.16 -15.06
C ARG A 424 -14.32 20.10 -14.19
N ARG A 425 -14.54 18.84 -14.55
CA ARG A 425 -14.09 17.73 -13.72
C ARG A 425 -12.56 17.71 -13.58
N GLU A 426 -11.85 17.88 -14.70
CA GLU A 426 -10.39 17.79 -14.65
C GLU A 426 -9.76 19.00 -13.97
N CYS A 427 -10.43 20.16 -14.02
CA CYS A 427 -9.95 21.32 -13.28
C CYS A 427 -10.11 21.10 -11.78
N LYS A 428 -11.23 20.50 -11.35
CA LYS A 428 -11.39 20.16 -9.94
C LYS A 428 -10.37 19.12 -9.49
N SER A 429 -10.13 18.11 -10.32
CA SER A 429 -9.18 17.07 -9.96
C SER A 429 -7.73 17.54 -10.00
N GLY A 430 -7.47 18.68 -10.66
CA GLY A 430 -6.12 19.20 -10.79
C GLY A 430 -5.37 18.74 -12.02
N ILE A 431 -5.97 17.91 -12.87
CA ILE A 431 -5.29 17.46 -14.07
C ILE A 431 -5.17 18.60 -15.08
N ARG A 432 -6.23 19.38 -15.25
CA ARG A 432 -6.30 20.41 -16.27
C ARG A 432 -6.22 21.79 -15.61
N LYS A 433 -5.40 22.67 -16.17
CA LYS A 433 -5.42 24.06 -15.77
C LYS A 433 -6.74 24.71 -16.17
N TRP A 434 -7.12 25.77 -15.44
CA TRP A 434 -8.43 26.38 -15.64
C TRP A 434 -8.58 26.96 -17.04
N TYR A 435 -7.48 27.46 -17.63
CA TYR A 435 -7.55 28.07 -18.95
C TYR A 435 -7.31 27.08 -20.08
N GLU A 436 -6.93 25.84 -19.78
CA GLU A 436 -6.63 24.87 -20.83
C GLU A 436 -7.91 24.24 -21.38
N LEU A 437 -7.79 23.64 -22.56
CA LEU A 437 -8.89 22.87 -23.12
C LEU A 437 -9.09 21.59 -22.32
N GLN A 438 -10.36 21.26 -22.04
CA GLN A 438 -10.64 20.07 -21.25
C GLN A 438 -10.18 18.81 -21.96
N TRP A 439 -10.53 18.67 -23.24
CA TRP A 439 -10.09 17.55 -24.07
C TRP A 439 -9.55 18.13 -25.37
N GLY A 440 -8.28 18.52 -25.36
CA GLY A 440 -7.64 19.10 -26.51
C GLY A 440 -7.05 18.11 -27.48
N ARG A 441 -7.24 16.81 -27.23
CA ARG A 441 -6.79 15.76 -28.14
C ARG A 441 -5.31 15.92 -28.48
N GLU A 442 -4.95 15.58 -29.72
CA GLU A 442 -3.57 15.67 -30.18
C GLU A 442 -3.51 16.69 -31.31
N LYS A 443 -2.55 17.62 -31.21
CA LYS A 443 -2.45 18.70 -32.18
C LYS A 443 -2.18 18.14 -33.57
N LEU A 444 -1.27 17.16 -33.68
CA LEU A 444 -0.86 16.64 -34.98
C LEU A 444 -1.94 15.84 -35.67
N PHE A 445 -2.89 15.27 -34.93
CA PHE A 445 -3.96 14.52 -35.57
C PHE A 445 -4.77 15.42 -36.48
N PHE A 446 -5.13 16.61 -36.00
CA PHE A 446 -5.94 17.52 -36.80
C PHE A 446 -5.13 18.21 -37.89
N GLU A 447 -3.86 18.51 -37.62
CA GLU A 447 -3.03 19.29 -38.55
C GLU A 447 -2.37 18.35 -39.56
N ARG A 448 -3.23 17.76 -40.40
CA ARG A 448 -2.76 16.91 -41.48
C ARG A 448 -3.90 16.73 -42.48
N LYS A 449 -3.56 16.11 -43.62
CA LYS A 449 -4.59 15.71 -44.57
C LYS A 449 -5.39 14.56 -43.99
N LYS A 450 -6.72 14.68 -44.04
CA LYS A 450 -7.59 13.73 -43.35
C LYS A 450 -8.98 13.82 -43.96
N ILE A 451 -9.87 12.95 -43.50
CA ILE A 451 -11.26 12.93 -43.93
C ILE A 451 -12.14 13.20 -42.72
N MET A 452 -13.05 14.15 -42.87
CA MET A 452 -13.95 14.55 -41.80
C MET A 452 -15.40 14.31 -42.21
N TYR A 453 -16.24 14.02 -41.21
CA TYR A 453 -17.65 13.81 -41.49
C TYR A 453 -18.50 14.15 -40.27
N PRO A 454 -19.70 14.69 -40.48
CA PRO A 454 -20.58 14.98 -39.34
C PRO A 454 -21.04 13.70 -38.67
N TYR A 455 -21.35 13.81 -37.37
CA TYR A 455 -21.74 12.64 -36.62
C TYR A 455 -23.23 12.33 -36.72
N LYS A 456 -24.03 13.24 -37.27
CA LYS A 456 -25.46 13.02 -37.49
C LYS A 456 -25.86 13.71 -38.79
N SER A 457 -26.27 12.91 -39.78
CA SER A 457 -26.58 13.45 -41.10
C SER A 457 -27.62 12.59 -41.78
N ASN A 458 -28.25 13.16 -42.80
CA ASN A 458 -29.24 12.45 -43.61
C ASN A 458 -28.62 11.71 -44.80
N GLU A 459 -27.32 11.86 -45.03
CA GLU A 459 -26.64 11.19 -46.13
C GLU A 459 -25.16 11.12 -45.82
N ASN A 460 -24.46 10.27 -46.55
CA ASN A 460 -23.00 10.18 -46.41
C ASN A 460 -22.38 11.50 -46.84
N ARG A 461 -21.67 12.15 -45.92
CA ARG A 461 -20.96 13.40 -46.20
C ARG A 461 -19.54 13.28 -45.67
N PHE A 462 -18.66 12.70 -46.49
CA PHE A 462 -17.25 12.56 -46.15
C PHE A 462 -16.45 13.54 -47.00
N ALA A 463 -15.65 14.38 -46.35
CA ALA A 463 -14.91 15.43 -47.03
C ALA A 463 -13.43 15.31 -46.73
N ILE A 464 -12.61 15.71 -47.70
CA ILE A 464 -11.17 15.81 -47.50
C ILE A 464 -10.86 17.18 -46.94
N ASP A 465 -10.15 17.22 -45.82
CA ASP A 465 -9.77 18.48 -45.19
C ASP A 465 -8.35 18.83 -45.64
N TYR A 466 -8.23 19.83 -46.50
CA TYR A 466 -6.93 20.30 -46.95
C TYR A 466 -6.40 21.46 -46.11
N ASP A 467 -7.16 21.94 -45.13
CA ASP A 467 -6.85 23.18 -44.44
C ASP A 467 -6.52 22.98 -42.96
N ASN A 468 -6.22 21.76 -42.54
CA ASN A 468 -5.87 21.47 -41.16
C ASN A 468 -6.92 22.00 -40.19
N ASN A 469 -8.18 21.71 -40.50
CA ASN A 469 -9.29 22.22 -39.71
C ASN A 469 -9.43 21.46 -38.40
N PHE A 470 -9.78 22.18 -37.34
CA PHE A 470 -10.19 21.59 -36.08
C PHE A 470 -11.72 21.61 -35.98
N SER A 471 -12.26 20.72 -35.15
CA SER A 471 -13.70 20.58 -35.04
C SER A 471 -14.06 20.14 -33.62
N SER A 472 -15.32 20.38 -33.27
CA SER A 472 -15.87 19.92 -31.99
C SER A 472 -16.18 18.42 -32.11
N ALA A 473 -16.86 17.87 -31.10
CA ALA A 473 -17.23 16.46 -31.15
C ALA A 473 -18.33 16.17 -32.16
N ASP A 474 -18.94 17.19 -32.75
CA ASP A 474 -19.98 16.98 -33.75
C ASP A 474 -19.41 16.57 -35.11
N VAL A 475 -18.09 16.58 -35.28
CA VAL A 475 -17.43 16.13 -36.50
C VAL A 475 -16.36 15.13 -36.13
N TYR A 476 -16.40 13.94 -36.73
CA TYR A 476 -15.38 12.94 -36.52
C TYR A 476 -14.38 12.97 -37.67
N SER A 477 -13.17 12.47 -37.41
CA SER A 477 -12.12 12.51 -38.41
C SER A 477 -11.40 11.17 -38.46
N PHE A 478 -10.78 10.90 -39.61
CA PHE A 478 -9.86 9.77 -39.69
C PHE A 478 -8.81 10.05 -40.76
N PHE A 479 -7.68 9.37 -40.63
CA PHE A 479 -6.61 9.47 -41.62
C PHE A 479 -6.09 8.09 -41.98
N ILE A 480 -5.62 7.97 -43.21
CA ILE A 480 -5.15 6.69 -43.72
C ILE A 480 -3.84 6.30 -43.02
N LYS A 481 -3.73 5.03 -42.67
CA LYS A 481 -2.50 4.54 -42.05
C LYS A 481 -1.35 4.61 -43.04
N GLU A 482 -0.14 4.70 -42.51
CA GLU A 482 1.04 4.92 -43.34
C GLU A 482 1.26 3.76 -44.31
N GLU A 483 1.06 2.52 -43.85
CA GLU A 483 1.31 1.37 -44.70
C GLU A 483 0.23 1.18 -45.76
N TYR A 484 -0.93 1.81 -45.61
CA TYR A 484 -1.99 1.73 -46.61
C TYR A 484 -2.08 2.97 -47.48
N LEU A 485 -1.13 3.89 -47.36
CA LEU A 485 -1.17 5.11 -48.17
C LEU A 485 -0.99 4.79 -49.66
N ASP A 486 -0.11 3.85 -49.98
CA ASP A 486 0.10 3.50 -51.39
C ASP A 486 -1.09 2.74 -51.97
N LYS A 487 -1.79 1.95 -51.15
CA LYS A 487 -2.95 1.21 -51.64
C LYS A 487 -4.18 2.11 -51.79
N PHE A 488 -4.41 3.01 -50.85
CA PHE A 488 -5.63 3.82 -50.83
C PHE A 488 -5.29 5.30 -50.74
N SER A 489 -6.08 6.11 -51.43
CA SER A 489 -5.93 7.56 -51.44
C SER A 489 -7.20 8.22 -50.92
N TYR A 490 -7.04 9.44 -50.39
CA TYR A 490 -8.19 10.15 -49.83
C TYR A 490 -9.24 10.43 -50.88
N GLU A 491 -8.80 10.79 -52.10
CA GLU A 491 -9.75 11.11 -53.16
C GLU A 491 -10.61 9.89 -53.52
N TYR A 492 -9.96 8.73 -53.67
CA TYR A 492 -10.71 7.51 -53.96
C TYR A 492 -11.65 7.15 -52.82
N LEU A 493 -11.19 7.30 -51.58
CA LEU A 493 -12.03 6.98 -50.43
C LEU A 493 -13.27 7.84 -50.39
N VAL A 494 -13.11 9.16 -50.57
CA VAL A 494 -14.31 10.00 -50.54
C VAL A 494 -15.16 9.77 -51.78
N GLY A 495 -14.56 9.35 -52.89
CA GLY A 495 -15.34 9.04 -54.07
C GLY A 495 -16.27 7.87 -53.85
N ILE A 496 -15.75 6.78 -53.26
CA ILE A 496 -16.62 5.63 -53.07
C ILE A 496 -17.54 5.84 -51.86
N LEU A 497 -17.07 6.54 -50.82
CA LEU A 497 -17.87 6.70 -49.60
C LEU A 497 -19.06 7.62 -49.81
N ASN A 498 -18.93 8.63 -50.65
CA ASN A 498 -20.02 9.55 -50.93
C ASN A 498 -20.94 9.03 -52.03
N SER A 499 -20.66 7.87 -52.60
CA SER A 499 -21.50 7.33 -53.66
C SER A 499 -22.83 6.86 -53.09
N SER A 500 -23.83 6.82 -53.98
CA SER A 500 -25.15 6.34 -53.57
C SER A 500 -25.08 4.88 -53.12
N VAL A 501 -24.21 4.09 -53.76
CA VAL A 501 -24.05 2.70 -53.38
C VAL A 501 -23.64 2.60 -51.92
N TYR A 502 -22.60 3.35 -51.53
CA TYR A 502 -22.15 3.29 -50.14
C TYR A 502 -23.11 3.99 -49.19
N ASP A 503 -23.88 4.95 -49.68
CA ASP A 503 -24.92 5.56 -48.84
C ASP A 503 -25.96 4.51 -48.44
N LYS A 504 -26.46 3.76 -49.41
CA LYS A 504 -27.38 2.67 -49.10
C LYS A 504 -26.71 1.60 -48.24
N TYR A 505 -25.47 1.27 -48.55
CA TYR A 505 -24.75 0.22 -47.83
C TYR A 505 -24.59 0.59 -46.36
N PHE A 506 -24.26 1.85 -46.06
CA PHE A 506 -24.16 2.27 -44.67
C PHE A 506 -25.52 2.34 -44.01
N LYS A 507 -26.50 2.92 -44.69
CA LYS A 507 -27.81 3.10 -44.07
C LYS A 507 -28.52 1.78 -43.78
N ILE A 508 -28.10 0.68 -44.43
CA ILE A 508 -28.71 -0.61 -44.15
C ILE A 508 -28.55 -0.98 -42.68
N THR A 509 -27.33 -0.85 -42.14
CA THR A 509 -27.05 -1.20 -40.76
C THR A 509 -26.89 0.03 -39.86
N ALA A 510 -27.12 1.22 -40.39
CA ALA A 510 -26.90 2.43 -39.62
C ALA A 510 -27.92 2.56 -38.49
N LYS A 511 -27.54 3.27 -37.44
CA LYS A 511 -28.39 3.48 -36.28
C LYS A 511 -29.23 4.73 -36.50
N LYS A 512 -30.55 4.58 -36.47
CA LYS A 512 -31.47 5.67 -36.72
C LYS A 512 -31.95 6.22 -35.37
N MET A 513 -31.63 7.48 -35.09
CA MET A 513 -32.03 8.11 -33.84
C MET A 513 -33.11 9.17 -34.00
N SER A 514 -33.31 9.67 -35.21
CA SER A 514 -34.36 10.65 -35.50
C SER A 514 -34.89 10.39 -36.89
N LYS A 515 -35.99 11.05 -37.23
CA LYS A 515 -36.59 10.89 -38.54
C LYS A 515 -35.69 11.50 -39.61
N ASN A 516 -35.30 10.67 -40.59
CA ASN A 516 -34.43 11.07 -41.69
C ASN A 516 -33.04 11.51 -41.24
N ILE A 517 -32.61 11.09 -40.05
CA ILE A 517 -31.29 11.43 -39.52
C ILE A 517 -30.65 10.17 -38.98
N TYR A 518 -29.46 9.85 -39.49
CA TYR A 518 -28.70 8.69 -39.05
C TYR A 518 -27.52 9.12 -38.19
N ASP A 519 -27.00 8.19 -37.41
CA ASP A 519 -25.84 8.43 -36.57
C ASP A 519 -24.60 7.95 -37.32
N TYR A 520 -23.69 8.86 -37.58
CA TYR A 520 -22.40 8.54 -38.20
C TYR A 520 -21.33 8.58 -37.11
N TYR A 521 -21.15 7.46 -36.40
CA TYR A 521 -20.19 7.38 -35.31
C TYR A 521 -19.08 6.39 -35.66
N PRO A 522 -17.88 6.55 -35.07
CA PRO A 522 -16.77 5.68 -35.47
C PRO A 522 -17.07 4.19 -35.33
N ASN A 523 -17.85 3.80 -34.33
CA ASN A 523 -18.17 2.39 -34.14
C ASN A 523 -18.89 1.80 -35.35
N LYS A 524 -19.80 2.56 -35.98
CA LYS A 524 -20.48 2.10 -37.18
C LYS A 524 -19.76 2.51 -38.48
N VAL A 525 -19.13 3.69 -38.51
CA VAL A 525 -18.47 4.14 -39.74
C VAL A 525 -17.23 3.30 -40.02
N MET A 526 -16.41 3.06 -39.00
CA MET A 526 -15.17 2.33 -39.25
C MET A 526 -15.38 0.88 -39.61
N LYS A 527 -16.60 0.34 -39.42
CA LYS A 527 -16.90 -1.01 -39.86
C LYS A 527 -17.11 -1.10 -41.37
N ILE A 528 -17.24 0.03 -42.06
CA ILE A 528 -17.51 0.03 -43.49
C ILE A 528 -16.38 -0.67 -44.22
N ARG A 529 -16.72 -1.62 -45.08
CA ARG A 529 -15.75 -2.34 -45.86
C ARG A 529 -15.55 -1.64 -47.21
N ILE A 530 -14.31 -1.65 -47.69
CA ILE A 530 -13.94 -0.95 -48.92
C ILE A 530 -13.12 -1.89 -49.80
N PHE A 531 -13.23 -1.68 -51.10
CA PHE A 531 -12.61 -2.55 -52.10
C PHE A 531 -11.50 -1.83 -52.85
N ARG A 532 -10.82 -2.59 -53.71
CA ARG A 532 -9.75 -2.05 -54.53
C ARG A 532 -9.56 -2.99 -55.69
N ASP A 533 -9.88 -2.53 -56.90
CA ASP A 533 -9.86 -3.40 -58.06
C ASP A 533 -9.46 -2.58 -59.29
N ASN A 534 -9.67 -3.14 -60.48
CA ASN A 534 -9.25 -2.51 -61.72
C ASN A 534 -9.96 -1.18 -61.98
N ASN A 535 -11.09 -0.92 -61.31
CA ASN A 535 -11.79 0.34 -61.46
C ASN A 535 -11.22 1.45 -60.59
N TYR A 536 -10.14 1.18 -59.85
CA TYR A 536 -9.63 2.13 -58.86
C TYR A 536 -9.22 3.45 -59.51
N GLU A 537 -8.46 3.39 -60.60
CA GLU A 537 -7.92 4.60 -61.19
C GLU A 537 -9.01 5.51 -61.72
N GLU A 538 -10.01 4.93 -62.41
CA GLU A 538 -11.08 5.76 -62.96
C GLU A 538 -11.92 6.38 -61.85
N ILE A 539 -12.17 5.63 -60.77
CA ILE A 539 -12.92 6.18 -59.64
C ILE A 539 -12.16 7.33 -59.00
N GLU A 540 -10.85 7.16 -58.81
CA GLU A 540 -10.05 8.22 -58.21
C GLU A 540 -10.03 9.45 -59.12
N ASN A 541 -9.93 9.24 -60.43
CA ASN A 541 -9.91 10.37 -61.36
C ASN A 541 -11.25 11.12 -61.34
N LEU A 542 -12.36 10.40 -61.31
CA LEU A 542 -13.67 11.05 -61.23
C LEU A 542 -13.80 11.82 -59.92
N SER A 543 -13.31 11.24 -58.82
CA SER A 543 -13.34 11.94 -57.54
C SER A 543 -12.51 13.22 -57.61
N LYS A 544 -11.34 13.16 -58.23
CA LYS A 544 -10.51 14.35 -58.36
C LYS A 544 -11.18 15.41 -59.23
N GLN A 545 -11.88 14.98 -60.27
CA GLN A 545 -12.64 15.93 -61.10
C GLN A 545 -13.72 16.62 -60.27
N ILE A 546 -14.43 15.84 -59.45
CA ILE A 546 -15.45 16.43 -58.59
C ILE A 546 -14.83 17.43 -57.62
N ILE A 547 -13.68 17.07 -57.04
CA ILE A 547 -13.00 17.98 -56.12
C ILE A 547 -12.63 19.27 -56.82
N SER A 548 -12.05 19.16 -58.02
CA SER A 548 -11.63 20.34 -58.76
C SER A 548 -12.83 21.24 -59.07
N ILE A 549 -13.95 20.65 -59.49
CA ILE A 549 -15.14 21.45 -59.78
C ILE A 549 -15.64 22.12 -58.52
N LEU A 550 -15.68 21.39 -57.40
CA LEU A 550 -16.19 21.96 -56.16
C LEU A 550 -15.32 23.12 -55.68
N LEU A 551 -14.00 23.00 -55.82
CA LEU A 551 -13.11 24.02 -55.26
C LEU A 551 -13.11 25.30 -56.08
N ASN A 552 -13.26 25.21 -57.40
CA ASN A 552 -13.24 26.40 -58.23
C ASN A 552 -14.40 27.32 -57.89
N LYS A 553 -14.10 28.62 -57.72
CA LYS A 553 -15.07 29.57 -57.19
C LYS A 553 -16.27 29.71 -58.11
N SER A 554 -16.03 29.88 -59.41
CA SER A 554 -17.14 29.96 -60.35
C SER A 554 -17.86 28.62 -60.39
N ILE A 555 -19.18 28.66 -60.17
CA ILE A 555 -19.94 27.43 -59.96
C ILE A 555 -20.36 26.84 -61.30
N ASP A 556 -20.07 25.56 -61.48
CA ASP A 556 -20.67 24.73 -62.53
C ASP A 556 -20.99 23.37 -61.96
N LYS A 557 -21.56 23.37 -60.75
CA LYS A 557 -21.67 22.17 -59.93
C LYS A 557 -22.54 21.10 -60.56
N GLY A 558 -23.39 21.47 -61.52
CA GLY A 558 -24.28 20.48 -62.12
C GLY A 558 -23.54 19.29 -62.70
N LYS A 559 -22.42 19.55 -63.40
CA LYS A 559 -21.65 18.46 -63.98
C LYS A 559 -21.22 17.44 -62.93
N VAL A 560 -21.04 17.88 -61.69
CA VAL A 560 -20.66 16.96 -60.62
C VAL A 560 -21.65 15.80 -60.57
N GLU A 561 -22.94 16.13 -60.62
CA GLU A 561 -23.97 15.10 -60.62
C GLU A 561 -23.69 14.06 -61.70
N LYS A 562 -23.46 14.53 -62.93
CA LYS A 562 -23.15 13.60 -64.02
C LYS A 562 -21.94 12.75 -63.67
N LEU A 563 -20.86 13.39 -63.22
CA LEU A 563 -19.67 12.64 -62.83
C LEU A 563 -20.03 11.61 -61.77
N GLN A 564 -20.79 12.04 -60.76
CA GLN A 564 -21.19 11.14 -59.69
C GLN A 564 -21.85 9.90 -60.28
N ILE A 565 -22.78 10.10 -61.23
CA ILE A 565 -23.50 8.99 -61.82
C ILE A 565 -22.52 7.99 -62.40
N LYS A 566 -21.56 8.48 -63.21
CA LYS A 566 -20.60 7.57 -63.83
C LYS A 566 -19.86 6.79 -62.75
N MET A 567 -19.40 7.48 -61.71
CA MET A 567 -18.67 6.79 -60.66
C MET A 567 -19.52 5.68 -60.06
N ASP A 568 -20.79 5.97 -59.78
CA ASP A 568 -21.65 4.95 -59.21
C ASP A 568 -21.67 3.71 -60.08
N ASN A 569 -21.80 3.90 -61.41
CA ASN A 569 -21.78 2.77 -62.32
C ASN A 569 -20.54 1.91 -62.09
N LEU A 570 -19.36 2.55 -62.08
CA LEU A 570 -18.12 1.81 -61.87
C LEU A 570 -18.20 1.00 -60.59
N ILE A 571 -18.68 1.63 -59.52
CA ILE A 571 -18.74 0.94 -58.23
C ILE A 571 -19.63 -0.29 -58.33
N MET A 572 -20.78 -0.15 -58.99
CA MET A 572 -21.65 -1.31 -59.17
C MET A 572 -20.95 -2.38 -59.98
N ASP A 573 -20.23 -1.98 -61.03
CA ASP A 573 -19.47 -2.94 -61.80
C ASP A 573 -18.45 -3.66 -60.93
N SER A 574 -17.90 -2.97 -59.92
CA SER A 574 -16.97 -3.61 -59.02
C SER A 574 -17.65 -4.62 -58.12
N LEU A 575 -18.89 -4.34 -57.72
CA LEU A 575 -19.58 -5.15 -56.72
C LEU A 575 -20.56 -6.14 -57.31
N GLY A 576 -20.74 -6.13 -58.63
CA GLY A 576 -21.69 -7.03 -59.26
C GLY A 576 -23.12 -6.82 -58.79
N ILE A 577 -23.54 -5.57 -58.68
CA ILE A 577 -24.87 -5.25 -58.18
C ILE A 577 -25.67 -4.49 -59.23
N SER B 27 8.53 3.68 15.01
CA SER B 27 8.93 4.83 15.81
C SER B 27 8.64 6.13 15.07
N GLY B 28 8.72 7.25 15.78
CA GLY B 28 8.48 8.54 15.18
C GLY B 28 9.46 9.60 15.64
N ILE B 29 10.41 9.21 16.48
CA ILE B 29 11.40 10.12 17.04
C ILE B 29 12.75 9.83 16.38
N TYR B 30 13.37 10.87 15.83
CA TYR B 30 14.66 10.77 15.17
C TYR B 30 15.65 11.68 15.87
N TYR B 31 16.89 11.20 16.02
CA TYR B 31 17.91 11.91 16.78
C TYR B 31 18.71 12.81 15.86
N THR B 32 18.55 14.12 16.02
CA THR B 32 19.36 15.11 15.34
C THR B 32 20.75 15.17 15.97
N PRO B 33 21.81 15.19 15.17
CA PRO B 33 23.16 15.30 15.73
C PRO B 33 23.31 16.57 16.55
N LYS B 34 24.10 16.47 17.62
CA LYS B 34 24.22 17.58 18.56
C LYS B 34 24.78 18.83 17.89
N ILE B 35 25.73 18.65 16.97
CA ILE B 35 26.35 19.79 16.32
C ILE B 35 25.33 20.55 15.48
N ILE B 36 24.43 19.82 14.82
CA ILE B 36 23.37 20.47 14.05
C ILE B 36 22.44 21.26 14.97
N VAL B 37 22.06 20.66 16.10
CA VAL B 37 21.17 21.33 17.04
C VAL B 37 21.82 22.61 17.56
N ASP B 38 23.09 22.52 17.95
CA ASP B 38 23.81 23.69 18.44
C ASP B 38 23.90 24.77 17.38
N TYR B 39 24.17 24.38 16.14
CA TYR B 39 24.25 25.35 15.05
C TYR B 39 22.92 26.07 14.86
N ILE B 40 21.83 25.31 14.85
CA ILE B 40 20.52 25.93 14.63
C ILE B 40 20.18 26.89 15.77
N VAL B 41 20.42 26.45 17.01
CA VAL B 41 20.06 27.29 18.16
C VAL B 41 20.89 28.57 18.16
N LYS B 42 22.20 28.45 17.91
CA LYS B 42 23.04 29.65 17.82
C LYS B 42 22.59 30.55 16.68
N LYS B 43 22.28 29.97 15.52
CA LYS B 43 21.84 30.77 14.39
C LYS B 43 20.59 31.55 14.71
N THR B 44 19.72 31.00 15.57
CA THR B 44 18.50 31.72 15.91
C THR B 44 18.68 32.71 17.04
N LEU B 45 19.60 32.46 17.98
CA LEU B 45 19.65 33.25 19.21
C LEU B 45 20.96 34.00 19.45
N LYS B 46 21.91 33.98 18.51
CA LYS B 46 23.22 34.56 18.81
C LYS B 46 23.18 36.08 18.90
N ASN B 47 22.23 36.74 18.25
CA ASN B 47 22.20 38.19 18.20
C ASN B 47 20.92 38.77 18.83
N HIS B 48 20.35 38.04 19.79
CA HIS B 48 19.13 38.49 20.45
C HIS B 48 19.46 39.40 21.63
N ASP B 49 18.87 40.59 21.65
CA ASP B 49 19.04 41.53 22.74
C ASP B 49 18.05 41.15 23.85
N ILE B 50 18.56 40.56 24.92
CA ILE B 50 17.69 40.14 26.01
C ILE B 50 17.25 41.30 26.88
N ILE B 51 18.01 42.39 26.91
CA ILE B 51 17.60 43.57 27.69
C ILE B 51 16.40 44.24 27.04
N LYS B 52 16.44 44.40 25.72
CA LYS B 52 15.33 45.01 25.01
C LYS B 52 14.08 44.15 25.11
N ASN B 53 14.23 42.84 24.93
CA ASN B 53 13.11 41.91 24.92
C ASN B 53 13.42 40.75 25.85
N PRO B 54 13.09 40.89 27.14
CA PRO B 54 13.29 39.78 28.09
C PRO B 54 12.21 38.71 28.06
N TYR B 55 11.30 38.75 27.08
CA TYR B 55 10.22 37.76 26.96
C TYR B 55 10.20 37.18 25.55
N PRO B 56 11.25 36.45 25.16
CA PRO B 56 11.25 35.83 23.83
C PRO B 56 10.61 34.45 23.85
N ARG B 57 9.82 34.17 22.82
CA ARG B 57 9.15 32.89 22.68
C ARG B 57 9.89 32.05 21.66
N ILE B 58 10.45 30.92 22.10
CA ILE B 58 11.10 29.95 21.23
C ILE B 58 10.23 28.71 21.21
N LEU B 59 9.81 28.30 20.01
CA LEU B 59 8.87 27.21 19.83
C LEU B 59 9.47 26.12 18.95
N ASP B 60 9.21 24.87 19.34
CA ASP B 60 9.52 23.70 18.51
C ASP B 60 8.26 22.87 18.38
N ILE B 61 7.84 22.61 17.15
CA ILE B 61 6.62 21.85 16.89
C ILE B 61 6.90 20.40 16.53
N SER B 62 8.15 19.95 16.64
CA SER B 62 8.51 18.55 16.49
C SER B 62 9.55 18.19 17.55
N CYS B 63 9.30 18.62 18.79
CA CYS B 63 10.32 18.52 19.83
C CYS B 63 10.68 17.07 20.13
N GLY B 64 9.69 16.18 20.16
CA GLY B 64 9.97 14.81 20.55
C GLY B 64 10.45 14.78 21.98
N CYS B 65 11.62 14.17 22.20
CA CYS B 65 12.23 14.20 23.53
C CYS B 65 12.68 15.60 23.93
N GLY B 66 12.77 16.53 22.98
CA GLY B 66 13.12 17.91 23.28
C GLY B 66 14.59 18.20 23.10
N ASN B 67 15.20 17.64 22.06
CA ASN B 67 16.64 17.84 21.84
C ASN B 67 16.96 19.30 21.60
N PHE B 68 16.11 20.00 20.83
CA PHE B 68 16.35 21.41 20.58
C PHE B 68 15.98 22.25 21.79
N LEU B 69 14.90 21.87 22.50
CA LEU B 69 14.41 22.72 23.59
C LEU B 69 15.35 22.74 24.78
N LEU B 70 16.01 21.63 25.09
CA LEU B 70 16.97 21.64 26.19
C LEU B 70 18.17 22.54 25.89
N GLU B 71 18.66 22.50 24.65
CA GLU B 71 19.71 23.42 24.25
C GLU B 71 19.23 24.86 24.30
N VAL B 72 17.97 25.09 23.90
CA VAL B 72 17.39 26.43 24.00
C VAL B 72 17.36 26.89 25.45
N TYR B 73 16.98 25.99 26.36
CA TYR B 73 16.95 26.33 27.78
C TYR B 73 18.35 26.71 28.26
N ASP B 74 19.37 25.94 27.89
CA ASP B 74 20.72 26.27 28.33
C ASP B 74 21.17 27.63 27.80
N ILE B 75 20.91 27.89 26.51
CA ILE B 75 21.29 29.17 25.91
C ILE B 75 20.58 30.31 26.60
N LEU B 76 19.27 30.16 26.84
CA LEU B 76 18.49 31.20 27.49
C LEU B 76 18.95 31.43 28.92
N TYR B 77 19.29 30.36 29.65
CA TYR B 77 19.76 30.51 31.02
C TYR B 77 21.07 31.29 31.06
N ASP B 78 22.01 30.93 30.17
CA ASP B 78 23.27 31.67 30.11
C ASP B 78 23.03 33.14 29.75
N LEU B 79 22.13 33.39 28.79
CA LEU B 79 21.86 34.75 28.36
C LEU B 79 21.24 35.57 29.49
N PHE B 80 20.27 35.01 30.19
CA PHE B 80 19.63 35.71 31.29
C PHE B 80 20.61 35.97 32.43
N GLU B 81 21.44 34.98 32.77
CA GLU B 81 22.39 35.18 33.86
C GLU B 81 23.44 36.22 33.50
N GLU B 82 23.87 36.25 32.24
CA GLU B 82 24.90 37.20 31.83
C GLU B 82 24.43 38.64 31.99
N ASN B 83 23.13 38.90 31.82
CA ASN B 83 22.59 40.26 31.84
C ASN B 83 21.58 40.45 32.97
N ILE B 84 21.75 39.74 34.08
CA ILE B 84 20.75 39.75 35.13
C ILE B 84 20.70 41.12 35.81
N TYR B 85 21.86 41.77 35.99
CA TYR B 85 21.87 43.05 36.69
C TYR B 85 21.32 44.19 35.85
N GLU B 86 21.55 44.17 34.53
CA GLU B 86 20.94 45.17 33.66
C GLU B 86 19.43 45.06 33.67
N LEU B 87 18.90 43.83 33.63
CA LEU B 87 17.47 43.63 33.76
C LEU B 87 16.97 44.09 35.12
N LYS B 88 17.76 43.84 36.17
CA LYS B 88 17.38 44.29 37.51
C LYS B 88 17.28 45.81 37.56
N LYS B 89 18.21 46.51 36.92
CA LYS B 89 18.16 47.97 36.87
C LYS B 89 16.94 48.44 36.10
N LYS B 90 16.75 47.93 34.88
CA LYS B 90 15.72 48.48 34.00
C LYS B 90 14.32 48.11 34.49
N TYR B 91 14.13 46.88 34.93
CA TYR B 91 12.82 46.35 35.28
C TYR B 91 12.73 46.15 36.80
N ASP B 92 11.65 45.50 37.24
CA ASP B 92 11.43 45.20 38.65
C ASP B 92 12.63 44.49 39.23
N GLU B 93 13.26 45.10 40.24
CA GLU B 93 14.44 44.52 40.87
C GLU B 93 14.11 43.20 41.55
N ASN B 94 12.94 43.13 42.19
CA ASN B 94 12.57 41.93 42.94
C ASN B 94 12.42 40.73 42.02
N TYR B 95 11.81 40.92 40.85
CA TYR B 95 11.54 39.80 39.95
C TYR B 95 12.83 39.19 39.43
N TRP B 96 13.77 40.02 38.98
CA TRP B 96 14.95 39.54 38.27
C TRP B 96 16.03 39.12 39.26
N THR B 97 16.03 37.85 39.61
CA THR B 97 17.09 37.21 40.38
C THR B 97 17.45 35.90 39.71
N VAL B 98 18.68 35.45 39.94
CA VAL B 98 19.17 34.25 39.26
C VAL B 98 18.30 33.06 39.59
N ASP B 99 17.93 32.90 40.87
CA ASP B 99 17.15 31.74 41.26
C ASP B 99 15.80 31.70 40.55
N ASN B 100 15.28 32.86 40.15
CA ASN B 100 14.01 32.91 39.44
C ASN B 100 14.13 32.58 37.96
N ILE B 101 15.34 32.66 37.40
CA ILE B 101 15.52 32.60 35.95
C ILE B 101 14.88 31.35 35.38
N HIS B 102 15.21 30.19 35.96
CA HIS B 102 14.62 28.92 35.57
C HIS B 102 13.11 29.04 35.40
N ARG B 103 12.43 29.46 36.47
CA ARG B 103 10.98 29.59 36.42
C ARG B 103 10.55 30.45 35.25
N HIS B 104 11.19 31.62 35.10
CA HIS B 104 10.85 32.53 34.02
C HIS B 104 10.96 31.81 32.67
N ILE B 105 12.07 31.10 32.46
CA ILE B 105 12.29 30.44 31.18
C ILE B 105 11.20 29.42 30.91
N LEU B 106 10.74 28.73 31.95
CA LEU B 106 9.72 27.73 31.73
C LEU B 106 8.32 28.32 31.64
N ASN B 107 8.14 29.60 31.97
CA ASN B 107 6.80 30.17 31.98
C ASN B 107 6.47 30.97 30.72
N TYR B 108 7.43 31.69 30.17
CA TYR B 108 7.16 32.62 29.08
C TYR B 108 7.99 32.39 27.84
N CYS B 109 8.97 31.48 27.86
CA CYS B 109 9.98 31.40 26.82
C CYS B 109 9.92 30.13 25.99
N ILE B 110 9.90 28.97 26.62
CA ILE B 110 10.00 27.70 25.91
C ILE B 110 8.61 27.18 25.59
N TYR B 111 8.39 26.80 24.32
CA TYR B 111 7.14 26.21 23.87
C TYR B 111 7.46 24.98 23.02
N GLY B 112 6.76 23.89 23.27
CA GLY B 112 7.00 22.66 22.54
C GLY B 112 5.69 21.95 22.24
N ALA B 113 5.68 21.28 21.09
CA ALA B 113 4.51 20.52 20.65
C ALA B 113 4.96 19.24 19.97
N ASP B 114 4.24 18.15 20.25
CA ASP B 114 4.50 16.88 19.59
C ASP B 114 3.27 16.00 19.74
N ILE B 115 3.17 14.99 18.88
CA ILE B 115 2.02 14.08 18.90
C ILE B 115 2.25 12.87 19.79
N ASP B 116 3.43 12.73 20.39
CA ASP B 116 3.74 11.60 21.27
C ASP B 116 3.67 12.05 22.72
N GLU B 117 2.86 11.35 23.52
CA GLU B 117 2.68 11.74 24.91
C GLU B 117 3.90 11.39 25.76
N LYS B 118 4.51 10.23 25.51
CA LYS B 118 5.68 9.82 26.29
C LYS B 118 6.86 10.75 26.06
N ALA B 119 7.06 11.19 24.82
CA ALA B 119 8.11 12.15 24.54
C ALA B 119 7.87 13.46 25.27
N ILE B 120 6.62 13.93 25.30
CA ILE B 120 6.30 15.17 26.00
C ILE B 120 6.55 15.01 27.49
N SER B 121 6.18 13.86 28.06
CA SER B 121 6.43 13.63 29.49
C SER B 121 7.92 13.61 29.79
N ILE B 122 8.71 12.96 28.93
CA ILE B 122 10.16 12.93 29.13
C ILE B 122 10.73 14.34 29.06
N LEU B 123 10.27 15.14 28.09
CA LEU B 123 10.74 16.51 27.97
C LEU B 123 10.36 17.34 29.18
N LYS B 124 9.14 17.15 29.69
CA LYS B 124 8.71 17.87 30.89
C LYS B 124 9.58 17.52 32.08
N ASP B 125 9.88 16.23 32.25
CA ASP B 125 10.76 15.80 33.34
C ASP B 125 12.15 16.41 33.18
N SER B 126 12.67 16.42 31.95
CA SER B 126 14.01 16.97 31.72
C SER B 126 14.05 18.46 32.02
N LEU B 127 13.03 19.21 31.57
CA LEU B 127 12.97 20.63 31.85
C LEU B 127 12.83 20.91 33.34
N THR B 128 12.02 20.11 34.05
CA THR B 128 11.88 20.30 35.49
C THR B 128 13.19 20.01 36.21
N ASN B 129 13.91 18.97 35.78
CA ASN B 129 15.17 18.59 36.41
C ASN B 129 16.33 19.50 36.02
N LYS B 130 16.10 20.49 35.15
CA LYS B 130 17.16 21.45 34.82
C LYS B 130 17.58 22.25 36.04
N LYS B 131 16.61 22.66 36.86
CA LYS B 131 16.94 23.34 38.11
C LYS B 131 17.57 22.36 39.09
N VAL B 132 18.75 22.72 39.60
CA VAL B 132 19.50 21.81 40.46
C VAL B 132 18.75 21.54 41.76
N VAL B 133 18.18 22.58 42.37
CA VAL B 133 17.48 22.44 43.63
C VAL B 133 16.02 22.07 43.36
N ASN B 134 15.51 21.12 44.14
CA ASN B 134 14.12 20.71 44.07
C ASN B 134 13.39 21.10 45.35
N ASP B 135 12.11 21.42 45.21
CA ASP B 135 11.25 21.85 46.32
C ASP B 135 11.71 23.16 46.95
N LEU B 136 12.51 23.95 46.22
CA LEU B 136 12.86 25.29 46.70
C LEU B 136 11.62 26.17 46.76
N ASP B 137 10.77 26.09 45.74
CA ASP B 137 9.45 26.73 45.73
C ASP B 137 8.34 25.70 45.54
N GLU B 138 8.65 24.42 45.75
CA GLU B 138 7.71 23.29 45.63
C GLU B 138 7.16 23.13 44.22
N SER B 139 7.89 23.64 43.21
CA SER B 139 7.64 23.35 41.80
C SER B 139 6.22 23.74 41.36
N ASP B 140 5.91 25.02 41.56
CA ASP B 140 4.67 25.60 41.03
C ASP B 140 4.95 26.32 39.71
N ILE B 141 5.37 25.53 38.73
CA ILE B 141 5.85 26.04 37.44
C ILE B 141 4.98 25.45 36.34
N LYS B 142 4.47 26.31 35.46
CA LYS B 142 3.65 25.90 34.33
C LYS B 142 4.51 25.92 33.06
N ILE B 143 4.64 24.76 32.42
CA ILE B 143 5.46 24.62 31.22
C ILE B 143 4.55 24.56 30.01
N ASN B 144 4.90 25.30 28.96
CA ASN B 144 4.07 25.37 27.75
C ASN B 144 4.47 24.27 26.78
N LEU B 145 4.13 23.04 27.15
CA LEU B 145 4.29 21.87 26.29
C LEU B 145 2.92 21.33 25.92
N PHE B 146 2.68 21.17 24.63
CA PHE B 146 1.39 20.72 24.11
C PHE B 146 1.55 19.36 23.44
N CYS B 147 0.65 18.43 23.76
CA CYS B 147 0.60 17.14 23.08
C CYS B 147 -0.59 17.18 22.13
N CYS B 148 -0.32 17.57 20.88
CA CYS B 148 -1.38 17.75 19.90
C CYS B 148 -0.77 17.68 18.51
N ASP B 149 -1.63 17.83 17.51
CA ASP B 149 -1.19 17.95 16.12
C ASP B 149 -0.82 19.41 15.87
N SER B 150 0.47 19.66 15.61
CA SER B 150 0.91 21.04 15.41
C SER B 150 0.21 21.69 14.23
N LEU B 151 -0.16 20.91 13.22
CA LEU B 151 -0.82 21.45 12.04
C LEU B 151 -2.29 21.78 12.28
N LYS B 152 -2.88 21.32 13.38
CA LYS B 152 -4.28 21.56 13.67
C LYS B 152 -4.51 22.54 14.82
N LYS B 153 -3.50 22.78 15.66
CA LYS B 153 -3.68 23.66 16.80
C LYS B 153 -3.91 25.10 16.36
N LYS B 154 -4.85 25.76 17.02
CA LYS B 154 -5.14 27.18 16.77
C LYS B 154 -4.30 28.00 17.73
N TRP B 155 -3.21 28.57 17.23
CA TRP B 155 -2.30 29.35 18.07
C TRP B 155 -2.83 30.77 18.24
N ARG B 156 -2.78 31.28 19.47
CA ARG B 156 -3.29 32.61 19.75
C ARG B 156 -2.27 33.71 19.49
N TYR B 157 -1.01 33.38 19.26
CA TYR B 157 0.01 34.39 19.02
C TYR B 157 1.18 33.78 18.27
N LYS B 158 1.92 34.63 17.58
CA LYS B 158 3.11 34.20 16.85
C LYS B 158 4.31 34.16 17.78
N PHE B 159 5.43 33.64 17.26
CA PHE B 159 6.59 33.31 18.07
C PHE B 159 7.83 34.03 17.58
N ASP B 160 8.68 34.45 18.52
CA ASP B 160 9.91 35.15 18.17
C ASP B 160 10.88 34.24 17.42
N TYR B 161 11.01 32.99 17.83
CA TYR B 161 11.95 32.08 17.20
C TYR B 161 11.34 30.69 17.11
N ILE B 162 11.62 30.01 16.01
CA ILE B 162 11.11 28.65 15.78
C ILE B 162 12.27 27.79 15.28
N VAL B 163 12.51 26.67 15.96
CA VAL B 163 13.57 25.73 15.62
C VAL B 163 12.97 24.33 15.59
N GLY B 164 13.79 23.35 15.19
CA GLY B 164 13.43 21.96 15.34
C GLY B 164 13.65 21.17 14.07
N ASN B 165 13.11 19.96 14.07
CA ASN B 165 13.28 19.00 12.98
C ASN B 165 11.94 18.32 12.73
N PRO B 166 11.18 18.77 11.73
CA PRO B 166 9.82 18.26 11.53
C PRO B 166 9.84 16.82 11.03
N PRO B 167 8.71 16.12 11.10
CA PRO B 167 8.66 14.76 10.56
C PRO B 167 8.70 14.75 9.03
N TYR B 168 9.30 13.71 8.48
CA TYR B 168 9.33 13.50 7.04
C TYR B 168 8.47 12.26 6.76
N ILE B 169 7.33 12.46 6.11
CA ILE B 169 6.43 11.36 5.78
C ILE B 169 6.05 11.46 4.31
N GLY B 170 6.38 10.43 3.53
CA GLY B 170 6.08 10.40 2.12
C GLY B 170 4.62 10.13 1.83
N HIS B 171 4.28 10.16 0.54
CA HIS B 171 2.89 9.98 0.15
C HIS B 171 2.43 8.54 0.31
N LYS B 172 3.35 7.57 0.37
CA LYS B 172 2.96 6.17 0.54
C LYS B 172 2.80 5.78 2.01
N LYS B 173 3.59 6.37 2.90
CA LYS B 173 3.57 6.03 4.32
C LYS B 173 2.60 6.89 5.12
N LEU B 174 1.86 7.78 4.48
CA LEU B 174 0.93 8.67 5.15
C LEU B 174 -0.49 8.14 5.03
N GLU B 175 -1.27 8.28 6.10
CA GLU B 175 -2.65 7.81 6.10
C GLU B 175 -3.51 8.69 5.19
N LYS B 176 -4.38 8.04 4.41
CA LYS B 176 -5.16 8.76 3.41
C LYS B 176 -6.13 9.74 4.07
N LYS B 177 -6.72 9.37 5.20
CA LYS B 177 -7.65 10.27 5.88
C LYS B 177 -6.95 11.56 6.29
N TYR B 178 -5.71 11.45 6.79
CA TYR B 178 -4.95 12.64 7.12
C TYR B 178 -4.58 13.43 5.87
N LYS B 179 -4.31 12.73 4.77
CA LYS B 179 -3.98 13.41 3.52
C LYS B 179 -5.16 14.22 3.00
N LYS B 180 -6.38 13.77 3.26
CA LYS B 180 -7.56 14.58 2.93
C LYS B 180 -7.51 15.93 3.62
N PHE B 181 -7.21 15.92 4.92
CA PHE B 181 -7.10 17.17 5.67
C PHE B 181 -5.96 18.03 5.13
N LEU B 182 -4.82 17.41 4.84
CA LEU B 182 -3.68 18.16 4.33
C LEU B 182 -4.01 18.83 3.01
N LEU B 183 -4.69 18.12 2.11
CA LEU B 183 -5.09 18.71 0.84
C LEU B 183 -6.10 19.83 1.05
N GLU B 184 -7.00 19.66 2.02
CA GLU B 184 -8.01 20.70 2.25
C GLU B 184 -7.40 21.97 2.82
N LYS B 185 -6.44 21.84 3.74
CA LYS B 185 -5.98 23.00 4.49
C LYS B 185 -4.57 23.46 4.13
N TYR B 186 -3.82 22.71 3.34
CA TYR B 186 -2.45 23.09 2.99
C TYR B 186 -2.24 23.03 1.48
N SER B 187 -3.26 23.43 0.72
CA SER B 187 -3.15 23.38 -0.74
C SER B 187 -2.06 24.30 -1.27
N GLU B 188 -1.76 25.38 -0.55
CA GLU B 188 -0.71 26.29 -0.99
C GLU B 188 0.66 25.63 -1.04
N VAL B 189 0.87 24.55 -0.27
CA VAL B 189 2.15 23.84 -0.32
C VAL B 189 2.00 22.34 -0.51
N TYR B 190 0.85 21.74 -0.23
CA TYR B 190 0.71 20.28 -0.27
C TYR B 190 -0.30 19.87 -1.32
N LYS B 191 0.12 19.00 -2.23
CA LYS B 191 -0.74 18.36 -3.21
C LYS B 191 0.08 17.26 -3.91
N ASP B 192 -0.64 16.33 -4.53
CA ASP B 192 -0.05 15.24 -5.31
C ASP B 192 0.93 14.49 -4.43
N LYS B 193 2.20 14.34 -4.83
CA LYS B 193 3.16 13.52 -4.10
C LYS B 193 4.03 14.35 -3.15
N ALA B 194 3.47 15.43 -2.60
CA ALA B 194 4.21 16.28 -1.68
C ALA B 194 4.47 15.54 -0.37
N ASP B 195 5.14 16.22 0.56
CA ASP B 195 5.51 15.64 1.84
C ASP B 195 4.96 16.48 2.99
N LEU B 196 4.86 15.84 4.15
CA LEU B 196 4.31 16.50 5.34
C LEU B 196 5.16 17.68 5.79
N TYR B 197 6.48 17.60 5.64
CA TYR B 197 7.31 18.71 6.09
C TYR B 197 7.11 19.96 5.24
N PHE B 198 6.49 19.84 4.07
CA PHE B 198 6.02 21.03 3.37
C PHE B 198 5.00 21.77 4.23
N CYS B 199 4.04 21.03 4.77
CA CYS B 199 3.03 21.63 5.65
C CYS B 199 3.67 22.18 6.91
N PHE B 200 4.69 21.49 7.42
CA PHE B 200 5.38 22.02 8.60
C PHE B 200 6.11 23.33 8.28
N TYR B 201 6.72 23.43 7.10
CA TYR B 201 7.31 24.69 6.66
C TYR B 201 6.26 25.79 6.62
N LYS B 202 5.10 25.50 6.03
CA LYS B 202 4.06 26.52 5.94
C LYS B 202 3.59 26.94 7.32
N LYS B 203 3.39 25.99 8.23
CA LYS B 203 2.93 26.33 9.57
C LYS B 203 3.97 27.17 10.30
N ILE B 204 5.25 26.80 10.18
CA ILE B 204 6.30 27.57 10.84
C ILE B 204 6.33 28.99 10.32
N ILE B 205 6.24 29.16 9.00
CA ILE B 205 6.25 30.50 8.41
C ILE B 205 5.04 31.29 8.88
N ASP B 206 3.88 30.64 8.98
CA ASP B 206 2.65 31.38 9.28
C ASP B 206 2.58 31.85 10.72
N ILE B 207 3.29 31.18 11.64
CA ILE B 207 3.24 31.56 13.04
C ILE B 207 4.56 32.18 13.50
N LEU B 208 5.36 32.69 12.56
CA LEU B 208 6.60 33.38 12.89
C LEU B 208 6.30 34.87 13.03
N LYS B 209 6.65 35.44 14.18
CA LYS B 209 6.38 36.85 14.44
C LYS B 209 7.23 37.72 13.51
N GLN B 210 6.74 38.94 13.28
CA GLN B 210 7.50 39.89 12.48
C GLN B 210 8.85 40.15 13.12
N GLY B 211 9.91 40.03 12.31
CA GLY B 211 11.25 40.12 12.82
C GLY B 211 11.80 38.83 13.40
N GLY B 212 10.99 37.77 13.44
CA GLY B 212 11.44 36.52 14.00
C GLY B 212 12.36 35.75 13.08
N ILE B 213 13.06 34.79 13.67
CA ILE B 213 14.01 33.95 12.94
C ILE B 213 13.60 32.49 13.11
N GLY B 214 13.51 31.78 12.00
CA GLY B 214 13.28 30.35 12.03
C GLY B 214 14.47 29.63 11.42
N SER B 215 14.74 28.42 11.93
CA SER B 215 15.84 27.61 11.43
C SER B 215 15.51 26.15 11.67
N VAL B 216 15.51 25.35 10.59
CA VAL B 216 15.12 23.95 10.67
C VAL B 216 16.06 23.11 9.83
N ILE B 217 16.02 21.79 10.07
CA ILE B 217 16.73 20.82 9.26
C ILE B 217 15.68 19.89 8.66
N THR B 218 15.66 19.80 7.33
CA THR B 218 14.65 19.04 6.62
C THR B 218 15.34 18.22 5.53
N PRO B 219 14.62 17.41 4.75
CA PRO B 219 15.23 16.84 3.55
C PRO B 219 15.55 17.95 2.56
N ARG B 220 16.58 17.72 1.75
CA ARG B 220 17.00 18.69 0.76
C ARG B 220 16.21 18.62 -0.55
N TYR B 221 15.33 17.63 -0.68
CA TYR B 221 14.74 17.33 -1.99
C TYR B 221 13.82 18.45 -2.47
N PHE B 222 13.15 19.16 -1.56
CA PHE B 222 12.20 20.18 -1.99
C PHE B 222 12.88 21.30 -2.77
N LEU B 223 14.18 21.52 -2.54
CA LEU B 223 14.91 22.56 -3.25
C LEU B 223 14.90 22.32 -4.75
N GLU B 224 14.70 21.08 -5.20
CA GLU B 224 14.78 20.74 -6.60
C GLU B 224 13.61 19.90 -7.10
N SER B 225 12.86 19.24 -6.22
CA SER B 225 11.83 18.31 -6.66
C SER B 225 10.65 19.05 -7.27
N LEU B 226 9.90 18.33 -8.12
CA LEU B 226 8.70 18.89 -8.73
C LEU B 226 7.66 19.23 -7.67
N SER B 227 7.38 18.30 -6.76
CA SER B 227 6.35 18.51 -5.76
C SER B 227 6.63 19.73 -4.90
N GLY B 228 7.90 20.11 -4.79
CA GLY B 228 8.28 21.23 -3.97
C GLY B 228 8.06 22.60 -4.59
N LYS B 229 7.68 22.65 -5.86
CA LYS B 229 7.54 23.93 -6.55
C LYS B 229 6.75 24.92 -5.72
N ASP B 230 5.48 24.60 -5.45
CA ASP B 230 4.64 25.50 -4.66
C ASP B 230 5.32 25.89 -3.35
N LEU B 231 5.87 24.90 -2.65
CA LEU B 231 6.53 25.17 -1.37
C LEU B 231 7.59 26.25 -1.54
N ARG B 232 8.44 26.11 -2.56
CA ARG B 232 9.49 27.09 -2.79
C ARG B 232 8.90 28.48 -2.92
N GLU B 233 7.84 28.61 -3.73
CA GLU B 233 7.19 29.90 -3.88
C GLU B 233 6.75 30.45 -2.53
N TYR B 234 6.12 29.59 -1.71
CA TYR B 234 5.64 30.05 -0.41
C TYR B 234 6.80 30.52 0.45
N ILE B 235 7.94 29.83 0.36
CA ILE B 235 9.10 30.27 1.12
C ILE B 235 9.65 31.57 0.54
N LYS B 236 9.68 31.68 -0.80
CA LYS B 236 10.27 32.85 -1.43
C LYS B 236 9.48 34.12 -1.11
N SER B 237 8.16 34.04 -1.15
CA SER B 237 7.31 35.22 -1.12
C SER B 237 6.81 35.60 0.27
N ASN B 238 7.25 34.89 1.30
CA ASN B 238 6.76 35.17 2.65
C ASN B 238 7.84 35.34 3.71
N VAL B 239 9.07 34.90 3.48
CA VAL B 239 10.17 35.12 4.41
C VAL B 239 11.42 35.51 3.63
N ASN B 240 12.37 36.12 4.34
CA ASN B 240 13.72 36.33 3.81
C ASN B 240 14.55 35.12 4.18
N VAL B 241 15.13 34.45 3.19
CA VAL B 241 15.94 33.26 3.43
C VAL B 241 17.36 33.72 3.74
N GLN B 242 17.75 33.61 5.01
CA GLN B 242 19.10 34.01 5.42
C GLN B 242 20.14 33.05 4.85
N GLU B 243 19.92 31.75 5.00
CA GLU B 243 21.01 30.82 4.73
C GLU B 243 20.44 29.44 4.37
N ILE B 244 21.11 28.77 3.44
CA ILE B 244 20.82 27.39 3.09
C ILE B 244 22.11 26.61 3.15
N VAL B 245 22.13 25.54 3.93
CA VAL B 245 23.26 24.61 4.00
C VAL B 245 22.80 23.30 3.38
N ASP B 246 23.38 22.94 2.24
CA ASP B 246 23.01 21.73 1.52
C ASP B 246 24.12 20.71 1.72
N PHE B 247 23.80 19.62 2.41
CA PHE B 247 24.75 18.54 2.62
C PHE B 247 24.76 17.53 1.49
N LEU B 248 23.93 17.72 0.47
CA LEU B 248 23.87 16.85 -0.72
C LEU B 248 23.66 15.41 -0.24
N GLY B 249 24.43 14.45 -0.75
CA GLY B 249 24.24 13.06 -0.40
C GLY B 249 24.84 12.63 0.92
N ALA B 250 25.51 13.53 1.63
CA ALA B 250 26.09 13.19 2.91
C ALA B 250 25.00 12.75 3.88
N ASN B 251 25.29 11.70 4.64
CA ASN B 251 24.30 11.11 5.55
C ASN B 251 24.47 11.74 6.93
N ILE B 252 23.66 12.77 7.20
CA ILE B 252 23.71 13.44 8.50
C ILE B 252 23.19 12.52 9.59
N PHE B 253 22.10 11.79 9.32
CA PHE B 253 21.48 10.88 10.28
C PHE B 253 22.00 9.47 10.01
N LYS B 254 22.61 8.86 11.04
CA LYS B 254 23.19 7.53 10.88
C LYS B 254 22.09 6.49 10.64
N ASN B 255 22.34 5.60 9.69
CA ASN B 255 21.43 4.50 9.34
C ASN B 255 20.06 5.01 8.93
N ILE B 256 20.00 6.21 8.35
CA ILE B 256 18.77 6.78 7.83
C ILE B 256 18.99 7.11 6.36
N GLY B 257 18.10 6.62 5.51
CA GLY B 257 18.23 6.86 4.08
C GLY B 257 17.62 8.17 3.64
N VAL B 258 18.17 9.30 4.13
CA VAL B 258 17.69 10.62 3.76
C VAL B 258 18.90 11.51 3.51
N SER B 259 18.66 12.59 2.76
CA SER B 259 19.66 13.62 2.50
C SER B 259 19.11 14.95 3.00
N SER B 260 19.92 15.68 3.76
CA SER B 260 19.40 16.75 4.60
C SER B 260 19.97 18.11 4.20
N CYS B 261 19.20 19.14 4.54
CA CYS B 261 19.63 20.52 4.42
C CYS B 261 19.15 21.29 5.64
N ILE B 262 19.83 22.40 5.93
CA ILE B 262 19.49 23.30 7.01
C ILE B 262 19.07 24.63 6.41
N LEU B 263 17.88 25.09 6.75
CA LEU B 263 17.35 26.33 6.19
C LEU B 263 17.09 27.32 7.32
N THR B 264 17.60 28.53 7.15
CA THR B 264 17.45 29.60 8.12
C THR B 264 16.84 30.81 7.41
N PHE B 265 15.75 31.31 7.95
CA PHE B 265 14.99 32.40 7.36
C PHE B 265 14.55 33.37 8.44
N ASP B 266 14.13 34.55 8.02
CA ASP B 266 13.70 35.60 8.96
C ASP B 266 12.49 36.32 8.38
N LYS B 267 11.93 37.22 9.19
CA LYS B 267 10.87 38.13 8.78
C LYS B 267 11.22 39.58 9.11
N LYS B 268 12.51 39.91 9.04
CA LYS B 268 12.95 41.27 9.27
C LYS B 268 12.90 42.09 7.99
N LYS B 269 12.89 43.41 8.14
CA LYS B 269 12.87 44.32 7.01
C LYS B 269 14.26 44.37 6.38
N THR B 270 14.44 43.64 5.29
CA THR B 270 15.70 43.58 4.58
C THR B 270 15.55 44.20 3.19
N LYS B 271 16.65 44.78 2.70
CA LYS B 271 16.62 45.46 1.41
C LYS B 271 17.05 44.52 0.27
N GLU B 272 18.27 43.99 0.34
CA GLU B 272 18.79 43.16 -0.74
C GLU B 272 18.52 41.68 -0.55
N THR B 273 18.37 41.24 0.70
CA THR B 273 18.06 39.85 1.07
C THR B 273 18.77 38.83 0.18
N TYR B 274 20.10 38.93 0.15
CA TYR B 274 20.91 37.88 -0.43
C TYR B 274 20.97 36.67 0.48
N ILE B 275 21.07 35.49 -0.12
CA ILE B 275 21.04 34.21 0.59
C ILE B 275 22.44 33.65 0.61
N ASP B 276 22.95 33.35 1.81
CA ASP B 276 24.18 32.57 1.94
C ASP B 276 23.88 31.12 1.61
N VAL B 277 24.74 30.51 0.78
CA VAL B 277 24.58 29.11 0.41
C VAL B 277 25.90 28.41 0.65
N PHE B 278 25.85 27.32 1.43
CA PHE B 278 27.01 26.48 1.71
C PHE B 278 26.72 25.09 1.13
N LYS B 279 27.36 24.77 0.02
CA LYS B 279 27.22 23.46 -0.62
C LYS B 279 28.44 22.60 -0.25
N ILE B 280 28.17 21.37 0.17
CA ILE B 280 29.27 20.49 0.58
C ILE B 280 30.06 20.06 -0.66
N LYS B 281 31.38 20.02 -0.52
CA LYS B 281 32.24 19.62 -1.62
C LYS B 281 32.43 18.11 -1.69
N ASN B 282 32.58 17.46 -0.55
CA ASN B 282 32.79 16.02 -0.48
C ASN B 282 31.72 15.40 0.41
N GLU B 283 31.01 14.40 -0.12
CA GLU B 283 29.95 13.74 0.62
C GLU B 283 30.45 12.70 1.61
N ASP B 284 31.73 12.31 1.53
CA ASP B 284 32.28 11.29 2.41
C ASP B 284 32.72 11.84 3.76
N ILE B 285 32.66 13.15 3.96
CA ILE B 285 33.17 13.73 5.20
C ILE B 285 32.25 13.39 6.36
N CYS B 286 32.84 13.08 7.51
CA CYS B 286 32.07 12.85 8.72
C CYS B 286 31.68 14.18 9.36
N ILE B 287 30.50 14.22 9.97
CA ILE B 287 29.92 15.47 10.47
C ILE B 287 30.60 15.87 11.78
N ASN B 288 31.48 15.00 12.29
CA ASN B 288 32.23 15.26 13.50
C ASN B 288 33.60 15.85 13.22
N LYS B 289 33.76 16.58 12.10
CA LYS B 289 35.07 17.13 11.75
C LYS B 289 35.55 18.13 12.78
N PHE B 290 34.66 18.99 13.26
CA PHE B 290 34.98 19.97 14.28
C PHE B 290 33.94 19.93 15.38
N GLU B 291 34.29 20.51 16.53
CA GLU B 291 33.34 20.63 17.62
C GLU B 291 32.20 21.59 17.30
N THR B 292 32.34 22.41 16.27
CA THR B 292 31.32 23.36 15.86
C THR B 292 31.11 23.26 14.36
N LEU B 293 29.87 23.50 13.92
CA LEU B 293 29.54 23.32 12.52
C LEU B 293 30.10 24.43 11.64
N GLU B 294 30.16 25.66 12.16
CA GLU B 294 30.66 26.77 11.35
C GLU B 294 32.14 26.58 11.01
N GLU B 295 32.89 25.89 11.87
CA GLU B 295 34.28 25.57 11.52
C GLU B 295 34.32 24.66 10.29
N LEU B 296 33.42 23.68 10.22
CA LEU B 296 33.32 22.85 9.03
C LEU B 296 32.89 23.66 7.81
N LEU B 297 31.92 24.57 8.00
CA LEU B 297 31.45 25.37 6.87
C LEU B 297 32.54 26.29 6.33
N LYS B 298 33.32 26.91 7.22
CA LYS B 298 34.39 27.81 6.81
C LYS B 298 35.55 27.08 6.14
N SER B 299 35.61 25.76 6.24
CA SER B 299 36.73 25.02 5.71
C SER B 299 36.58 24.80 4.21
N SER B 300 37.60 24.18 3.60
CA SER B 300 37.53 23.82 2.20
C SER B 300 36.56 22.68 1.93
N LYS B 301 36.03 22.04 2.97
CA LYS B 301 35.04 20.99 2.78
C LYS B 301 33.73 21.53 2.22
N PHE B 302 33.52 22.85 2.30
CA PHE B 302 32.31 23.49 1.80
C PHE B 302 32.66 24.63 0.86
N GLU B 303 31.75 24.91 -0.06
CA GLU B 303 31.84 26.06 -0.95
C GLU B 303 30.71 27.03 -0.61
N HIS B 304 31.02 28.31 -0.57
CA HIS B 304 30.03 29.33 -0.23
C HIS B 304 29.80 30.27 -1.40
N PHE B 305 28.54 30.61 -1.62
CA PHE B 305 28.21 31.67 -2.58
C PHE B 305 26.87 32.29 -2.22
N ASN B 306 26.63 33.47 -2.76
CA ASN B 306 25.41 34.23 -2.50
C ASN B 306 24.45 34.12 -3.66
N ILE B 307 23.16 34.08 -3.35
CA ILE B 307 22.10 34.03 -4.35
C ILE B 307 21.09 35.12 -4.03
N ASN B 308 20.78 35.97 -5.00
CA ASN B 308 19.78 37.00 -4.78
C ASN B 308 18.41 36.36 -4.75
N GLN B 309 17.69 36.54 -3.64
CA GLN B 309 16.38 35.92 -3.49
C GLN B 309 15.38 36.49 -4.49
N ARG B 310 15.43 37.80 -4.74
CA ARG B 310 14.46 38.44 -5.62
C ARG B 310 14.56 37.92 -7.04
N LEU B 311 15.71 37.40 -7.45
CA LEU B 311 15.91 36.91 -8.81
C LEU B 311 15.60 35.44 -8.96
N LEU B 312 15.15 34.77 -7.90
CA LEU B 312 14.80 33.36 -8.00
C LEU B 312 13.50 33.16 -8.76
N SER B 313 13.47 32.16 -9.63
CA SER B 313 12.25 31.77 -10.32
C SER B 313 11.56 30.67 -9.54
N ASP B 314 10.59 30.01 -10.18
CA ASP B 314 9.98 28.82 -9.58
C ASP B 314 11.02 27.74 -9.31
N GLU B 315 12.07 27.68 -10.14
CA GLU B 315 13.19 26.77 -9.94
C GLU B 315 14.30 27.53 -9.22
N TRP B 316 14.80 26.94 -8.13
CA TRP B 316 15.91 27.52 -7.39
C TRP B 316 17.21 26.92 -7.92
N ILE B 317 17.84 27.63 -8.85
CA ILE B 317 19.12 27.20 -9.41
C ILE B 317 20.20 27.79 -8.50
N LEU B 318 20.64 27.00 -7.52
CA LEU B 318 21.60 27.44 -6.52
C LEU B 318 22.98 26.95 -6.95
N VAL B 319 23.63 27.73 -7.81
CA VAL B 319 24.95 27.40 -8.34
C VAL B 319 25.84 28.63 -8.30
N ASN B 320 27.14 28.40 -8.46
CA ASN B 320 28.09 29.49 -8.53
C ASN B 320 27.99 30.19 -9.89
N LYS B 321 28.76 31.27 -10.05
CA LYS B 321 28.65 32.10 -11.25
C LYS B 321 29.08 31.33 -12.48
N ASP B 322 30.16 30.55 -12.39
CA ASP B 322 30.61 29.77 -13.54
C ASP B 322 29.55 28.78 -13.98
N ASP B 323 28.95 28.07 -13.03
CA ASP B 323 27.89 27.12 -13.38
C ASP B 323 26.68 27.84 -13.97
N GLU B 324 26.33 29.01 -13.43
CA GLU B 324 25.21 29.76 -13.97
C GLU B 324 25.46 30.15 -15.42
N THR B 325 26.66 30.65 -15.72
CA THR B 325 26.98 31.03 -17.09
C THR B 325 26.99 29.81 -18.02
N PHE B 326 27.55 28.69 -17.53
CA PHE B 326 27.54 27.44 -18.30
C PHE B 326 26.11 27.02 -18.64
N TYR B 327 25.23 27.01 -17.64
CA TYR B 327 23.84 26.62 -17.83
C TYR B 327 23.15 27.57 -18.80
N ASN B 328 23.35 28.88 -18.64
CA ASN B 328 22.70 29.85 -19.53
C ASN B 328 23.18 29.69 -20.96
N LYS B 329 24.48 29.47 -21.16
CA LYS B 329 25.00 29.25 -22.51
C LYS B 329 24.34 28.05 -23.16
N ILE B 330 24.29 26.92 -22.45
CA ILE B 330 23.73 25.71 -23.05
C ILE B 330 22.25 25.90 -23.32
N GLN B 331 21.54 26.55 -22.40
CA GLN B 331 20.12 26.78 -22.59
C GLN B 331 19.85 27.66 -23.80
N GLU B 332 20.62 28.75 -23.96
CA GLU B 332 20.39 29.64 -25.09
C GLU B 332 20.73 28.97 -26.41
N LYS B 333 21.85 28.24 -26.47
CA LYS B 333 22.28 27.65 -27.74
C LYS B 333 21.28 26.62 -28.26
N CYS B 334 20.73 25.79 -27.37
CA CYS B 334 19.87 24.69 -27.81
C CYS B 334 18.45 25.20 -28.07
N LYS B 335 17.95 24.95 -29.28
CA LYS B 335 16.63 25.39 -29.69
C LYS B 335 15.56 24.31 -29.53
N TYR B 336 15.93 23.13 -29.03
CA TYR B 336 15.00 22.03 -28.86
C TYR B 336 15.14 21.46 -27.45
N SER B 337 14.15 20.67 -27.05
CA SER B 337 14.19 19.90 -25.81
C SER B 337 13.71 18.49 -26.09
N LEU B 338 14.13 17.54 -25.24
CA LEU B 338 13.73 16.16 -25.45
C LEU B 338 12.21 16.01 -25.42
N GLU B 339 11.52 16.85 -24.64
CA GLU B 339 10.06 16.81 -24.66
C GLU B 339 9.53 17.20 -26.02
N ASP B 340 10.19 18.15 -26.69
CA ASP B 340 9.73 18.60 -28.00
C ASP B 340 9.81 17.49 -29.04
N ILE B 341 10.84 16.66 -28.99
CA ILE B 341 11.18 15.75 -30.07
C ILE B 341 10.91 14.29 -29.74
N ALA B 342 10.53 13.97 -28.51
CA ALA B 342 10.44 12.57 -28.12
C ALA B 342 9.16 12.30 -27.34
N ILE B 343 8.78 11.03 -27.32
CA ILE B 343 7.71 10.50 -26.48
C ILE B 343 8.35 9.66 -25.40
N SER B 344 8.08 10.00 -24.15
CA SER B 344 8.70 9.35 -23.00
C SER B 344 7.66 8.54 -22.21
N PHE B 345 8.12 7.47 -21.58
CA PHE B 345 7.23 6.66 -20.77
C PHE B 345 8.01 5.92 -19.69
N GLN B 346 7.27 5.56 -18.64
CA GLN B 346 7.78 4.80 -17.50
C GLN B 346 7.58 3.30 -17.75
N GLY B 347 8.42 2.51 -17.11
CA GLY B 347 8.39 1.07 -17.31
C GLY B 347 7.15 0.41 -16.75
N ILE B 348 7.12 -0.91 -16.90
CA ILE B 348 5.99 -1.70 -16.43
C ILE B 348 5.91 -1.63 -14.91
N ILE B 349 4.71 -1.47 -14.38
CA ILE B 349 4.45 -1.60 -12.96
C ILE B 349 3.54 -2.80 -12.79
N THR B 350 4.12 -3.97 -12.54
CA THR B 350 3.32 -5.18 -12.35
C THR B 350 2.48 -5.10 -11.08
N GLY B 351 3.05 -4.53 -10.02
CA GLY B 351 2.44 -4.55 -8.71
C GLY B 351 2.92 -5.66 -7.81
N CYS B 352 3.45 -6.74 -8.39
CA CYS B 352 4.12 -7.80 -7.64
C CYS B 352 5.10 -8.47 -8.60
N ASP B 353 6.37 -8.03 -8.56
CA ASP B 353 7.34 -8.57 -9.51
C ASP B 353 7.61 -10.05 -9.28
N LYS B 354 7.47 -10.52 -8.04
CA LYS B 354 7.68 -11.94 -7.77
C LYS B 354 6.67 -12.82 -8.49
N ALA B 355 5.49 -12.29 -8.75
CA ALA B 355 4.43 -13.04 -9.41
C ALA B 355 4.52 -13.03 -10.93
N PHE B 356 5.40 -12.20 -11.51
CA PHE B 356 5.47 -12.06 -12.95
C PHE B 356 6.89 -12.12 -13.54
N ILE B 357 7.93 -11.89 -12.75
CA ILE B 357 9.30 -11.89 -13.25
C ILE B 357 9.96 -13.20 -12.85
N LEU B 358 10.60 -13.86 -13.83
CA LEU B 358 11.28 -15.12 -13.58
C LEU B 358 12.68 -15.08 -14.16
N SER B 359 13.64 -15.63 -13.42
CA SER B 359 14.99 -15.77 -13.96
C SER B 359 14.94 -16.62 -15.22
N LYS B 360 15.76 -16.24 -16.21
CA LYS B 360 15.73 -16.95 -17.49
C LYS B 360 16.19 -18.40 -17.37
N ASP B 361 16.82 -18.77 -16.26
CA ASP B 361 17.18 -20.16 -15.99
C ASP B 361 16.13 -20.91 -15.18
N ASP B 362 15.01 -20.27 -14.85
CA ASP B 362 13.97 -20.93 -14.06
C ASP B 362 13.28 -22.01 -14.86
N VAL B 363 12.99 -23.13 -14.20
CA VAL B 363 12.30 -24.24 -14.86
C VAL B 363 10.84 -23.90 -15.14
N LYS B 364 10.23 -23.08 -14.28
CA LYS B 364 8.82 -22.74 -14.45
C LYS B 364 8.54 -22.01 -15.75
N LEU B 365 9.58 -21.42 -16.37
CA LEU B 365 9.41 -20.81 -17.69
C LEU B 365 8.96 -21.80 -18.74
N ASN B 366 9.27 -23.09 -18.56
CA ASN B 366 8.77 -24.11 -19.48
C ASN B 366 7.26 -24.22 -19.44
N LEU B 367 6.61 -23.74 -18.38
CA LEU B 367 5.16 -23.75 -18.31
C LEU B 367 4.52 -22.56 -18.99
N VAL B 368 5.30 -21.61 -19.48
CA VAL B 368 4.79 -20.39 -20.10
C VAL B 368 5.22 -20.38 -21.56
N ASP B 369 4.26 -20.15 -22.46
CA ASP B 369 4.56 -20.04 -23.87
C ASP B 369 5.41 -18.81 -24.14
N ASP B 370 6.32 -18.93 -25.12
CA ASP B 370 7.27 -17.86 -25.39
C ASP B 370 6.59 -16.59 -25.89
N LYS B 371 5.35 -16.69 -26.38
CA LYS B 371 4.64 -15.48 -26.81
C LYS B 371 4.29 -14.59 -25.61
N PHE B 372 4.06 -15.18 -24.45
CA PHE B 372 3.82 -14.40 -23.24
C PHE B 372 5.09 -13.80 -22.67
N LEU B 373 6.26 -14.30 -23.06
CA LEU B 373 7.52 -13.92 -22.42
C LEU B 373 8.14 -12.71 -23.11
N LYS B 374 8.55 -11.73 -22.32
CA LYS B 374 9.26 -10.56 -22.79
C LYS B 374 10.59 -10.45 -22.04
N CYS B 375 11.59 -9.87 -22.69
CA CYS B 375 12.85 -9.61 -22.00
C CYS B 375 12.65 -8.55 -20.92
N TRP B 376 13.40 -8.70 -19.82
CA TRP B 376 13.21 -7.85 -18.64
C TRP B 376 14.57 -7.44 -18.12
N ILE B 377 14.78 -6.12 -17.97
CA ILE B 377 16.05 -5.57 -17.52
C ILE B 377 15.83 -4.66 -16.34
N LYS B 378 16.86 -4.51 -15.52
CA LYS B 378 16.87 -3.63 -14.36
C LYS B 378 17.74 -2.41 -14.66
N SER B 379 17.82 -1.51 -13.67
CA SER B 379 18.57 -0.28 -13.85
C SER B 379 20.05 -0.55 -14.11
N LYS B 380 20.60 -1.56 -13.42
CA LYS B 380 22.04 -1.83 -13.57
C LYS B 380 22.39 -2.33 -14.96
N ASN B 381 21.41 -2.82 -15.72
CA ASN B 381 21.69 -3.31 -17.07
C ASN B 381 22.00 -2.18 -18.05
N ILE B 382 21.62 -0.94 -17.73
CA ILE B 382 21.81 0.17 -18.65
C ILE B 382 23.25 0.67 -18.54
N ASN B 383 23.93 0.74 -19.68
CA ASN B 383 25.26 1.32 -19.78
C ASN B 383 25.18 2.53 -20.72
N LYS B 384 26.33 3.12 -21.01
CA LYS B 384 26.41 4.13 -22.05
C LYS B 384 26.36 3.45 -23.41
N TYR B 385 25.37 3.84 -24.22
CA TYR B 385 25.11 3.48 -25.61
C TYR B 385 24.58 2.06 -25.80
N ILE B 386 24.59 1.19 -24.78
CA ILE B 386 24.18 -0.20 -24.95
C ILE B 386 23.57 -0.70 -23.65
N VAL B 387 22.84 -1.81 -23.76
CA VAL B 387 22.17 -2.44 -22.63
C VAL B 387 22.71 -3.86 -22.48
N ASP B 388 22.99 -4.25 -21.23
CA ASP B 388 23.45 -5.60 -20.96
C ASP B 388 22.36 -6.62 -21.30
N LYS B 389 22.79 -7.85 -21.57
CA LYS B 389 21.86 -8.92 -21.87
C LYS B 389 20.90 -9.14 -20.70
N SER B 390 19.61 -9.27 -21.02
CA SER B 390 18.61 -9.48 -19.99
C SER B 390 18.77 -10.87 -19.36
N GLU B 391 18.67 -10.92 -18.04
CA GLU B 391 18.72 -12.18 -17.31
C GLU B 391 17.36 -12.56 -16.73
N TYR B 392 16.30 -11.81 -17.06
CA TYR B 392 14.98 -12.07 -16.53
C TYR B 392 13.94 -11.97 -17.63
N ARG B 393 12.83 -12.67 -17.44
CA ARG B 393 11.70 -12.68 -18.36
C ARG B 393 10.44 -12.25 -17.63
N LEU B 394 9.63 -11.45 -18.32
CA LEU B 394 8.35 -10.99 -17.81
C LEU B 394 7.23 -11.75 -18.50
N ILE B 395 6.31 -12.28 -17.71
CA ILE B 395 5.12 -12.94 -18.21
C ILE B 395 4.07 -11.85 -18.41
N TYR B 396 3.83 -11.47 -19.67
CA TYR B 396 2.86 -10.41 -19.96
C TYR B 396 1.47 -10.99 -19.78
N SER B 397 1.01 -10.99 -18.52
CA SER B 397 -0.23 -11.68 -18.17
C SER B 397 -1.47 -11.03 -18.77
N ASN B 398 -1.37 -9.80 -19.27
CA ASN B 398 -2.53 -9.17 -19.88
C ASN B 398 -2.97 -9.86 -21.17
N ASP B 399 -2.13 -10.73 -21.74
CA ASP B 399 -2.46 -11.45 -22.96
C ASP B 399 -3.23 -12.74 -22.71
N ILE B 400 -3.49 -13.08 -21.45
CA ILE B 400 -4.23 -14.30 -21.13
C ILE B 400 -5.71 -14.02 -21.32
N ASP B 401 -6.30 -14.61 -22.36
CA ASP B 401 -7.70 -14.34 -22.69
C ASP B 401 -8.64 -14.87 -21.63
N ASN B 402 -8.49 -16.14 -21.25
CA ASN B 402 -9.35 -16.78 -20.28
C ASN B 402 -8.50 -17.55 -19.29
N GLU B 403 -9.06 -17.75 -18.09
CA GLU B 403 -8.33 -18.45 -17.05
C GLU B 403 -8.09 -19.91 -17.40
N ASN B 404 -9.11 -20.59 -17.95
CA ASN B 404 -9.00 -22.03 -18.17
C ASN B 404 -7.98 -22.38 -19.24
N THR B 405 -7.93 -21.60 -20.32
CA THR B 405 -7.06 -21.96 -21.45
C THR B 405 -5.58 -21.91 -21.08
N ASN B 406 -5.21 -21.16 -20.04
CA ASN B 406 -3.85 -21.09 -19.53
C ASN B 406 -3.84 -21.30 -18.02
N LYS B 407 -4.60 -22.30 -17.56
CA LYS B 407 -4.78 -22.51 -16.13
C LYS B 407 -3.48 -22.92 -15.46
N ARG B 408 -2.59 -23.61 -16.17
CA ARG B 408 -1.32 -24.04 -15.58
C ARG B 408 -0.49 -22.84 -15.15
N ILE B 409 -0.39 -21.83 -16.01
CA ILE B 409 0.41 -20.64 -15.70
C ILE B 409 -0.16 -19.94 -14.46
N LEU B 410 -1.48 -19.77 -14.42
CA LEU B 410 -2.10 -19.07 -13.31
C LEU B 410 -1.91 -19.84 -12.00
N ASP B 411 -2.21 -21.14 -12.02
CA ASP B 411 -2.17 -21.91 -10.78
C ASP B 411 -0.75 -22.08 -10.25
N GLU B 412 0.22 -22.31 -11.13
CA GLU B 412 1.53 -22.73 -10.68
C GLU B 412 2.54 -21.58 -10.53
N ILE B 413 2.31 -20.45 -11.19
CA ILE B 413 3.29 -19.36 -11.14
C ILE B 413 2.65 -18.07 -10.61
N ILE B 414 1.66 -17.54 -11.33
CA ILE B 414 1.08 -16.25 -10.98
C ILE B 414 0.25 -16.36 -9.70
N GLY B 415 -0.54 -17.43 -9.58
CA GLY B 415 -1.45 -17.56 -8.45
C GLY B 415 -0.78 -17.74 -7.10
N LEU B 416 0.53 -18.03 -7.08
CA LEU B 416 1.23 -18.16 -5.80
C LEU B 416 1.15 -16.90 -4.97
N TYR B 417 0.90 -15.76 -5.60
CA TYR B 417 0.71 -14.49 -4.89
C TYR B 417 -0.68 -13.93 -5.10
N LYS B 418 -1.65 -14.81 -5.40
CA LYS B 418 -2.99 -14.38 -5.80
C LYS B 418 -3.58 -13.40 -4.80
N THR B 419 -3.58 -13.76 -3.52
CA THR B 419 -4.10 -12.88 -2.48
C THR B 419 -3.45 -11.50 -2.55
N LYS B 420 -2.12 -11.47 -2.59
CA LYS B 420 -1.42 -10.20 -2.70
C LYS B 420 -1.82 -9.47 -3.98
N LEU B 421 -1.96 -10.22 -5.07
CA LEU B 421 -2.36 -9.61 -6.34
C LEU B 421 -3.73 -8.97 -6.24
N GLU B 422 -4.61 -9.52 -5.39
CA GLU B 422 -5.94 -8.95 -5.26
C GLU B 422 -5.94 -7.70 -4.40
N ASN B 423 -4.86 -7.44 -3.65
CA ASN B 423 -4.80 -6.27 -2.80
C ASN B 423 -4.55 -4.99 -3.59
N ARG B 424 -4.21 -5.09 -4.87
CA ARG B 424 -3.97 -3.92 -5.71
C ARG B 424 -5.24 -3.11 -5.91
N ARG B 425 -5.07 -1.80 -6.06
CA ARG B 425 -6.21 -0.88 -6.05
C ARG B 425 -7.18 -1.19 -7.18
N GLU B 426 -6.66 -1.43 -8.38
CA GLU B 426 -7.53 -1.64 -9.53
C GLU B 426 -8.20 -3.01 -9.50
N CYS B 427 -7.62 -3.98 -8.79
CA CYS B 427 -8.28 -5.27 -8.64
C CYS B 427 -9.47 -5.18 -7.68
N LYS B 428 -9.32 -4.44 -6.58
CA LYS B 428 -10.42 -4.26 -5.65
C LYS B 428 -11.55 -3.47 -6.29
N SER B 429 -11.22 -2.49 -7.13
CA SER B 429 -12.24 -1.74 -7.84
C SER B 429 -12.90 -2.54 -8.95
N GLY B 430 -12.33 -3.68 -9.33
CA GLY B 430 -12.95 -4.55 -10.31
C GLY B 430 -12.67 -4.22 -11.75
N ILE B 431 -11.80 -3.25 -12.02
CA ILE B 431 -11.46 -2.91 -13.41
C ILE B 431 -10.23 -3.66 -13.90
N ARG B 432 -9.51 -4.34 -13.01
CA ARG B 432 -8.32 -5.10 -13.38
C ARG B 432 -8.48 -6.52 -12.84
N LYS B 433 -8.22 -7.51 -13.69
CA LYS B 433 -8.32 -8.89 -13.27
C LYS B 433 -7.18 -9.23 -12.31
N TRP B 434 -7.41 -10.24 -11.48
CA TRP B 434 -6.49 -10.52 -10.38
C TRP B 434 -5.12 -10.95 -10.88
N TYR B 435 -5.04 -11.51 -12.08
CA TYR B 435 -3.79 -12.09 -12.55
C TYR B 435 -3.05 -11.23 -13.58
N GLU B 436 -3.71 -10.24 -14.16
CA GLU B 436 -3.03 -9.41 -15.14
C GLU B 436 -2.23 -8.30 -14.44
N LEU B 437 -1.32 -7.70 -15.21
CA LEU B 437 -0.42 -6.68 -14.67
C LEU B 437 -1.19 -5.44 -14.26
N GLN B 438 -0.71 -4.77 -13.21
CA GLN B 438 -1.43 -3.61 -12.69
C GLN B 438 -1.38 -2.44 -13.68
N TRP B 439 -0.19 -2.11 -14.18
CA TRP B 439 -0.03 -1.11 -15.22
C TRP B 439 0.85 -1.72 -16.31
N GLY B 440 0.21 -2.41 -17.26
CA GLY B 440 0.94 -3.09 -18.32
C GLY B 440 1.41 -2.21 -19.44
N ARG B 441 1.06 -0.93 -19.42
CA ARG B 441 1.52 0.06 -20.41
C ARG B 441 1.06 -0.40 -21.80
N GLU B 442 1.80 0.01 -22.84
CA GLU B 442 1.50 -0.36 -24.22
C GLU B 442 2.71 -1.10 -24.80
N LYS B 443 2.48 -2.32 -25.29
CA LYS B 443 3.58 -3.12 -25.80
C LYS B 443 4.24 -2.49 -27.02
N LEU B 444 3.47 -1.71 -27.80
CA LEU B 444 4.03 -1.09 -29.00
C LEU B 444 5.16 -0.13 -28.66
N PHE B 445 5.12 0.49 -27.48
CA PHE B 445 6.18 1.43 -27.12
C PHE B 445 7.47 0.72 -26.74
N PHE B 446 7.38 -0.48 -26.14
CA PHE B 446 8.58 -1.18 -25.72
C PHE B 446 9.21 -1.96 -26.87
N GLU B 447 8.39 -2.67 -27.65
CA GLU B 447 8.89 -3.57 -28.68
C GLU B 447 9.24 -2.77 -29.94
N ARG B 448 10.31 -1.98 -29.80
CA ARG B 448 10.82 -1.15 -30.88
C ARG B 448 12.21 -0.68 -30.49
N LYS B 449 12.88 -0.02 -31.44
CA LYS B 449 14.13 0.64 -31.14
C LYS B 449 13.85 1.90 -30.33
N LYS B 450 14.48 2.02 -29.17
CA LYS B 450 14.18 3.14 -28.28
C LYS B 450 15.43 3.51 -27.50
N ILE B 451 15.31 4.46 -26.58
CA ILE B 451 16.40 4.85 -25.69
C ILE B 451 15.95 4.62 -24.26
N MET B 452 16.77 3.94 -23.48
CA MET B 452 16.48 3.62 -22.10
C MET B 452 17.55 4.18 -21.18
N TYR B 453 17.14 4.61 -19.99
CA TYR B 453 18.07 5.13 -19.00
C TYR B 453 17.58 4.77 -17.60
N PRO B 454 18.49 4.51 -16.67
CA PRO B 454 18.07 4.18 -15.30
C PRO B 454 17.47 5.37 -14.61
N TYR B 455 16.54 5.10 -13.70
CA TYR B 455 15.83 6.17 -13.00
C TYR B 455 16.69 6.82 -11.92
N LYS B 456 17.75 6.14 -11.48
CA LYS B 456 18.65 6.68 -10.47
C LYS B 456 20.05 6.19 -10.80
N SER B 457 20.98 7.13 -11.01
CA SER B 457 22.34 6.77 -11.37
C SER B 457 23.29 7.85 -10.89
N ASN B 458 24.57 7.52 -10.90
CA ASN B 458 25.63 8.48 -10.60
C ASN B 458 26.00 9.35 -11.80
N GLU B 459 25.58 8.96 -13.00
CA GLU B 459 26.00 9.65 -14.21
C GLU B 459 24.94 9.43 -15.29
N ASN B 460 25.15 10.09 -16.43
CA ASN B 460 24.25 9.90 -17.56
C ASN B 460 24.53 8.56 -18.22
N ARG B 461 23.55 7.67 -18.19
CA ARG B 461 23.64 6.38 -18.87
C ARG B 461 22.41 6.25 -19.77
N PHE B 462 22.52 6.77 -20.99
CA PHE B 462 21.48 6.64 -22.00
C PHE B 462 21.93 5.62 -23.03
N ALA B 463 21.09 4.62 -23.29
CA ALA B 463 21.46 3.53 -24.18
C ALA B 463 20.39 3.31 -25.24
N ILE B 464 20.82 2.83 -26.40
CA ILE B 464 19.90 2.46 -27.46
C ILE B 464 19.51 1.00 -27.27
N ASP B 465 18.21 0.75 -27.15
CA ASP B 465 17.68 -0.60 -27.05
C ASP B 465 17.16 -1.04 -28.41
N TYR B 466 17.73 -2.13 -28.92
CA TYR B 466 17.26 -2.81 -30.13
C TYR B 466 16.46 -4.07 -29.82
N ASP B 467 16.52 -4.58 -28.59
CA ASP B 467 16.08 -5.93 -28.27
C ASP B 467 14.68 -5.97 -27.65
N ASN B 468 13.90 -4.89 -27.80
CA ASN B 468 12.53 -4.84 -27.29
C ASN B 468 12.50 -5.15 -25.79
N ASN B 469 13.48 -4.63 -25.06
CA ASN B 469 13.54 -4.89 -23.63
C ASN B 469 12.38 -4.20 -22.92
N PHE B 470 11.76 -4.93 -22.01
CA PHE B 470 10.80 -4.37 -21.06
C PHE B 470 11.52 -4.11 -19.74
N SER B 471 10.97 -3.21 -18.94
CA SER B 471 11.57 -2.87 -17.66
C SER B 471 10.50 -2.40 -16.71
N SER B 472 10.84 -2.40 -15.42
CA SER B 472 10.00 -1.82 -14.39
C SER B 472 10.21 -0.30 -14.35
N ALA B 473 9.68 0.35 -13.32
CA ALA B 473 9.79 1.80 -13.23
C ALA B 473 11.19 2.26 -12.82
N ASP B 474 12.15 1.35 -12.67
CA ASP B 474 13.52 1.76 -12.42
C ASP B 474 14.26 2.15 -13.69
N VAL B 475 13.66 1.94 -14.86
CA VAL B 475 14.23 2.35 -16.14
C VAL B 475 13.16 3.10 -16.92
N TYR B 476 13.51 4.27 -17.41
CA TYR B 476 12.62 5.05 -18.26
C TYR B 476 13.04 4.92 -19.72
N SER B 477 12.07 5.05 -20.62
CA SER B 477 12.34 4.91 -22.04
C SER B 477 11.72 6.07 -22.81
N PHE B 478 12.27 6.34 -23.98
CA PHE B 478 11.64 7.27 -24.89
C PHE B 478 12.02 6.93 -26.33
N PHE B 479 11.23 7.43 -27.26
CA PHE B 479 11.51 7.25 -28.68
C PHE B 479 11.26 8.55 -29.43
N ILE B 480 11.97 8.72 -30.54
CA ILE B 480 11.87 9.96 -31.31
C ILE B 480 10.56 9.99 -32.08
N LYS B 481 9.89 11.15 -32.04
CA LYS B 481 8.66 11.32 -32.80
C LYS B 481 8.92 11.19 -34.30
N GLU B 482 7.88 10.81 -35.03
CA GLU B 482 8.01 10.61 -36.47
C GLU B 482 8.45 11.88 -37.18
N GLU B 483 7.82 13.01 -36.82
CA GLU B 483 8.10 14.27 -37.51
C GLU B 483 9.47 14.84 -37.19
N TYR B 484 10.16 14.33 -36.18
CA TYR B 484 11.51 14.76 -35.86
C TYR B 484 12.57 13.75 -36.28
N LEU B 485 12.17 12.65 -36.92
CA LEU B 485 13.14 11.63 -37.31
C LEU B 485 14.12 12.16 -38.35
N ASP B 486 13.69 13.12 -39.18
CA ASP B 486 14.58 13.69 -40.18
C ASP B 486 15.60 14.64 -39.60
N LYS B 487 15.37 15.17 -38.39
CA LYS B 487 16.29 16.11 -37.76
C LYS B 487 17.20 15.46 -36.73
N PHE B 488 16.69 14.52 -35.94
CA PHE B 488 17.48 13.89 -34.88
C PHE B 488 17.40 12.38 -35.00
N SER B 489 18.54 11.73 -34.81
CA SER B 489 18.64 10.27 -34.79
C SER B 489 19.00 9.80 -33.40
N TYR B 490 18.74 8.51 -33.14
CA TYR B 490 19.04 7.95 -31.82
C TYR B 490 20.53 7.99 -31.53
N GLU B 491 21.36 7.74 -32.54
CA GLU B 491 22.81 7.73 -32.33
C GLU B 491 23.31 9.11 -31.90
N TYR B 492 22.82 10.17 -32.56
CA TYR B 492 23.20 11.53 -32.17
C TYR B 492 22.73 11.85 -30.75
N LEU B 493 21.49 11.44 -30.42
CA LEU B 493 20.96 11.74 -29.10
C LEU B 493 21.77 11.06 -28.01
N VAL B 494 22.09 9.77 -28.18
CA VAL B 494 22.88 9.10 -27.15
C VAL B 494 24.32 9.61 -27.15
N GLY B 495 24.82 10.07 -28.29
CA GLY B 495 26.16 10.64 -28.31
C GLY B 495 26.25 11.92 -27.49
N ILE B 496 25.29 12.82 -27.67
CA ILE B 496 25.39 14.08 -26.94
C ILE B 496 24.92 13.91 -25.49
N LEU B 497 24.01 12.98 -25.22
CA LEU B 497 23.51 12.80 -23.85
C LEU B 497 24.50 12.05 -22.96
N ASN B 498 25.34 11.21 -23.55
CA ASN B 498 26.36 10.49 -22.79
C ASN B 498 27.66 11.28 -22.65
N SER B 499 27.73 12.47 -23.25
CA SER B 499 28.94 13.25 -23.17
C SER B 499 29.15 13.81 -21.76
N SER B 500 30.38 14.21 -21.48
CA SER B 500 30.67 14.88 -20.21
C SER B 500 29.93 16.20 -20.11
N VAL B 501 29.84 16.93 -21.22
CA VAL B 501 29.18 18.24 -21.21
C VAL B 501 27.74 18.10 -20.75
N TYR B 502 27.00 17.16 -21.34
CA TYR B 502 25.59 17.02 -20.98
C TYR B 502 25.42 16.37 -19.61
N ASP B 503 26.38 15.55 -19.17
CA ASP B 503 26.32 15.03 -17.81
C ASP B 503 26.35 16.18 -16.81
N LYS B 504 27.35 17.06 -16.95
CA LYS B 504 27.42 18.20 -16.04
C LYS B 504 26.22 19.12 -16.20
N TYR B 505 25.82 19.36 -17.44
CA TYR B 505 24.69 20.22 -17.72
C TYR B 505 23.43 19.72 -17.04
N PHE B 506 23.18 18.41 -17.09
CA PHE B 506 22.02 17.86 -16.40
C PHE B 506 22.18 17.96 -14.89
N LYS B 507 23.37 17.65 -14.36
CA LYS B 507 23.55 17.68 -12.92
C LYS B 507 23.52 19.08 -12.33
N ILE B 508 23.56 20.13 -13.15
CA ILE B 508 23.37 21.49 -12.64
C ILE B 508 22.06 21.59 -11.86
N THR B 509 20.98 21.08 -12.43
CA THR B 509 19.66 21.20 -11.82
C THR B 509 19.02 19.86 -11.45
N ALA B 510 19.77 18.77 -11.51
CA ALA B 510 19.20 17.48 -11.18
C ALA B 510 18.87 17.38 -9.69
N LYS B 511 18.11 16.35 -9.35
CA LYS B 511 17.62 16.13 -7.99
C LYS B 511 18.54 15.12 -7.30
N LYS B 512 19.35 15.59 -6.37
CA LYS B 512 20.32 14.75 -5.69
C LYS B 512 19.62 13.92 -4.60
N MET B 513 19.61 12.61 -4.77
CA MET B 513 18.85 11.72 -3.90
C MET B 513 19.69 11.19 -2.74
N SER B 514 20.80 10.54 -3.06
CA SER B 514 21.69 9.98 -2.04
C SER B 514 23.11 10.16 -2.52
N LYS B 515 24.05 9.54 -1.80
CA LYS B 515 25.46 9.66 -2.15
C LYS B 515 25.70 9.08 -3.54
N ASN B 516 26.13 9.95 -4.46
CA ASN B 516 26.42 9.57 -5.84
C ASN B 516 25.20 8.97 -6.53
N ILE B 517 24.03 9.55 -6.27
CA ILE B 517 22.79 9.12 -6.91
C ILE B 517 21.97 10.35 -7.26
N TYR B 518 21.68 10.53 -8.54
CA TYR B 518 20.77 11.58 -9.01
C TYR B 518 19.49 10.93 -9.53
N ASP B 519 18.39 11.68 -9.46
CA ASP B 519 17.11 11.23 -10.00
C ASP B 519 17.07 11.54 -11.48
N TYR B 520 17.11 10.49 -12.31
CA TYR B 520 16.94 10.63 -13.75
C TYR B 520 15.49 10.34 -14.12
N TYR B 521 14.60 11.27 -13.73
CA TYR B 521 13.19 11.14 -14.03
C TYR B 521 12.79 12.09 -15.17
N PRO B 522 11.75 11.73 -15.93
CA PRO B 522 11.36 12.57 -17.07
C PRO B 522 11.03 14.00 -16.72
N ASN B 523 10.59 14.28 -15.48
CA ASN B 523 10.24 15.65 -15.13
C ASN B 523 11.43 16.59 -15.24
N LYS B 524 12.66 16.05 -15.23
CA LYS B 524 13.85 16.81 -15.52
C LYS B 524 14.60 16.32 -16.75
N VAL B 525 14.56 15.02 -17.04
CA VAL B 525 15.26 14.50 -18.22
C VAL B 525 14.65 15.06 -19.50
N MET B 526 13.32 15.09 -19.59
CA MET B 526 12.68 15.63 -20.78
C MET B 526 12.87 17.14 -20.90
N LYS B 527 13.36 17.81 -19.86
CA LYS B 527 13.69 19.23 -19.93
C LYS B 527 15.08 19.48 -20.50
N ILE B 528 15.87 18.42 -20.72
CA ILE B 528 17.20 18.58 -21.31
C ILE B 528 17.06 19.19 -22.69
N ARG B 529 17.84 20.23 -22.97
CA ARG B 529 17.78 20.93 -24.23
C ARG B 529 18.88 20.43 -25.17
N ILE B 530 18.51 20.23 -26.44
CA ILE B 530 19.43 19.67 -27.43
C ILE B 530 19.52 20.62 -28.62
N PHE B 531 20.58 20.43 -29.41
CA PHE B 531 20.92 21.32 -30.51
C PHE B 531 21.23 20.50 -31.76
N ARG B 532 21.26 21.20 -32.91
CA ARG B 532 21.75 20.60 -34.14
C ARG B 532 22.43 21.67 -34.98
N ASP B 533 23.64 21.38 -35.43
CA ASP B 533 24.42 22.34 -36.21
C ASP B 533 25.33 21.57 -37.15
N ASN B 534 26.35 22.24 -37.68
CA ASN B 534 27.26 21.60 -38.63
C ASN B 534 28.05 20.44 -38.01
N ASN B 535 28.17 20.40 -36.68
CA ASN B 535 28.86 19.29 -36.04
C ASN B 535 28.03 18.03 -35.97
N TYR B 536 26.75 18.09 -36.38
CA TYR B 536 25.85 16.95 -36.20
C TYR B 536 26.40 15.68 -36.84
N GLU B 537 26.87 15.78 -38.08
CA GLU B 537 27.31 14.59 -38.80
C GLU B 537 28.51 13.94 -38.11
N GLU B 538 29.49 14.74 -37.71
CA GLU B 538 30.69 14.18 -37.08
C GLU B 538 30.37 13.56 -35.73
N ILE B 539 29.51 14.21 -34.94
CA ILE B 539 29.11 13.66 -33.64
C ILE B 539 28.37 12.34 -33.83
N GLU B 540 27.47 12.31 -34.81
CA GLU B 540 26.74 11.06 -35.09
C GLU B 540 27.71 9.96 -35.52
N ASN B 541 28.70 10.29 -36.34
CA ASN B 541 29.65 9.28 -36.79
C ASN B 541 30.48 8.76 -35.62
N LEU B 542 30.91 9.65 -34.72
CA LEU B 542 31.64 9.21 -33.54
C LEU B 542 30.78 8.31 -32.66
N SER B 543 29.50 8.67 -32.49
CA SER B 543 28.59 7.84 -31.70
C SER B 543 28.44 6.45 -32.32
N LYS B 544 28.30 6.40 -33.65
CA LYS B 544 28.17 5.11 -34.32
C LYS B 544 29.44 4.28 -34.19
N GLN B 545 30.61 4.92 -34.27
CA GLN B 545 31.85 4.20 -34.06
C GLN B 545 31.93 3.62 -32.65
N ILE B 546 31.54 4.42 -31.65
CA ILE B 546 31.55 3.94 -30.27
C ILE B 546 30.61 2.74 -30.12
N ILE B 547 29.41 2.84 -30.68
CA ILE B 547 28.44 1.75 -30.59
C ILE B 547 28.99 0.49 -31.26
N SER B 548 29.61 0.65 -32.43
CA SER B 548 30.18 -0.50 -33.12
C SER B 548 31.28 -1.16 -32.29
N ILE B 549 32.14 -0.34 -31.66
CA ILE B 549 33.20 -0.91 -30.84
C ILE B 549 32.62 -1.65 -29.64
N LEU B 550 31.59 -1.06 -29.00
CA LEU B 550 31.00 -1.70 -27.82
C LEU B 550 30.37 -3.05 -28.17
N LEU B 551 29.76 -3.15 -29.35
CA LEU B 551 29.15 -4.42 -29.76
C LEU B 551 30.17 -5.41 -30.31
N ASN B 552 31.42 -5.00 -30.47
CA ASN B 552 32.44 -5.89 -31.02
C ASN B 552 32.87 -6.92 -29.98
N LYS B 553 33.49 -8.00 -30.47
CA LYS B 553 33.93 -9.07 -29.58
C LYS B 553 35.02 -8.58 -28.62
N SER B 554 36.02 -7.88 -29.15
CA SER B 554 37.12 -7.34 -28.36
C SER B 554 36.92 -5.84 -28.22
N ILE B 555 36.53 -5.40 -27.03
CA ILE B 555 36.24 -4.00 -26.78
C ILE B 555 37.53 -3.26 -26.46
N ASP B 556 37.81 -2.20 -27.21
CA ASP B 556 38.98 -1.34 -27.00
C ASP B 556 38.50 -0.13 -26.22
N LYS B 557 38.67 -0.17 -24.89
CA LYS B 557 38.26 0.95 -24.06
C LYS B 557 39.03 2.23 -24.39
N GLY B 558 40.30 2.09 -24.76
CA GLY B 558 41.09 3.27 -25.08
C GLY B 558 40.55 4.01 -26.29
N LYS B 559 40.24 3.27 -27.36
CA LYS B 559 39.69 3.91 -28.56
C LYS B 559 38.31 4.51 -28.28
N VAL B 560 37.51 3.83 -27.46
CA VAL B 560 36.23 4.40 -27.06
C VAL B 560 36.43 5.72 -26.34
N GLU B 561 37.42 5.76 -25.43
CA GLU B 561 37.68 7.00 -24.71
C GLU B 561 38.16 8.10 -25.64
N LYS B 562 39.00 7.77 -26.62
CA LYS B 562 39.46 8.76 -27.58
C LYS B 562 38.30 9.33 -28.38
N LEU B 563 37.43 8.46 -28.88
CA LEU B 563 36.27 8.92 -29.62
C LEU B 563 35.35 9.77 -28.75
N GLN B 564 35.17 9.37 -27.50
CA GLN B 564 34.32 10.13 -26.59
C GLN B 564 34.90 11.50 -26.31
N ILE B 565 36.23 11.59 -26.16
CA ILE B 565 36.88 12.88 -25.95
C ILE B 565 36.70 13.76 -27.18
N LYS B 566 36.86 13.19 -28.37
CA LYS B 566 36.61 13.96 -29.59
C LYS B 566 35.18 14.49 -29.61
N MET B 567 34.22 13.64 -29.25
CA MET B 567 32.82 14.07 -29.24
C MET B 567 32.58 15.16 -28.20
N ASP B 568 33.20 15.03 -27.03
CA ASP B 568 33.05 16.04 -25.99
C ASP B 568 33.61 17.39 -26.45
N ASN B 569 34.77 17.36 -27.11
CA ASN B 569 35.35 18.60 -27.63
C ASN B 569 34.46 19.20 -28.71
N LEU B 570 33.89 18.37 -29.58
CA LEU B 570 32.97 18.87 -30.60
C LEU B 570 31.75 19.52 -29.97
N ILE B 571 31.21 18.92 -28.90
CA ILE B 571 30.04 19.48 -28.24
C ILE B 571 30.38 20.79 -27.55
N MET B 572 31.55 20.86 -26.92
CA MET B 572 32.00 22.11 -26.32
C MET B 572 32.14 23.20 -27.37
N ASP B 573 32.72 22.86 -28.52
CA ASP B 573 32.84 23.83 -29.61
C ASP B 573 31.48 24.29 -30.09
N SER B 574 30.53 23.35 -30.20
CA SER B 574 29.18 23.70 -30.65
C SER B 574 28.50 24.65 -29.68
N LEU B 575 28.62 24.38 -28.38
CA LEU B 575 27.93 25.17 -27.36
C LEU B 575 28.69 26.41 -26.95
N GLY B 576 29.89 26.63 -27.49
CA GLY B 576 30.68 27.79 -27.11
C GLY B 576 31.17 27.74 -25.69
N ILE B 577 31.67 26.60 -25.23
CA ILE B 577 32.18 26.45 -23.88
C ILE B 577 33.48 25.67 -23.90
N GLY C 28 19.56 -39.27 25.40
CA GLY C 28 18.75 -38.06 25.41
C GLY C 28 17.47 -38.18 26.20
N ILE C 29 17.34 -39.26 26.97
CA ILE C 29 16.16 -39.52 27.79
C ILE C 29 16.51 -39.25 29.24
N TYR C 30 15.69 -38.45 29.92
CA TYR C 30 15.92 -38.06 31.29
C TYR C 30 14.83 -38.62 32.20
N TYR C 31 15.21 -38.95 33.43
CA TYR C 31 14.33 -39.56 34.40
C TYR C 31 13.74 -38.48 35.30
N THR C 32 12.46 -38.17 35.08
CA THR C 32 11.75 -37.25 35.95
C THR C 32 11.37 -37.97 37.25
N PRO C 33 11.63 -37.37 38.42
CA PRO C 33 11.33 -38.04 39.68
C PRO C 33 9.85 -38.38 39.82
N LYS C 34 9.58 -39.52 40.48
CA LYS C 34 8.21 -40.03 40.57
C LYS C 34 7.30 -39.06 41.29
N ILE C 35 7.80 -38.40 42.34
CA ILE C 35 6.98 -37.46 43.10
C ILE C 35 6.49 -36.32 42.21
N ILE C 36 7.38 -35.79 41.37
CA ILE C 36 7.00 -34.70 40.47
C ILE C 36 5.96 -35.18 39.45
N VAL C 37 6.13 -36.41 38.95
CA VAL C 37 5.18 -36.97 37.99
C VAL C 37 3.80 -37.07 38.61
N ASP C 38 3.72 -37.66 39.82
CA ASP C 38 2.43 -37.79 40.50
C ASP C 38 1.83 -36.44 40.78
N TYR C 39 2.65 -35.47 41.19
CA TYR C 39 2.14 -34.14 41.50
C TYR C 39 1.54 -33.48 40.26
N ILE C 40 2.24 -33.57 39.12
CA ILE C 40 1.73 -32.96 37.89
C ILE C 40 0.40 -33.60 37.50
N VAL C 41 0.34 -34.93 37.57
CA VAL C 41 -0.90 -35.63 37.21
C VAL C 41 -2.03 -35.19 38.13
N LYS C 42 -1.76 -35.09 39.43
CA LYS C 42 -2.80 -34.65 40.36
C LYS C 42 -3.25 -33.23 40.06
N LYS C 43 -2.31 -32.35 39.70
CA LYS C 43 -2.70 -30.98 39.38
C LYS C 43 -3.55 -30.90 38.12
N THR C 44 -3.36 -31.83 37.19
CA THR C 44 -4.16 -31.77 35.97
C THR C 44 -5.53 -32.44 36.13
N LEU C 45 -5.62 -33.51 36.92
CA LEU C 45 -6.83 -34.32 36.99
C LEU C 45 -7.45 -34.30 38.40
N LYS C 46 -7.28 -33.21 39.14
CA LYS C 46 -7.75 -33.17 40.52
C LYS C 46 -9.27 -33.22 40.59
N ASN C 47 -9.95 -32.36 39.84
CA ASN C 47 -11.39 -32.18 39.95
C ASN C 47 -12.05 -32.33 38.58
N HIS C 48 -11.70 -33.39 37.86
CA HIS C 48 -12.34 -33.71 36.59
C HIS C 48 -13.53 -34.64 36.83
N ASP C 49 -14.67 -34.28 36.24
CA ASP C 49 -15.88 -35.09 36.37
C ASP C 49 -15.83 -36.19 35.30
N ILE C 50 -15.70 -37.45 35.75
CA ILE C 50 -15.56 -38.55 34.80
C ILE C 50 -16.87 -38.79 34.06
N ILE C 51 -18.01 -38.66 34.74
CA ILE C 51 -19.28 -38.91 34.08
C ILE C 51 -19.63 -37.81 33.10
N LYS C 52 -19.26 -36.55 33.41
CA LYS C 52 -19.53 -35.46 32.49
C LYS C 52 -18.75 -35.62 31.18
N ASN C 53 -17.49 -36.04 31.26
CA ASN C 53 -16.64 -36.26 30.09
C ASN C 53 -16.07 -37.67 30.18
N PRO C 54 -16.86 -38.68 29.77
CA PRO C 54 -16.35 -40.06 29.83
C PRO C 54 -15.17 -40.33 28.92
N TYR C 55 -14.92 -39.46 27.93
CA TYR C 55 -13.87 -39.68 26.92
C TYR C 55 -12.91 -38.49 26.96
N PRO C 56 -12.01 -38.44 27.93
CA PRO C 56 -11.00 -37.37 27.96
C PRO C 56 -9.77 -37.74 27.13
N ARG C 57 -9.00 -36.70 26.80
CA ARG C 57 -7.77 -36.85 26.04
C ARG C 57 -6.62 -36.29 26.87
N ILE C 58 -5.65 -37.15 27.19
CA ILE C 58 -4.45 -36.76 27.93
C ILE C 58 -3.25 -36.91 26.99
N LEU C 59 -2.45 -35.85 26.89
CA LEU C 59 -1.36 -35.79 25.92
C LEU C 59 -0.04 -35.63 26.65
N ASP C 60 0.96 -36.43 26.26
CA ASP C 60 2.32 -36.28 26.73
C ASP C 60 3.19 -35.90 25.54
N ILE C 61 3.91 -34.79 25.66
CA ILE C 61 4.65 -34.24 24.53
C ILE C 61 6.05 -34.81 24.45
N SER C 62 6.68 -35.07 25.59
CA SER C 62 8.05 -35.59 25.65
C SER C 62 8.12 -36.74 26.64
N CYS C 63 7.21 -37.72 26.46
CA CYS C 63 7.11 -38.84 27.38
C CYS C 63 8.46 -39.53 27.58
N GLY C 64 9.15 -39.84 26.48
CA GLY C 64 10.45 -40.47 26.58
C GLY C 64 10.38 -41.80 27.30
N CYS C 65 10.86 -41.82 28.55
CA CYS C 65 10.75 -43.02 29.37
C CYS C 65 9.30 -43.44 29.58
N GLY C 66 8.35 -42.53 29.42
CA GLY C 66 6.95 -42.84 29.67
C GLY C 66 6.53 -42.70 31.12
N ASN C 67 7.25 -41.88 31.91
CA ASN C 67 6.97 -41.76 33.32
C ASN C 67 5.57 -41.23 33.58
N PHE C 68 5.17 -40.19 32.82
CA PHE C 68 3.90 -39.53 33.09
C PHE C 68 2.71 -40.38 32.66
N LEU C 69 2.81 -41.04 31.52
CA LEU C 69 1.66 -41.75 30.96
C LEU C 69 1.27 -42.96 31.80
N LEU C 70 2.23 -43.64 32.42
CA LEU C 70 1.89 -44.77 33.28
C LEU C 70 1.09 -44.32 34.51
N GLU C 71 1.50 -43.21 35.12
CA GLU C 71 0.74 -42.67 36.24
C GLU C 71 -0.64 -42.18 35.79
N VAL C 72 -0.70 -41.59 34.59
CA VAL C 72 -1.99 -41.19 34.04
C VAL C 72 -2.90 -42.40 33.88
N TYR C 73 -2.36 -43.50 33.35
CA TYR C 73 -3.15 -44.72 33.20
C TYR C 73 -3.63 -45.25 34.54
N ASP C 74 -2.75 -45.25 35.55
CA ASP C 74 -3.14 -45.73 36.86
C ASP C 74 -4.28 -44.90 37.45
N ILE C 75 -4.15 -43.57 37.40
CA ILE C 75 -5.16 -42.71 37.99
C ILE C 75 -6.46 -42.80 37.20
N LEU C 76 -6.38 -42.90 35.86
CA LEU C 76 -7.57 -43.06 35.04
C LEU C 76 -8.29 -44.36 35.37
N TYR C 77 -7.54 -45.45 35.53
CA TYR C 77 -8.16 -46.74 35.87
C TYR C 77 -8.82 -46.68 37.23
N ASP C 78 -8.17 -46.06 38.22
CA ASP C 78 -8.77 -45.92 39.54
C ASP C 78 -10.05 -45.10 39.48
N LEU C 79 -10.03 -43.99 38.72
CA LEU C 79 -11.22 -43.14 38.62
C LEU C 79 -12.36 -43.86 37.92
N PHE C 80 -12.06 -44.60 36.85
CA PHE C 80 -13.10 -45.36 36.16
C PHE C 80 -13.68 -46.44 37.04
N GLU C 81 -12.82 -47.15 37.80
CA GLU C 81 -13.30 -48.20 38.69
C GLU C 81 -14.17 -47.64 39.80
N GLU C 82 -13.81 -46.47 40.34
CA GLU C 82 -14.57 -45.91 41.46
C GLU C 82 -15.96 -45.46 41.03
N ASN C 83 -16.12 -44.98 39.79
CA ASN C 83 -17.38 -44.44 39.29
C ASN C 83 -17.94 -45.28 38.15
N ILE C 84 -17.90 -46.61 38.31
CA ILE C 84 -18.36 -47.50 37.25
C ILE C 84 -19.86 -47.75 37.28
N TYR C 85 -20.50 -47.57 38.44
CA TYR C 85 -21.96 -47.77 38.51
C TYR C 85 -22.69 -46.78 37.61
N GLU C 86 -22.30 -45.51 37.64
CA GLU C 86 -22.92 -44.54 36.75
C GLU C 86 -22.50 -44.77 35.30
N LEU C 87 -21.32 -45.34 35.09
CA LEU C 87 -20.93 -45.73 33.73
C LEU C 87 -21.87 -46.78 33.17
N LYS C 88 -22.25 -47.76 34.00
CA LYS C 88 -23.19 -48.77 33.56
C LYS C 88 -24.62 -48.24 33.48
N LYS C 89 -24.94 -47.23 34.29
CA LYS C 89 -26.31 -46.71 34.33
C LYS C 89 -26.57 -45.74 33.19
N LYS C 90 -25.83 -44.63 33.13
CA LYS C 90 -26.06 -43.61 32.11
C LYS C 90 -25.79 -44.15 30.71
N TYR C 91 -24.72 -44.93 30.55
CA TYR C 91 -24.36 -45.51 29.27
C TYR C 91 -24.82 -46.97 29.23
N ASP C 92 -24.42 -47.68 28.18
CA ASP C 92 -24.80 -49.08 28.06
C ASP C 92 -24.17 -49.90 29.17
N GLU C 93 -25.00 -50.66 29.89
CA GLU C 93 -24.51 -51.47 31.00
C GLU C 93 -23.57 -52.56 30.51
N ASN C 94 -23.94 -53.26 29.44
CA ASN C 94 -23.11 -54.35 28.94
C ASN C 94 -21.83 -53.83 28.30
N TYR C 95 -21.92 -52.76 27.52
CA TYR C 95 -20.74 -52.24 26.82
C TYR C 95 -19.71 -51.69 27.80
N TRP C 96 -20.16 -51.06 28.88
CA TRP C 96 -19.27 -50.47 29.88
C TRP C 96 -19.05 -51.50 30.98
N THR C 97 -17.88 -52.15 30.97
CA THR C 97 -17.53 -53.15 31.96
C THR C 97 -16.11 -52.90 32.45
N VAL C 98 -15.70 -53.70 33.44
CA VAL C 98 -14.36 -53.57 33.99
C VAL C 98 -13.32 -53.91 32.94
N ASP C 99 -13.56 -54.98 32.16
CA ASP C 99 -12.62 -55.36 31.12
C ASP C 99 -12.54 -54.32 30.02
N ASN C 100 -13.64 -53.61 29.74
CA ASN C 100 -13.64 -52.63 28.66
C ASN C 100 -12.84 -51.38 28.99
N ILE C 101 -12.59 -51.11 30.28
CA ILE C 101 -11.96 -49.85 30.67
C ILE C 101 -10.51 -49.79 30.18
N HIS C 102 -9.81 -50.92 30.22
CA HIS C 102 -8.43 -50.98 29.72
C HIS C 102 -8.36 -50.55 28.26
N ARG C 103 -9.16 -51.22 27.41
CA ARG C 103 -9.16 -50.92 25.98
C ARG C 103 -9.65 -49.50 25.72
N HIS C 104 -10.65 -49.05 26.49
CA HIS C 104 -11.19 -47.72 26.30
C HIS C 104 -10.15 -46.65 26.62
N ILE C 105 -9.42 -46.80 27.73
CA ILE C 105 -8.37 -45.85 28.07
C ILE C 105 -7.31 -45.83 26.98
N LEU C 106 -6.85 -47.01 26.55
CA LEU C 106 -5.75 -47.04 25.60
C LEU C 106 -6.14 -46.50 24.24
N ASN C 107 -7.37 -46.79 23.78
CA ASN C 107 -7.79 -46.33 22.46
C ASN C 107 -8.33 -44.90 22.45
N TYR C 108 -8.78 -44.38 23.59
CA TYR C 108 -9.49 -43.11 23.61
C TYR C 108 -8.91 -42.06 24.53
N CYS C 109 -7.96 -42.39 25.41
CA CYS C 109 -7.48 -41.43 26.39
C CYS C 109 -6.01 -41.08 26.26
N ILE C 110 -5.12 -42.08 26.27
CA ILE C 110 -3.69 -41.83 26.34
C ILE C 110 -3.16 -41.49 24.96
N TYR C 111 -2.46 -40.36 24.86
CA TYR C 111 -1.79 -39.96 23.63
C TYR C 111 -0.41 -39.41 23.97
N GLY C 112 0.59 -39.81 23.18
CA GLY C 112 1.95 -39.40 23.42
C GLY C 112 2.69 -39.15 22.11
N ALA C 113 3.90 -38.60 22.25
CA ALA C 113 4.75 -38.32 21.10
C ALA C 113 6.19 -38.24 21.56
N ASP C 114 7.10 -38.69 20.70
CA ASP C 114 8.53 -38.61 20.97
C ASP C 114 9.28 -38.80 19.66
N ILE C 115 10.57 -38.47 19.67
CA ILE C 115 11.41 -38.61 18.48
C ILE C 115 12.26 -39.86 18.50
N ASP C 116 12.12 -40.70 19.53
CA ASP C 116 12.88 -41.94 19.66
C ASP C 116 11.94 -43.13 19.53
N GLU C 117 12.26 -44.05 18.62
CA GLU C 117 11.41 -45.21 18.42
C GLU C 117 11.57 -46.25 19.52
N LYS C 118 12.76 -46.37 20.10
CA LYS C 118 12.95 -47.32 21.20
C LYS C 118 12.12 -46.91 22.41
N ALA C 119 12.07 -45.60 22.70
CA ALA C 119 11.29 -45.13 23.84
C ALA C 119 9.81 -45.40 23.65
N ILE C 120 9.27 -45.14 22.46
CA ILE C 120 7.85 -45.37 22.23
C ILE C 120 7.55 -46.86 22.20
N SER C 121 8.48 -47.69 21.71
CA SER C 121 8.28 -49.14 21.76
C SER C 121 8.25 -49.64 23.20
N ILE C 122 9.15 -49.14 24.05
CA ILE C 122 9.15 -49.52 25.45
C ILE C 122 7.85 -49.08 26.13
N LEU C 123 7.40 -47.86 25.83
CA LEU C 123 6.14 -47.37 26.39
C LEU C 123 4.96 -48.23 25.95
N LYS C 124 4.94 -48.61 24.67
CA LYS C 124 3.86 -49.46 24.18
C LYS C 124 3.88 -50.83 24.86
N ASP C 125 5.08 -51.39 25.05
CA ASP C 125 5.18 -52.67 25.76
C ASP C 125 4.69 -52.55 27.19
N SER C 126 5.07 -51.47 27.88
CA SER C 126 4.64 -51.26 29.26
C SER C 126 3.12 -51.10 29.34
N LEU C 127 2.53 -50.34 28.42
CA LEU C 127 1.08 -50.16 28.40
C LEU C 127 0.37 -51.48 28.10
N THR C 128 0.92 -52.27 27.18
CA THR C 128 0.33 -53.58 26.88
C THR C 128 0.37 -54.49 28.10
N ASN C 129 1.48 -54.48 28.84
CA ASN C 129 1.62 -55.32 30.02
C ASN C 129 0.82 -54.80 31.21
N LYS C 130 0.28 -53.59 31.14
CA LYS C 130 -0.50 -53.04 32.24
C LYS C 130 -1.97 -53.46 32.15
N ILE C 141 -8.41 -54.33 18.64
CA ILE C 141 -7.41 -54.29 19.70
C ILE C 141 -6.14 -53.58 19.22
N LYS C 142 -6.03 -52.29 19.54
CA LYS C 142 -4.88 -51.50 19.14
C LYS C 142 -4.76 -50.28 20.05
N ILE C 143 -3.53 -49.80 20.23
CA ILE C 143 -3.25 -48.63 21.04
C ILE C 143 -2.88 -47.47 20.12
N ASN C 144 -2.79 -46.27 20.70
CA ASN C 144 -2.55 -45.05 19.95
C ASN C 144 -1.37 -44.29 20.57
N LEU C 145 -0.22 -44.35 19.89
CA LEU C 145 0.97 -43.60 20.33
C LEU C 145 1.73 -43.19 19.07
N PHE C 146 1.55 -41.94 18.65
CA PHE C 146 2.22 -41.44 17.45
C PHE C 146 3.68 -41.14 17.75
N CYS C 147 4.55 -41.43 16.78
CA CYS C 147 6.00 -41.22 16.91
C CYS C 147 6.44 -40.23 15.83
N CYS C 148 6.42 -38.94 16.17
CA CYS C 148 6.89 -37.90 15.27
C CYS C 148 7.45 -36.77 16.11
N ASP C 149 8.04 -35.78 15.43
CA ASP C 149 8.50 -34.58 16.12
C ASP C 149 7.28 -33.84 16.68
N SER C 150 7.31 -33.56 17.99
CA SER C 150 6.17 -32.94 18.65
C SER C 150 5.90 -31.54 18.12
N LEU C 151 6.95 -30.81 17.75
CA LEU C 151 6.79 -29.45 17.23
C LEU C 151 6.35 -29.41 15.78
N LYS C 152 6.39 -30.54 15.07
CA LYS C 152 5.99 -30.60 13.67
C LYS C 152 4.78 -31.48 13.41
N LYS C 153 4.32 -32.25 14.41
CA LYS C 153 3.16 -33.12 14.20
C LYS C 153 1.91 -32.29 13.98
N LYS C 154 1.12 -32.70 12.99
CA LYS C 154 -0.14 -32.01 12.70
C LYS C 154 -1.18 -32.35 13.76
N TRP C 155 -1.87 -31.34 14.27
CA TRP C 155 -2.89 -31.51 15.30
C TRP C 155 -4.18 -30.84 14.81
N ARG C 156 -5.11 -31.66 14.32
CA ARG C 156 -6.42 -31.18 13.89
C ARG C 156 -7.44 -31.18 15.01
N TYR C 157 -7.03 -31.54 16.23
CA TYR C 157 -7.94 -31.61 17.37
C TYR C 157 -7.17 -31.22 18.61
N LYS C 158 -7.85 -30.55 19.54
CA LYS C 158 -7.24 -30.10 20.78
C LYS C 158 -7.35 -31.18 21.85
N PHE C 159 -6.69 -30.93 22.98
CA PHE C 159 -6.59 -31.89 24.07
C PHE C 159 -7.10 -31.30 25.38
N ASP C 160 -7.69 -32.16 26.20
CA ASP C 160 -8.23 -31.70 27.48
C ASP C 160 -7.11 -31.40 28.47
N TYR C 161 -6.12 -32.28 28.57
CA TYR C 161 -5.03 -32.13 29.53
C TYR C 161 -3.70 -32.46 28.86
N ILE C 162 -2.67 -31.70 29.20
CA ILE C 162 -1.33 -31.90 28.65
C ILE C 162 -0.33 -31.93 29.80
N VAL C 163 0.48 -32.99 29.85
CA VAL C 163 1.51 -33.17 30.86
C VAL C 163 2.80 -33.62 30.17
N GLY C 164 3.89 -33.60 30.92
CA GLY C 164 5.14 -34.14 30.45
C GLY C 164 6.31 -33.30 30.89
N ASN C 165 7.48 -33.63 30.35
CA ASN C 165 8.74 -32.96 30.65
C ASN C 165 9.47 -32.71 29.34
N PRO C 166 9.31 -31.52 28.75
CA PRO C 166 9.86 -31.26 27.42
C PRO C 166 11.38 -31.23 27.45
N PRO C 167 12.04 -31.51 26.32
CA PRO C 167 13.50 -31.41 26.29
C PRO C 167 13.97 -29.97 26.37
N TYR C 168 15.15 -29.78 26.96
CA TYR C 168 15.79 -28.48 27.08
C TYR C 168 17.01 -28.48 26.17
N ILE C 169 16.97 -27.68 25.11
CA ILE C 169 18.09 -27.57 24.18
C ILE C 169 18.48 -26.10 24.09
N GLY C 170 19.71 -25.78 24.49
CA GLY C 170 20.22 -24.43 24.41
C GLY C 170 20.57 -24.04 22.99
N HIS C 171 20.96 -22.77 22.83
CA HIS C 171 21.27 -22.25 21.51
C HIS C 171 22.59 -22.77 20.97
N LYS C 172 23.44 -23.35 21.81
CA LYS C 172 24.70 -23.95 21.35
C LYS C 172 24.51 -25.38 20.86
N LYS C 173 23.84 -26.21 21.66
CA LYS C 173 23.70 -27.63 21.37
C LYS C 173 22.58 -27.92 20.38
N LEU C 174 21.97 -26.90 19.81
CA LEU C 174 20.85 -27.06 18.88
C LEU C 174 21.36 -26.89 17.44
N GLU C 175 20.97 -27.81 16.56
CA GLU C 175 21.41 -27.76 15.18
C GLU C 175 20.85 -26.52 14.49
N LYS C 176 21.65 -25.93 13.61
CA LYS C 176 21.23 -24.71 12.91
C LYS C 176 20.04 -24.98 11.99
N LYS C 177 19.96 -26.19 11.41
CA LYS C 177 18.82 -26.53 10.57
C LYS C 177 17.52 -26.52 11.39
N TYR C 178 17.56 -27.07 12.60
CA TYR C 178 16.38 -27.02 13.46
C TYR C 178 16.06 -25.59 13.87
N LYS C 179 17.09 -24.80 14.17
CA LYS C 179 16.88 -23.42 14.60
C LYS C 179 16.27 -22.58 13.50
N LYS C 180 16.57 -22.88 12.24
CA LYS C 180 15.95 -22.14 11.13
C LYS C 180 14.44 -22.35 11.14
N PHE C 181 13.99 -23.60 11.29
CA PHE C 181 12.57 -23.88 11.38
C PHE C 181 11.95 -23.24 12.63
N LEU C 182 12.67 -23.30 13.75
CA LEU C 182 12.15 -22.69 14.98
C LEU C 182 11.95 -21.19 14.81
N LEU C 183 12.91 -20.51 14.19
CA LEU C 183 12.77 -19.09 13.93
C LEU C 183 11.63 -18.81 12.96
N GLU C 184 11.46 -19.66 11.94
CA GLU C 184 10.41 -19.41 10.96
C GLU C 184 9.01 -19.56 11.57
N LYS C 185 8.77 -20.66 12.28
CA LYS C 185 7.41 -21.01 12.69
C LYS C 185 7.08 -20.63 14.12
N TYR C 186 8.07 -20.61 15.02
CA TYR C 186 7.85 -20.28 16.42
C TYR C 186 8.47 -18.93 16.78
N SER C 187 8.39 -17.97 15.86
CA SER C 187 9.01 -16.66 16.06
C SER C 187 8.35 -15.88 17.19
N GLU C 188 7.13 -16.26 17.60
CA GLU C 188 6.43 -15.51 18.63
C GLU C 188 7.07 -15.68 20.01
N VAL C 189 7.81 -16.77 20.24
CA VAL C 189 8.40 -17.02 21.56
C VAL C 189 9.87 -17.38 21.44
N TYR C 190 10.32 -17.69 20.22
CA TYR C 190 11.70 -18.13 20.00
C TYR C 190 12.43 -17.10 19.14
N LYS C 191 13.59 -16.65 19.64
CA LYS C 191 14.47 -15.75 18.92
C LYS C 191 15.76 -15.61 19.71
N ASP C 192 16.87 -15.43 18.98
CA ASP C 192 18.19 -15.18 19.56
C ASP C 192 18.57 -16.35 20.47
N LYS C 193 18.78 -16.15 21.76
CA LYS C 193 19.27 -17.19 22.65
C LYS C 193 18.14 -17.97 23.33
N ALA C 194 16.98 -18.05 22.69
CA ALA C 194 15.85 -18.76 23.27
C ALA C 194 16.09 -20.27 23.28
N ASP C 195 15.31 -20.97 24.08
CA ASP C 195 15.45 -22.41 24.26
C ASP C 195 14.27 -23.14 23.62
N LEU C 196 14.47 -24.44 23.40
CA LEU C 196 13.47 -25.25 22.72
C LEU C 196 12.18 -25.37 23.53
N TYR C 197 12.29 -25.40 24.86
CA TYR C 197 11.08 -25.53 25.65
C TYR C 197 10.20 -24.29 25.58
N PHE C 198 10.71 -23.16 25.10
CA PHE C 198 9.81 -22.04 24.77
C PHE C 198 8.83 -22.46 23.67
N CYS C 199 9.35 -23.09 22.62
CA CYS C 199 8.50 -23.58 21.54
C CYS C 199 7.58 -24.69 22.03
N PHE C 200 8.07 -25.53 22.93
CA PHE C 200 7.20 -26.55 23.52
C PHE C 200 6.07 -25.93 24.31
N TYR C 201 6.36 -24.86 25.06
CA TYR C 201 5.31 -24.12 25.77
C TYR C 201 4.28 -23.59 24.78
N LYS C 202 4.73 -22.98 23.69
CA LYS C 202 3.78 -22.43 22.72
C LYS C 202 2.92 -23.52 22.11
N LYS C 203 3.53 -24.66 21.75
CA LYS C 203 2.76 -25.75 21.19
C LYS C 203 1.73 -26.28 22.18
N ILE C 204 2.12 -26.43 23.45
CA ILE C 204 1.21 -26.93 24.47
C ILE C 204 0.03 -25.97 24.66
N ILE C 205 0.33 -24.67 24.74
CA ILE C 205 -0.73 -23.68 24.93
C ILE C 205 -1.68 -23.66 23.73
N ASP C 206 -1.12 -23.70 22.51
CA ASP C 206 -1.94 -23.54 21.32
C ASP C 206 -2.93 -24.69 21.15
N ILE C 207 -2.50 -25.93 21.38
CA ILE C 207 -3.34 -27.10 21.14
C ILE C 207 -4.10 -27.46 22.41
N LEU C 208 -4.08 -26.57 23.40
CA LEU C 208 -4.85 -26.78 24.61
C LEU C 208 -6.29 -26.34 24.38
N LYS C 209 -7.22 -27.24 24.63
CA LYS C 209 -8.64 -26.94 24.43
C LYS C 209 -9.11 -25.87 25.41
N GLN C 210 -10.10 -25.09 24.97
CA GLN C 210 -10.64 -24.02 25.80
C GLN C 210 -11.23 -24.59 27.09
N GLY C 211 -10.61 -24.27 28.22
CA GLY C 211 -11.00 -24.82 29.50
C GLY C 211 -10.11 -25.95 30.00
N GLY C 212 -9.06 -26.30 29.25
CA GLY C 212 -8.19 -27.38 29.66
C GLY C 212 -7.18 -26.97 30.71
N ILE C 213 -6.48 -27.98 31.25
CA ILE C 213 -5.48 -27.79 32.29
C ILE C 213 -4.15 -28.32 31.75
N GLY C 214 -3.11 -27.50 31.87
CA GLY C 214 -1.76 -27.92 31.51
C GLY C 214 -0.84 -27.80 32.71
N SER C 215 0.11 -28.74 32.80
CA SER C 215 1.06 -28.74 33.91
C SER C 215 2.35 -29.38 33.42
N VAL C 216 3.45 -28.62 33.48
CA VAL C 216 4.74 -29.09 32.98
C VAL C 216 5.85 -28.72 33.96
N ILE C 217 7.00 -29.36 33.78
CA ILE C 217 8.21 -29.04 34.52
C ILE C 217 9.27 -28.61 33.50
N THR C 218 9.82 -27.41 33.70
CA THR C 218 10.76 -26.82 32.76
C THR C 218 11.91 -26.19 33.53
N PRO C 219 12.91 -25.61 32.88
CA PRO C 219 13.86 -24.78 33.61
C PRO C 219 13.19 -23.53 34.14
N ARG C 220 13.69 -23.03 35.27
CA ARG C 220 13.13 -21.85 35.91
C ARG C 220 13.64 -20.55 35.31
N TYR C 221 14.58 -20.62 34.37
CA TYR C 221 15.30 -19.41 33.95
C TYR C 221 14.41 -18.47 33.13
N PHE C 222 13.44 -19.01 32.39
CA PHE C 222 12.59 -18.16 31.55
C PHE C 222 11.75 -17.20 32.38
N LEU C 223 11.60 -17.45 33.68
CA LEU C 223 10.85 -16.54 34.54
C LEU C 223 11.51 -15.17 34.61
N GLU C 224 12.84 -15.12 34.49
CA GLU C 224 13.58 -13.88 34.64
C GLU C 224 14.54 -13.57 33.50
N SER C 225 14.83 -14.53 32.62
CA SER C 225 15.85 -14.33 31.61
C SER C 225 15.40 -13.32 30.56
N LEU C 226 16.38 -12.74 29.87
CA LEU C 226 16.08 -11.81 28.78
C LEU C 226 15.37 -12.52 27.63
N SER C 227 15.73 -13.79 27.37
CA SER C 227 15.12 -14.52 26.27
C SER C 227 13.66 -14.84 26.55
N GLY C 228 13.28 -14.97 27.82
CA GLY C 228 11.93 -15.39 28.17
C GLY C 228 10.85 -14.35 27.97
N LYS C 229 11.22 -13.09 27.76
CA LYS C 229 10.25 -12.00 27.69
C LYS C 229 9.05 -12.37 26.84
N ASP C 230 9.29 -12.60 25.54
CA ASP C 230 8.19 -12.95 24.63
C ASP C 230 7.38 -14.10 25.19
N LEU C 231 8.06 -15.19 25.58
CA LEU C 231 7.35 -16.35 26.10
C LEU C 231 6.44 -15.94 27.25
N ARG C 232 6.97 -15.18 28.21
CA ARG C 232 6.16 -14.74 29.33
C ARG C 232 4.92 -14.04 28.83
N GLU C 233 5.10 -13.05 27.95
CA GLU C 233 3.98 -12.32 27.38
C GLU C 233 2.96 -13.29 26.80
N TYR C 234 3.44 -14.24 25.99
CA TYR C 234 2.55 -15.20 25.36
C TYR C 234 1.69 -15.89 26.41
N ILE C 235 2.33 -16.42 27.45
CA ILE C 235 1.58 -17.11 28.50
C ILE C 235 0.57 -16.16 29.11
N LYS C 236 1.02 -14.96 29.48
CA LYS C 236 0.14 -13.99 30.13
C LYS C 236 -1.03 -13.62 29.25
N SER C 237 -0.89 -13.75 27.93
CA SER C 237 -1.96 -13.36 27.02
C SER C 237 -2.81 -14.54 26.57
N ASN C 238 -2.45 -15.77 26.92
CA ASN C 238 -3.15 -16.91 26.34
C ASN C 238 -3.81 -17.82 27.37
N VAL C 239 -3.18 -18.02 28.52
CA VAL C 239 -3.71 -18.90 29.54
C VAL C 239 -3.69 -18.19 30.88
N ASN C 240 -4.58 -18.63 31.78
CA ASN C 240 -4.59 -18.16 33.16
C ASN C 240 -3.63 -19.04 33.96
N VAL C 241 -2.65 -18.41 34.60
CA VAL C 241 -1.66 -19.15 35.38
C VAL C 241 -2.26 -19.46 36.75
N GLN C 242 -2.24 -20.75 37.11
CA GLN C 242 -2.79 -21.17 38.39
C GLN C 242 -1.71 -21.30 39.46
N GLU C 243 -0.65 -22.04 39.17
CA GLU C 243 0.34 -22.36 40.19
C GLU C 243 1.75 -22.33 39.60
N ILE C 244 2.68 -21.83 40.40
CA ILE C 244 4.11 -21.82 40.07
C ILE C 244 4.87 -22.39 41.26
N VAL C 245 5.59 -23.47 41.02
CA VAL C 245 6.50 -24.05 42.02
C VAL C 245 7.92 -23.79 41.54
N ASP C 246 8.66 -22.98 42.30
CA ASP C 246 10.02 -22.58 41.93
C ASP C 246 11.00 -23.24 42.89
N PHE C 247 11.77 -24.21 42.38
CA PHE C 247 12.77 -24.90 43.19
C PHE C 247 14.08 -24.13 43.28
N LEU C 248 14.19 -22.99 42.61
CA LEU C 248 15.37 -22.14 42.66
C LEU C 248 16.64 -22.94 42.35
N GLY C 249 17.71 -22.70 43.12
CA GLY C 249 18.99 -23.34 42.86
C GLY C 249 19.03 -24.83 43.13
N ALA C 250 18.01 -25.37 43.80
CA ALA C 250 17.97 -26.80 44.07
C ALA C 250 17.88 -27.59 42.78
N ASN C 251 18.52 -28.75 42.75
CA ASN C 251 18.57 -29.61 41.57
C ASN C 251 17.65 -30.80 41.80
N ILE C 252 16.51 -30.80 41.11
CA ILE C 252 15.57 -31.91 41.20
C ILE C 252 16.13 -33.15 40.51
N PHE C 253 16.80 -32.97 39.37
CA PHE C 253 17.33 -34.08 38.59
C PHE C 253 18.74 -34.41 39.07
N LYS C 254 18.95 -35.68 39.42
CA LYS C 254 20.25 -36.12 39.92
C LYS C 254 21.30 -36.09 38.82
N ASN C 255 22.49 -35.59 39.17
CA ASN C 255 23.64 -35.48 38.28
C ASN C 255 23.34 -34.64 37.04
N ILE C 256 22.37 -33.73 37.13
CA ILE C 256 22.02 -32.83 36.04
C ILE C 256 22.14 -31.40 36.54
N GLY C 257 22.93 -30.60 35.83
CA GLY C 257 23.12 -29.22 36.23
C GLY C 257 22.03 -28.30 35.71
N VAL C 258 20.83 -28.43 36.26
CA VAL C 258 19.70 -27.60 35.85
C VAL C 258 18.87 -27.23 37.08
N SER C 259 18.22 -26.08 37.00
CA SER C 259 17.30 -25.61 38.02
C SER C 259 15.90 -25.59 37.42
N SER C 260 14.97 -26.28 38.06
CA SER C 260 13.68 -26.56 37.47
C SER C 260 12.56 -25.82 38.20
N CYS C 261 11.38 -25.82 37.54
CA CYS C 261 10.16 -25.27 38.11
C CYS C 261 8.98 -26.01 37.49
N ILE C 262 7.87 -25.99 38.21
CA ILE C 262 6.63 -26.64 37.78
C ILE C 262 5.58 -25.55 37.57
N LEU C 263 5.04 -25.49 36.35
CA LEU C 263 4.05 -24.49 35.97
C LEU C 263 2.73 -25.18 35.67
N THR C 264 1.65 -24.70 36.29
CA THR C 264 0.31 -25.23 36.07
C THR C 264 -0.60 -24.07 35.68
N PHE C 265 -1.27 -24.21 34.53
CA PHE C 265 -2.07 -23.16 33.94
C PHE C 265 -3.34 -23.76 33.36
N ASP C 266 -4.29 -22.88 33.00
CA ASP C 266 -5.56 -23.31 32.43
C ASP C 266 -5.99 -22.30 31.37
N LYS C 267 -6.91 -22.75 30.51
CA LYS C 267 -7.51 -21.90 29.50
C LYS C 267 -9.01 -21.71 29.75
N LYS C 268 -9.43 -21.80 31.02
CA LYS C 268 -10.83 -21.68 31.37
C LYS C 268 -11.28 -20.22 31.32
N LYS C 269 -12.52 -19.99 31.73
CA LYS C 269 -13.05 -18.63 31.78
C LYS C 269 -12.30 -17.81 32.82
N THR C 270 -12.08 -16.54 32.51
CA THR C 270 -11.30 -15.67 33.39
C THR C 270 -12.03 -15.46 34.71
N LYS C 271 -11.25 -15.34 35.78
CA LYS C 271 -11.77 -15.21 37.14
C LYS C 271 -10.81 -14.32 37.91
N GLU C 272 -10.89 -14.37 39.25
CA GLU C 272 -9.96 -13.59 40.08
C GLU C 272 -8.52 -13.88 39.72
N THR C 273 -8.20 -15.14 39.45
CA THR C 273 -6.90 -15.55 38.91
C THR C 273 -5.75 -15.07 39.81
N TYR C 274 -5.79 -15.50 41.06
CA TYR C 274 -4.71 -15.23 42.00
C TYR C 274 -3.71 -16.38 41.90
N ILE C 275 -2.61 -16.15 41.18
CA ILE C 275 -1.61 -17.18 41.00
C ILE C 275 -0.99 -17.51 42.36
N ASP C 276 -1.05 -18.78 42.73
CA ASP C 276 -0.35 -19.26 43.92
C ASP C 276 1.09 -19.57 43.55
N VAL C 277 2.04 -18.97 44.26
CA VAL C 277 3.46 -19.12 43.96
C VAL C 277 4.12 -19.74 45.18
N PHE C 278 4.82 -20.87 44.95
CA PHE C 278 5.58 -21.57 45.97
C PHE C 278 7.06 -21.46 45.62
N LYS C 279 7.81 -20.72 46.42
CA LYS C 279 9.25 -20.60 46.27
C LYS C 279 9.95 -21.37 47.38
N ILE C 280 10.91 -22.20 47.01
CA ILE C 280 11.64 -22.99 48.00
C ILE C 280 12.46 -22.08 48.89
N LYS C 281 12.64 -22.48 50.15
CA LYS C 281 13.42 -21.73 51.11
C LYS C 281 14.83 -22.28 51.29
N ASN C 282 14.98 -23.61 51.28
CA ASN C 282 16.28 -24.27 51.43
C ASN C 282 16.59 -25.01 50.13
N GLU C 283 17.71 -24.65 49.51
CA GLU C 283 18.13 -25.27 48.26
C GLU C 283 18.94 -26.54 48.45
N ASP C 284 19.16 -26.96 49.70
CA ASP C 284 19.96 -28.14 50.00
C ASP C 284 19.12 -29.38 50.25
N ILE C 285 17.79 -29.30 50.14
CA ILE C 285 16.93 -30.43 50.45
C ILE C 285 17.03 -31.48 49.35
N CYS C 286 16.96 -32.75 49.75
CA CYS C 286 16.96 -33.87 48.81
C CYS C 286 15.51 -34.16 48.41
N ILE C 287 15.20 -33.99 47.13
CA ILE C 287 13.83 -34.14 46.66
C ILE C 287 13.36 -35.58 46.79
N ASN C 288 14.25 -36.54 46.53
CA ASN C 288 13.89 -37.96 46.57
C ASN C 288 13.75 -38.50 47.99
N LYS C 289 14.16 -37.74 49.00
CA LYS C 289 14.06 -38.17 50.38
C LYS C 289 12.66 -38.02 50.96
N PHE C 290 11.72 -37.44 50.21
CA PHE C 290 10.41 -37.12 50.71
C PHE C 290 9.34 -37.91 49.95
N GLU C 291 8.17 -38.03 50.58
CA GLU C 291 7.11 -38.90 50.05
C GLU C 291 6.29 -38.19 48.99
N THR C 292 5.76 -37.00 49.29
CA THR C 292 4.90 -36.27 48.36
C THR C 292 5.33 -34.81 48.31
N LEU C 293 5.03 -34.16 47.19
CA LEU C 293 5.38 -32.75 47.02
C LEU C 293 4.44 -31.84 47.81
N GLU C 294 3.19 -32.24 48.00
CA GLU C 294 2.28 -31.46 48.84
C GLU C 294 2.81 -31.35 50.27
N GLU C 295 3.54 -32.37 50.73
CA GLU C 295 4.16 -32.29 52.05
C GLU C 295 5.15 -31.14 52.11
N LEU C 296 5.96 -30.96 51.06
CA LEU C 296 6.93 -29.87 51.06
C LEU C 296 6.27 -28.51 50.88
N LEU C 297 5.29 -28.42 49.97
CA LEU C 297 4.63 -27.14 49.73
C LEU C 297 3.90 -26.65 50.97
N LYS C 298 3.23 -27.56 51.68
CA LYS C 298 2.49 -27.24 52.89
C LYS C 298 3.36 -27.20 54.13
N SER C 299 4.68 -27.09 53.99
CA SER C 299 5.60 -27.09 55.12
C SER C 299 6.38 -25.79 55.16
N SER C 300 7.28 -25.69 56.15
CA SER C 300 8.11 -24.52 56.33
C SER C 300 9.22 -24.40 55.29
N LYS C 301 9.45 -25.44 54.49
CA LYS C 301 10.51 -25.41 53.49
C LYS C 301 10.11 -24.67 52.23
N PHE C 302 8.86 -24.24 52.11
CA PHE C 302 8.40 -23.46 50.98
C PHE C 302 7.61 -22.25 51.47
N GLU C 303 7.74 -21.14 50.75
CA GLU C 303 6.99 -19.92 51.00
C GLU C 303 5.94 -19.75 49.90
N HIS C 304 4.70 -19.51 50.30
CA HIS C 304 3.61 -19.32 49.36
C HIS C 304 3.11 -17.89 49.40
N PHE C 305 2.81 -17.34 48.22
CA PHE C 305 2.19 -16.02 48.14
C PHE C 305 1.36 -15.91 46.87
N ASN C 306 0.46 -14.94 46.87
CA ASN C 306 -0.45 -14.71 45.75
C ASN C 306 0.07 -13.59 44.87
N ILE C 307 -0.04 -13.78 43.55
CA ILE C 307 0.33 -12.78 42.56
C ILE C 307 -0.86 -12.56 41.64
N ASN C 308 -1.21 -11.30 41.41
CA ASN C 308 -2.31 -10.97 40.51
C ASN C 308 -1.76 -10.92 39.09
N GLN C 309 -2.25 -11.82 38.23
CA GLN C 309 -1.76 -11.88 36.86
C GLN C 309 -2.11 -10.62 36.08
N ARG C 310 -3.23 -9.97 36.41
CA ARG C 310 -3.61 -8.75 35.72
C ARG C 310 -2.58 -7.65 35.91
N LEU C 311 -1.83 -7.68 37.00
CA LEU C 311 -0.79 -6.69 37.28
C LEU C 311 0.59 -7.11 36.79
N LEU C 312 0.70 -8.26 36.11
CA LEU C 312 1.98 -8.71 35.61
C LEU C 312 2.39 -7.93 34.37
N SER C 313 3.62 -7.45 34.35
CA SER C 313 4.18 -6.79 33.18
C SER C 313 4.95 -7.82 32.35
N ASP C 314 5.74 -7.34 31.38
CA ASP C 314 6.60 -8.24 30.63
C ASP C 314 7.72 -8.82 31.47
N GLU C 315 8.01 -8.20 32.62
CA GLU C 315 8.93 -8.75 33.60
C GLU C 315 8.12 -9.22 34.81
N TRP C 316 8.29 -10.47 35.19
CA TRP C 316 7.52 -11.07 36.27
C TRP C 316 8.28 -10.92 37.59
N ILE C 317 7.70 -10.17 38.52
CA ILE C 317 8.28 -9.94 39.84
C ILE C 317 7.48 -10.78 40.82
N LEU C 318 7.96 -11.98 41.11
CA LEU C 318 7.27 -12.95 41.97
C LEU C 318 7.88 -12.87 43.37
N VAL C 319 7.47 -11.84 44.11
CA VAL C 319 7.95 -11.61 45.47
C VAL C 319 6.77 -11.32 46.38
N ASN C 320 7.01 -11.44 47.68
CA ASN C 320 6.00 -11.12 48.67
C ASN C 320 5.74 -9.62 48.69
N LYS C 321 4.79 -9.20 49.53
CA LYS C 321 4.42 -7.79 49.58
C LYS C 321 5.57 -6.94 50.12
N ASP C 322 6.29 -7.44 51.13
CA ASP C 322 7.39 -6.68 51.71
C ASP C 322 8.49 -6.41 50.69
N ASP C 323 8.92 -7.45 49.98
CA ASP C 323 9.93 -7.27 48.94
C ASP C 323 9.41 -6.39 47.80
N GLU C 324 8.12 -6.50 47.47
CA GLU C 324 7.54 -5.64 46.44
C GLU C 324 7.63 -4.17 46.85
N THR C 325 7.27 -3.87 48.10
CA THR C 325 7.35 -2.49 48.58
C THR C 325 8.79 -2.01 48.63
N PHE C 326 9.70 -2.88 49.07
CA PHE C 326 11.12 -2.54 49.10
C PHE C 326 11.63 -2.16 47.70
N TYR C 327 11.34 -3.02 46.71
CA TYR C 327 11.77 -2.78 45.34
C TYR C 327 11.15 -1.50 44.79
N ASN C 328 9.85 -1.29 45.05
CA ASN C 328 9.20 -0.08 44.55
C ASN C 328 9.80 1.18 45.17
N LYS C 329 10.09 1.14 46.47
CA LYS C 329 10.71 2.29 47.13
C LYS C 329 12.06 2.60 46.51
N ILE C 330 12.89 1.56 46.31
CA ILE C 330 14.22 1.82 45.75
C ILE C 330 14.12 2.33 44.32
N GLN C 331 13.19 1.77 43.53
CA GLN C 331 13.01 2.25 42.16
C GLN C 331 12.56 3.70 42.13
N GLU C 332 11.62 4.07 43.00
CA GLU C 332 11.07 5.43 42.96
C GLU C 332 12.07 6.45 43.48
N LYS C 333 12.81 6.11 44.53
CA LYS C 333 13.70 7.09 45.15
C LYS C 333 14.83 7.49 44.21
N CYS C 334 15.39 6.54 43.47
CA CYS C 334 16.51 6.82 42.60
C CYS C 334 16.08 7.60 41.36
N LYS C 335 16.99 8.47 40.88
CA LYS C 335 16.75 9.24 39.68
C LYS C 335 17.68 8.86 38.53
N TYR C 336 18.69 8.02 38.77
CA TYR C 336 19.67 7.62 37.77
C TYR C 336 19.68 6.09 37.67
N SER C 337 20.59 5.58 36.84
CA SER C 337 20.82 4.15 36.73
C SER C 337 22.23 3.93 36.21
N LEU C 338 22.72 2.70 36.38
CA LEU C 338 24.07 2.39 35.92
C LEU C 338 24.20 2.57 34.42
N GLU C 339 23.18 2.14 33.66
CA GLU C 339 23.23 2.29 32.21
C GLU C 339 23.29 3.75 31.79
N ASP C 340 22.73 4.65 32.60
CA ASP C 340 22.74 6.07 32.25
C ASP C 340 24.13 6.67 32.42
N ILE C 341 24.87 6.25 33.44
CA ILE C 341 26.12 6.91 33.81
C ILE C 341 27.36 6.10 33.47
N ALA C 342 27.22 4.84 33.08
CA ALA C 342 28.37 3.98 32.91
C ALA C 342 28.36 3.35 31.53
N ILE C 343 29.55 2.89 31.11
CA ILE C 343 29.74 2.14 29.89
C ILE C 343 30.28 0.77 30.30
N SER C 344 29.54 -0.28 29.92
CA SER C 344 29.86 -1.64 30.31
C SER C 344 30.33 -2.46 29.12
N PHE C 345 31.07 -3.52 29.41
CA PHE C 345 31.53 -4.42 28.36
C PHE C 345 31.89 -5.78 28.94
N GLN C 346 31.62 -6.81 28.14
CA GLN C 346 32.06 -8.16 28.39
C GLN C 346 33.56 -8.29 28.11
N GLY C 347 34.17 -9.29 28.73
CA GLY C 347 35.61 -9.46 28.63
C GLY C 347 36.05 -10.08 27.30
N ILE C 348 37.35 -10.34 27.22
CA ILE C 348 37.93 -10.92 26.02
C ILE C 348 37.37 -12.33 25.82
N ILE C 349 37.00 -12.65 24.59
CA ILE C 349 36.61 -14.00 24.21
C ILE C 349 37.64 -14.47 23.18
N THR C 350 38.65 -15.20 23.64
CA THR C 350 39.73 -15.62 22.77
C THR C 350 39.27 -16.66 21.75
N GLY C 351 38.31 -17.50 22.12
CA GLY C 351 37.90 -18.62 21.30
C GLY C 351 38.67 -19.89 21.57
N CYS C 352 39.87 -19.78 22.14
CA CYS C 352 40.61 -20.92 22.66
C CYS C 352 41.54 -20.39 23.74
N ASP C 353 41.11 -20.47 25.00
CA ASP C 353 41.87 -19.86 26.09
C ASP C 353 43.23 -20.52 26.27
N LYS C 354 43.34 -21.80 25.94
CA LYS C 354 44.59 -22.52 26.13
C LYS C 354 45.71 -21.99 25.23
N ALA C 355 45.37 -21.34 24.12
CA ALA C 355 46.36 -20.84 23.18
C ALA C 355 46.77 -19.40 23.44
N PHE C 356 46.15 -18.73 24.42
CA PHE C 356 46.45 -17.33 24.68
C PHE C 356 46.71 -17.02 26.15
N ILE C 357 46.38 -17.91 27.07
CA ILE C 357 46.52 -17.66 28.51
C ILE C 357 47.61 -18.56 29.05
N LEU C 358 48.57 -17.96 29.76
CA LEU C 358 49.66 -18.70 30.37
C LEU C 358 49.77 -18.34 31.84
N SER C 359 50.33 -19.26 32.63
CA SER C 359 50.66 -18.95 34.01
C SER C 359 51.77 -17.90 34.05
N LYS C 360 51.68 -16.98 35.02
CA LYS C 360 52.69 -15.93 35.11
C LYS C 360 54.06 -16.51 35.43
N ASP C 361 54.14 -17.73 35.93
CA ASP C 361 55.39 -18.41 36.22
C ASP C 361 55.81 -19.34 35.08
N ASP C 362 55.13 -19.31 33.95
CA ASP C 362 55.47 -20.18 32.83
C ASP C 362 56.76 -19.70 32.16
N VAL C 363 57.62 -20.67 31.80
CA VAL C 363 58.86 -20.35 31.13
C VAL C 363 58.60 -19.84 29.71
N LYS C 364 57.52 -20.31 29.07
CA LYS C 364 57.23 -19.90 27.70
C LYS C 364 57.00 -18.40 27.58
N LEU C 365 56.72 -17.72 28.69
CA LEU C 365 56.57 -16.26 28.65
C LEU C 365 57.86 -15.57 28.24
N ASN C 366 59.00 -16.25 28.29
CA ASN C 366 60.24 -15.67 27.79
C ASN C 366 60.21 -15.49 26.28
N LEU C 367 59.32 -16.19 25.58
CA LEU C 367 59.18 -16.02 24.14
C LEU C 367 58.30 -14.83 23.76
N VAL C 368 57.57 -14.25 24.70
CA VAL C 368 56.60 -13.19 24.43
C VAL C 368 57.12 -11.88 25.00
N ASP C 369 57.13 -10.85 24.17
CA ASP C 369 57.49 -9.52 24.64
C ASP C 369 56.44 -9.02 25.64
N ASP C 370 56.91 -8.26 26.63
CA ASP C 370 56.02 -7.80 27.69
C ASP C 370 54.98 -6.82 27.20
N LYS C 371 55.19 -6.18 26.05
CA LYS C 371 54.18 -5.28 25.51
C LYS C 371 52.96 -6.02 24.98
N PHE C 372 53.09 -7.31 24.67
CA PHE C 372 51.96 -8.11 24.24
C PHE C 372 51.24 -8.77 25.40
N LEU C 373 51.86 -8.82 26.58
CA LEU C 373 51.31 -9.52 27.72
C LEU C 373 50.44 -8.59 28.57
N LYS C 374 49.29 -9.11 29.00
CA LYS C 374 48.36 -8.38 29.84
C LYS C 374 48.04 -9.22 31.07
N CYS C 375 47.61 -8.56 32.13
CA CYS C 375 47.16 -9.28 33.32
C CYS C 375 45.82 -9.95 33.05
N TRP C 376 45.61 -11.13 33.63
CA TRP C 376 44.44 -11.94 33.35
C TRP C 376 43.87 -12.43 34.67
N ILE C 377 42.61 -12.06 34.95
CA ILE C 377 41.94 -12.46 36.19
C ILE C 377 40.69 -13.24 35.84
N LYS C 378 40.23 -14.01 36.82
CA LYS C 378 39.03 -14.83 36.71
C LYS C 378 37.98 -14.35 37.71
N SER C 379 36.81 -15.00 37.67
CA SER C 379 35.73 -14.60 38.56
C SER C 379 36.10 -14.81 40.02
N LYS C 380 36.86 -15.86 40.31
CA LYS C 380 37.27 -16.12 41.69
C LYS C 380 38.20 -15.02 42.22
N ASN C 381 38.86 -14.28 41.34
CA ASN C 381 39.75 -13.20 41.76
C ASN C 381 39.00 -11.94 42.17
N ILE C 382 37.70 -11.86 41.92
CA ILE C 382 36.93 -10.65 42.22
C ILE C 382 36.37 -10.79 43.63
N ASN C 383 36.83 -9.92 44.53
CA ASN C 383 36.30 -9.79 45.88
C ASN C 383 35.46 -8.52 45.96
N LYS C 384 34.96 -8.23 47.16
CA LYS C 384 34.32 -6.95 47.40
C LYS C 384 35.39 -5.87 47.52
N TYR C 385 35.23 -4.81 46.72
CA TYR C 385 36.05 -3.60 46.74
C TYR C 385 37.45 -3.78 46.17
N ILE C 386 37.88 -5.02 45.91
CA ILE C 386 39.27 -5.28 45.53
C ILE C 386 39.35 -6.49 44.61
N VAL C 387 40.40 -6.51 43.80
CA VAL C 387 40.69 -7.61 42.88
C VAL C 387 41.96 -8.30 43.36
N ASP C 388 41.94 -9.64 43.40
CA ASP C 388 43.12 -10.39 43.75
C ASP C 388 44.21 -10.19 42.69
N LYS C 389 45.46 -10.34 43.11
CA LYS C 389 46.58 -10.22 42.18
C LYS C 389 46.46 -11.25 41.07
N SER C 390 46.63 -10.82 39.83
CA SER C 390 46.46 -11.72 38.69
C SER C 390 47.56 -12.78 38.69
N GLU C 391 47.15 -14.04 38.49
CA GLU C 391 48.07 -15.15 38.39
C GLU C 391 48.31 -15.60 36.95
N TYR C 392 47.74 -14.91 35.97
CA TYR C 392 47.80 -15.33 34.59
C TYR C 392 48.12 -14.16 33.68
N ARG C 393 48.76 -14.47 32.55
CA ARG C 393 49.08 -13.51 31.52
C ARG C 393 48.34 -13.87 30.24
N LEU C 394 47.72 -12.87 29.62
CA LEU C 394 47.06 -13.00 28.33
C LEU C 394 48.00 -12.50 27.24
N ILE C 395 48.12 -13.29 26.18
CA ILE C 395 48.90 -12.91 24.99
C ILE C 395 47.94 -12.19 24.05
N TYR C 396 48.03 -10.87 24.00
CA TYR C 396 47.15 -10.06 23.15
C TYR C 396 47.73 -10.08 21.73
N SER C 397 47.39 -11.15 21.00
CA SER C 397 47.98 -11.40 19.70
C SER C 397 47.53 -10.42 18.63
N ASN C 398 46.48 -9.63 18.89
CA ASN C 398 46.01 -8.68 17.88
C ASN C 398 47.05 -7.59 17.62
N ASP C 399 47.91 -7.30 18.59
CA ASP C 399 48.94 -6.28 18.39
C ASP C 399 50.10 -6.77 17.55
N ILE C 400 50.16 -8.07 17.25
CA ILE C 400 51.16 -8.61 16.33
C ILE C 400 50.66 -8.36 14.91
N ASP C 401 51.37 -7.50 14.17
CA ASP C 401 50.89 -7.07 12.86
C ASP C 401 50.93 -8.21 11.85
N ASN C 402 52.12 -8.73 11.57
CA ASN C 402 52.30 -9.78 10.57
C ASN C 402 52.72 -11.08 11.24
N GLU C 403 53.02 -12.08 10.41
CA GLU C 403 53.40 -13.40 10.89
C GLU C 403 54.90 -13.67 10.78
N ASN C 404 55.64 -12.88 9.99
CA ASN C 404 57.05 -13.14 9.73
C ASN C 404 57.98 -12.29 10.60
N THR C 405 57.47 -11.74 11.70
CA THR C 405 58.30 -10.99 12.63
C THR C 405 58.41 -11.63 14.00
N ASN C 406 57.31 -12.14 14.54
CA ASN C 406 57.31 -12.81 15.84
C ASN C 406 56.93 -14.28 15.67
N LYS C 407 57.53 -14.94 14.69
CA LYS C 407 57.16 -16.32 14.36
C LYS C 407 57.33 -17.25 15.55
N ARG C 408 58.24 -16.93 16.48
CA ARG C 408 58.43 -17.78 17.64
C ARG C 408 57.16 -17.87 18.49
N ILE C 409 56.49 -16.73 18.72
CA ILE C 409 55.28 -16.73 19.53
C ILE C 409 54.19 -17.57 18.90
N LEU C 410 54.00 -17.41 17.58
CA LEU C 410 52.97 -18.17 16.90
C LEU C 410 53.29 -19.65 16.85
N ASP C 411 54.55 -20.00 16.57
CA ASP C 411 54.90 -21.40 16.34
C ASP C 411 54.95 -22.19 17.65
N GLU C 412 55.48 -21.59 18.72
CA GLU C 412 55.75 -22.34 19.93
C GLU C 412 54.66 -22.26 20.99
N ILE C 413 53.75 -21.30 20.90
CA ILE C 413 52.72 -21.14 21.91
C ILE C 413 51.33 -21.22 21.30
N ILE C 414 51.01 -20.25 20.43
CA ILE C 414 49.66 -20.15 19.88
C ILE C 414 49.38 -21.29 18.90
N GLY C 415 50.36 -21.64 18.07
CA GLY C 415 50.15 -22.62 17.02
C GLY C 415 49.81 -24.01 17.51
N LEU C 416 50.06 -24.30 18.79
CA LEU C 416 49.74 -25.61 19.34
C LEU C 416 48.26 -25.95 19.18
N TYR C 417 47.40 -24.96 19.09
CA TYR C 417 45.97 -25.16 18.88
C TYR C 417 45.51 -24.57 17.55
N LYS C 418 46.44 -24.39 16.59
CA LYS C 418 46.12 -23.70 15.35
C LYS C 418 44.89 -24.26 14.68
N THR C 419 44.84 -25.59 14.53
CA THR C 419 43.69 -26.24 13.90
C THR C 419 42.39 -25.82 14.56
N LYS C 420 42.33 -25.90 15.89
CA LYS C 420 41.13 -25.46 16.60
C LYS C 420 40.88 -23.99 16.35
N LEU C 421 41.94 -23.17 16.39
CA LEU C 421 41.79 -21.74 16.11
C LEU C 421 41.27 -21.51 14.70
N GLU C 422 41.58 -22.42 13.76
CA GLU C 422 41.09 -22.27 12.40
C GLU C 422 39.63 -22.66 12.27
N ASN C 423 39.07 -23.39 13.24
CA ASN C 423 37.68 -23.80 13.15
C ASN C 423 36.72 -22.72 13.64
N ARG C 424 37.23 -21.63 14.19
CA ARG C 424 36.37 -20.54 14.65
C ARG C 424 35.64 -19.89 13.47
N ARG C 425 34.46 -19.36 13.76
CA ARG C 425 33.58 -18.87 12.69
C ARG C 425 34.24 -17.73 11.91
N GLU C 426 34.84 -16.78 12.61
CA GLU C 426 35.44 -15.63 11.94
C GLU C 426 36.69 -16.02 11.16
N CYS C 427 37.45 -17.00 11.65
CA CYS C 427 38.59 -17.50 10.87
C CYS C 427 38.13 -18.15 9.58
N LYS C 428 37.04 -18.93 9.65
CA LYS C 428 36.51 -19.57 8.45
C LYS C 428 35.96 -18.53 7.48
N SER C 429 35.34 -17.48 7.99
CA SER C 429 34.85 -16.42 7.11
C SER C 429 35.98 -15.59 6.53
N GLY C 430 37.18 -15.66 7.11
CA GLY C 430 38.34 -14.97 6.58
C GLY C 430 38.60 -13.58 7.13
N ILE C 431 37.73 -13.06 8.00
CA ILE C 431 37.94 -11.73 8.56
C ILE C 431 38.91 -11.75 9.74
N ARG C 432 39.13 -12.91 10.35
CA ARG C 432 39.99 -13.04 11.51
C ARG C 432 41.16 -13.95 11.16
N LYS C 433 42.37 -13.52 11.50
CA LYS C 433 43.54 -14.37 11.34
C LYS C 433 43.51 -15.49 12.37
N TRP C 434 44.14 -16.62 12.03
CA TRP C 434 44.06 -17.80 12.87
C TRP C 434 44.70 -17.59 14.24
N TYR C 435 45.72 -16.74 14.31
CA TYR C 435 46.43 -16.52 15.56
C TYR C 435 45.85 -15.37 16.39
N GLU C 436 44.82 -14.70 15.90
CA GLU C 436 44.26 -13.55 16.60
C GLU C 436 43.17 -13.97 17.58
N LEU C 437 42.90 -13.10 18.55
CA LEU C 437 41.80 -13.31 19.47
C LEU C 437 40.48 -13.18 18.72
N GLN C 438 39.54 -14.09 19.02
CA GLN C 438 38.27 -14.09 18.31
C GLN C 438 37.50 -12.80 18.56
N TRP C 439 37.47 -12.32 19.81
CA TRP C 439 36.85 -11.04 20.16
C TRP C 439 37.81 -10.31 21.10
N GLY C 440 38.72 -9.53 20.52
CA GLY C 440 39.75 -8.85 21.27
C GLY C 440 39.31 -7.58 21.96
N ARG C 441 38.07 -7.17 21.72
CA ARG C 441 37.51 -5.96 22.33
C ARG C 441 38.42 -4.76 22.06
N GLU C 442 38.45 -3.81 23.00
CA GLU C 442 39.24 -2.60 22.89
C GLU C 442 40.19 -2.52 24.08
N LYS C 443 41.49 -2.35 23.82
CA LYS C 443 42.46 -2.27 24.90
C LYS C 443 42.20 -1.06 25.79
N LEU C 444 41.83 0.07 25.18
CA LEU C 444 41.62 1.29 25.96
C LEU C 444 40.46 1.18 26.94
N PHE C 445 39.56 0.21 26.75
CA PHE C 445 38.51 -0.01 27.74
C PHE C 445 39.05 -0.73 28.97
N PHE C 446 39.96 -1.69 28.78
CA PHE C 446 40.52 -2.46 29.88
C PHE C 446 41.69 -1.76 30.57
N GLU C 447 42.52 -1.05 29.81
CA GLU C 447 43.71 -0.41 30.37
C GLU C 447 43.35 0.96 30.96
N ARG C 448 42.53 0.91 32.00
CA ARG C 448 42.08 2.11 32.69
C ARG C 448 41.51 1.71 34.05
N LYS C 449 41.24 2.72 34.87
CA LYS C 449 40.53 2.48 36.12
C LYS C 449 39.06 2.20 35.83
N LYS C 450 38.54 1.10 36.39
CA LYS C 450 37.19 0.67 36.08
C LYS C 450 36.69 -0.20 37.24
N ILE C 451 35.44 -0.66 37.12
CA ILE C 451 34.82 -1.53 38.12
C ILE C 451 34.49 -2.85 37.44
N MET C 452 34.91 -3.95 38.07
CA MET C 452 34.72 -5.28 37.55
C MET C 452 33.89 -6.11 38.52
N TYR C 453 33.12 -7.05 37.96
CA TYR C 453 32.31 -7.95 38.78
C TYR C 453 32.18 -9.29 38.08
N PRO C 454 32.13 -10.40 38.82
CA PRO C 454 32.00 -11.71 38.19
C PRO C 454 30.63 -11.88 37.56
N TYR C 455 30.57 -12.72 36.53
CA TYR C 455 29.31 -12.94 35.82
C TYR C 455 28.37 -13.87 36.59
N LYS C 456 28.90 -14.68 37.49
CA LYS C 456 28.10 -15.57 38.32
C LYS C 456 28.68 -15.58 39.72
N SER C 457 27.88 -15.20 40.71
CA SER C 457 28.36 -15.13 42.08
C SER C 457 27.17 -15.29 43.04
N ASN C 458 27.51 -15.60 44.29
CA ASN C 458 26.51 -15.73 45.35
C ASN C 458 26.08 -14.39 45.93
N GLU C 459 26.83 -13.33 45.68
CA GLU C 459 26.56 -12.03 46.28
C GLU C 459 27.17 -10.95 45.40
N ASN C 460 26.79 -9.71 45.68
CA ASN C 460 27.35 -8.57 44.96
C ASN C 460 28.84 -8.45 45.25
N ARG C 461 29.66 -8.57 44.22
CA ARG C 461 31.11 -8.42 44.33
C ARG C 461 31.57 -7.45 43.24
N PHE C 462 31.53 -6.16 43.54
CA PHE C 462 32.00 -5.11 42.64
C PHE C 462 33.32 -4.57 43.16
N ALA C 463 34.35 -4.56 42.31
CA ALA C 463 35.69 -4.18 42.75
C ALA C 463 36.29 -3.16 41.80
N ILE C 464 37.09 -2.25 42.37
CA ILE C 464 37.81 -1.25 41.58
C ILE C 464 39.13 -1.87 41.12
N ASP C 465 39.33 -1.92 39.80
CA ASP C 465 40.54 -2.49 39.23
C ASP C 465 41.57 -1.39 39.00
N TYR C 466 42.70 -1.48 39.72
CA TYR C 466 43.77 -0.51 39.58
C TYR C 466 44.94 -1.01 38.74
N ASP C 467 44.87 -2.25 38.24
CA ASP C 467 46.03 -2.91 37.64
C ASP C 467 45.87 -3.14 36.14
N ASN C 468 44.91 -2.48 35.50
CA ASN C 468 44.63 -2.69 34.07
C ASN C 468 44.41 -4.17 33.77
N ASN C 469 43.54 -4.78 34.58
CA ASN C 469 43.30 -6.21 34.44
C ASN C 469 42.42 -6.51 33.23
N PHE C 470 42.77 -7.57 32.52
CA PHE C 470 41.94 -8.17 31.49
C PHE C 470 41.26 -9.42 32.04
N SER C 471 40.17 -9.82 31.40
CA SER C 471 39.41 -10.97 31.84
C SER C 471 38.65 -11.57 30.66
N SER C 472 38.20 -12.80 30.84
CA SER C 472 37.32 -13.46 29.88
C SER C 472 35.89 -12.97 30.09
N ALA C 473 34.92 -13.63 29.47
CA ALA C 473 33.53 -13.24 29.65
C ALA C 473 32.97 -13.61 31.02
N ASP C 474 33.77 -14.25 31.88
CA ASP C 474 33.33 -14.56 33.23
C ASP C 474 33.43 -13.37 34.17
N VAL C 475 34.03 -12.27 33.72
CA VAL C 475 34.08 -11.03 34.50
C VAL C 475 33.66 -9.89 33.59
N TYR C 476 32.63 -9.16 33.98
CA TYR C 476 32.19 -7.98 33.25
C TYR C 476 32.82 -6.73 33.85
N SER C 477 32.93 -5.68 33.03
CA SER C 477 33.55 -4.44 33.47
C SER C 477 32.68 -3.27 33.07
N PHE C 478 32.86 -2.15 33.77
CA PHE C 478 32.26 -0.89 33.35
C PHE C 478 33.05 0.27 33.93
N PHE C 479 32.98 1.41 33.24
CA PHE C 479 33.63 2.62 33.70
C PHE C 479 32.68 3.80 33.59
N ILE C 480 32.92 4.81 34.42
CA ILE C 480 32.04 5.97 34.51
C ILE C 480 32.27 6.88 33.30
N LYS C 481 31.19 7.35 32.70
CA LYS C 481 31.29 8.29 31.60
C LYS C 481 31.86 9.61 32.09
N GLU C 482 32.58 10.30 31.19
CA GLU C 482 33.25 11.53 31.57
C GLU C 482 32.26 12.64 31.94
N GLU C 483 31.02 12.55 31.47
CA GLU C 483 30.02 13.56 31.81
C GLU C 483 29.35 13.32 33.16
N TYR C 484 29.55 12.16 33.76
CA TYR C 484 29.01 11.85 35.08
C TYR C 484 30.10 11.62 36.13
N LEU C 485 31.36 11.95 35.81
CA LEU C 485 32.44 11.70 36.76
C LEU C 485 32.36 12.64 37.96
N ASP C 486 31.97 13.90 37.74
CA ASP C 486 31.91 14.85 38.84
C ASP C 486 30.77 14.57 39.80
N LYS C 487 29.78 13.78 39.39
CA LYS C 487 28.65 13.45 40.24
C LYS C 487 28.78 12.09 40.91
N PHE C 488 29.39 11.12 40.24
CA PHE C 488 29.56 9.78 40.79
C PHE C 488 31.01 9.33 40.63
N SER C 489 31.55 8.75 41.70
CA SER C 489 32.90 8.24 41.72
C SER C 489 32.89 6.71 41.84
N TYR C 490 34.02 6.10 41.52
CA TYR C 490 34.12 4.64 41.61
C TYR C 490 33.97 4.17 43.05
N GLU C 491 34.55 4.92 44.00
CA GLU C 491 34.46 4.52 45.40
C GLU C 491 33.02 4.54 45.90
N TYR C 492 32.27 5.59 45.57
CA TYR C 492 30.87 5.66 45.96
C TYR C 492 30.06 4.52 45.32
N LEU C 493 30.33 4.23 44.06
CA LEU C 493 29.60 3.17 43.37
C LEU C 493 29.86 1.82 44.03
N VAL C 494 31.13 1.50 44.30
CA VAL C 494 31.41 0.21 44.91
C VAL C 494 30.90 0.17 46.35
N GLY C 495 30.84 1.33 47.02
CA GLY C 495 30.28 1.35 48.36
C GLY C 495 28.80 1.02 48.38
N ILE C 496 28.03 1.66 47.50
CA ILE C 496 26.59 1.42 47.50
C ILE C 496 26.27 0.04 46.92
N LEU C 497 26.98 -0.38 45.87
CA LEU C 497 26.66 -1.64 45.20
C LEU C 497 26.97 -2.84 46.09
N ASN C 498 28.03 -2.76 46.88
CA ASN C 498 28.41 -3.87 47.75
C ASN C 498 27.63 -3.88 49.06
N SER C 499 26.77 -2.90 49.29
CA SER C 499 25.99 -2.85 50.52
C SER C 499 24.94 -3.96 50.52
N SER C 500 24.53 -4.35 51.74
CA SER C 500 23.45 -5.33 51.86
C SER C 500 22.17 -4.84 51.22
N VAL C 501 21.91 -3.52 51.27
CA VAL C 501 20.72 -2.96 50.67
C VAL C 501 20.67 -3.28 49.18
N TYR C 502 21.77 -2.98 48.48
CA TYR C 502 21.77 -3.21 47.04
C TYR C 502 21.91 -4.67 46.67
N ASP C 503 22.52 -5.50 47.54
CA ASP C 503 22.51 -6.93 47.29
C ASP C 503 21.09 -7.49 47.31
N LYS C 504 20.32 -7.13 48.35
CA LYS C 504 18.93 -7.55 48.40
C LYS C 504 18.14 -6.97 47.24
N TYR C 505 18.38 -5.69 46.91
CA TYR C 505 17.66 -5.02 45.84
C TYR C 505 17.91 -5.70 44.49
N PHE C 506 19.16 -6.06 44.20
CA PHE C 506 19.46 -6.73 42.94
C PHE C 506 18.88 -8.15 42.94
N LYS C 507 18.99 -8.87 44.04
CA LYS C 507 18.53 -10.25 44.05
C LYS C 507 17.01 -10.39 43.94
N ILE C 508 16.26 -9.29 44.07
CA ILE C 508 14.81 -9.35 43.93
C ILE C 508 14.43 -9.86 42.55
N THR C 509 15.08 -9.33 41.51
CA THR C 509 14.79 -9.67 40.13
C THR C 509 15.92 -10.41 39.44
N ALA C 510 16.93 -10.85 40.19
CA ALA C 510 18.08 -11.48 39.58
C ALA C 510 17.73 -12.87 39.05
N LYS C 511 18.60 -13.38 38.18
CA LYS C 511 18.38 -14.66 37.50
C LYS C 511 19.10 -15.75 38.29
N LYS C 512 18.33 -16.64 38.92
CA LYS C 512 18.91 -17.70 39.74
C LYS C 512 19.34 -18.87 38.85
N MET C 513 20.64 -19.14 38.82
CA MET C 513 21.21 -20.11 37.89
C MET C 513 21.33 -21.50 38.50
N SER C 514 22.07 -21.62 39.60
CA SER C 514 22.25 -22.89 40.28
C SER C 514 22.19 -22.63 41.78
N LYS C 515 22.59 -23.62 42.57
CA LYS C 515 22.56 -23.47 44.01
C LYS C 515 23.52 -22.37 44.46
N ASN C 516 22.96 -21.32 45.07
CA ASN C 516 23.73 -20.19 45.59
C ASN C 516 24.58 -19.53 44.50
N ILE C 517 24.04 -19.47 43.29
CA ILE C 517 24.71 -18.80 42.17
C ILE C 517 23.66 -17.99 41.40
N TYR C 518 23.82 -16.68 41.40
CA TYR C 518 23.00 -15.79 40.58
C TYR C 518 23.76 -15.40 39.32
N ASP C 519 23.05 -14.76 38.39
CA ASP C 519 23.61 -14.33 37.12
C ASP C 519 23.81 -12.82 37.19
N TYR C 520 25.07 -12.39 37.21
CA TYR C 520 25.42 -10.97 37.22
C TYR C 520 25.81 -10.55 35.80
N TYR C 521 24.80 -10.40 34.96
CA TYR C 521 24.97 -10.00 33.57
C TYR C 521 24.52 -8.56 33.38
N PRO C 522 25.13 -7.85 32.41
CA PRO C 522 24.78 -6.43 32.22
C PRO C 522 23.32 -6.19 31.86
N ASN C 523 22.62 -7.18 31.30
CA ASN C 523 21.22 -6.97 30.97
C ASN C 523 20.37 -6.74 32.21
N LYS C 524 20.89 -7.09 33.38
CA LYS C 524 20.25 -6.76 34.65
C LYS C 524 21.11 -5.88 35.54
N VAL C 525 22.43 -6.04 35.51
CA VAL C 525 23.31 -5.22 36.35
C VAL C 525 23.17 -3.74 36.00
N MET C 526 23.17 -3.43 34.70
CA MET C 526 23.06 -2.04 34.27
C MET C 526 21.71 -1.43 34.62
N LYS C 527 20.68 -2.25 34.86
CA LYS C 527 19.37 -1.73 35.24
C LYS C 527 19.30 -1.28 36.69
N ILE C 528 20.34 -1.56 37.49
CA ILE C 528 20.37 -1.10 38.87
C ILE C 528 20.30 0.41 38.91
N ARG C 529 19.37 0.94 39.70
CA ARG C 529 19.20 2.38 39.80
C ARG C 529 20.01 2.93 40.97
N ILE C 530 20.52 4.15 40.78
CA ILE C 530 21.49 4.77 41.68
C ILE C 530 20.96 6.11 42.13
N PHE C 531 21.23 6.47 43.38
CA PHE C 531 20.81 7.75 43.94
C PHE C 531 22.03 8.63 44.22
N ARG C 532 21.75 9.91 44.46
CA ARG C 532 22.79 10.88 44.80
C ARG C 532 22.15 11.95 45.68
N ASP C 533 22.51 11.98 46.95
CA ASP C 533 21.91 12.93 47.89
C ASP C 533 22.95 13.28 48.96
N ASN C 534 22.48 13.82 50.08
CA ASN C 534 23.39 14.41 51.07
C ASN C 534 24.35 13.39 51.64
N ASN C 535 23.99 12.10 51.63
CA ASN C 535 24.85 11.08 52.20
C ASN C 535 25.97 10.65 51.26
N TYR C 536 26.16 11.34 50.14
CA TYR C 536 27.16 10.93 49.16
C TYR C 536 28.57 10.98 49.74
N GLU C 537 28.93 12.11 50.36
CA GLU C 537 30.30 12.31 50.81
C GLU C 537 30.69 11.29 51.87
N GLU C 538 29.82 11.05 52.85
CA GLU C 538 30.19 10.14 53.94
C GLU C 538 30.19 8.69 53.48
N ILE C 539 29.29 8.32 52.56
CA ILE C 539 29.32 6.97 52.00
C ILE C 539 30.62 6.77 51.23
N GLU C 540 31.02 7.78 50.44
CA GLU C 540 32.28 7.69 49.71
C GLU C 540 33.46 7.56 50.66
N ASN C 541 33.45 8.32 51.76
CA ASN C 541 34.54 8.24 52.72
C ASN C 541 34.61 6.87 53.40
N LEU C 542 33.45 6.31 53.75
CA LEU C 542 33.43 4.97 54.35
C LEU C 542 33.94 3.93 53.36
N SER C 543 33.57 4.06 52.08
CA SER C 543 34.10 3.15 51.06
C SER C 543 35.61 3.31 50.93
N LYS C 544 36.11 4.55 50.97
CA LYS C 544 37.55 4.76 50.92
C LYS C 544 38.24 4.09 52.09
N GLN C 545 37.69 4.23 53.30
CA GLN C 545 38.29 3.60 54.47
C GLN C 545 38.29 2.08 54.35
N ILE C 546 37.19 1.52 53.84
CA ILE C 546 37.13 0.06 53.67
C ILE C 546 38.19 -0.39 52.67
N ILE C 547 38.31 0.31 51.55
CA ILE C 547 39.31 -0.06 50.54
C ILE C 547 40.71 0.04 51.12
N SER C 548 40.97 1.10 51.89
CA SER C 548 42.30 1.27 52.49
C SER C 548 42.61 0.13 53.45
N ILE C 549 41.64 -0.27 54.28
CA ILE C 549 41.87 -1.35 55.22
C ILE C 549 42.09 -2.67 54.49
N LEU C 550 41.32 -2.92 53.45
CA LEU C 550 41.45 -4.19 52.72
C LEU C 550 42.79 -4.30 52.01
N LEU C 551 43.42 -3.18 51.67
CA LEU C 551 44.72 -3.19 51.01
C LEU C 551 45.89 -3.23 51.99
N ASN C 552 45.62 -3.14 53.29
CA ASN C 552 46.69 -3.22 54.28
C ASN C 552 47.15 -4.66 54.47
N LYS C 553 48.39 -4.80 54.95
CA LYS C 553 48.97 -6.12 55.16
C LYS C 553 48.18 -6.90 56.22
N SER C 554 47.97 -6.29 57.38
CA SER C 554 47.18 -6.88 58.45
C SER C 554 45.77 -6.30 58.40
N ILE C 555 44.78 -7.15 58.19
CA ILE C 555 43.40 -6.74 57.99
C ILE C 555 42.58 -7.17 59.20
N ASP C 556 41.88 -6.20 59.81
CA ASP C 556 40.95 -6.46 60.89
C ASP C 556 39.53 -6.39 60.33
N LYS C 557 38.86 -7.53 60.28
CA LYS C 557 37.53 -7.60 59.68
C LYS C 557 36.49 -6.86 60.51
N GLY C 558 36.73 -6.66 61.81
CA GLY C 558 35.75 -5.98 62.63
C GLY C 558 35.56 -4.52 62.24
N LYS C 559 36.66 -3.82 61.96
CA LYS C 559 36.57 -2.44 61.51
C LYS C 559 35.84 -2.34 60.17
N VAL C 560 36.14 -3.27 59.26
CA VAL C 560 35.46 -3.29 57.97
C VAL C 560 33.97 -3.52 58.15
N GLU C 561 33.61 -4.45 59.03
CA GLU C 561 32.20 -4.73 59.27
C GLU C 561 31.48 -3.51 59.84
N LYS C 562 32.10 -2.85 60.82
CA LYS C 562 31.48 -1.65 61.41
C LYS C 562 31.30 -0.56 60.37
N LEU C 563 32.32 -0.32 59.54
CA LEU C 563 32.22 0.70 58.50
C LEU C 563 31.14 0.35 57.50
N GLN C 564 31.04 -0.93 57.13
CA GLN C 564 30.01 -1.37 56.20
C GLN C 564 28.63 -1.16 56.79
N ILE C 565 28.48 -1.43 58.10
CA ILE C 565 27.18 -1.23 58.75
C ILE C 565 26.80 0.25 58.77
N LYS C 566 27.77 1.13 59.06
CA LYS C 566 27.49 2.57 59.01
C LYS C 566 27.07 2.99 57.61
N MET C 567 27.76 2.47 56.59
CA MET C 567 27.41 2.80 55.21
C MET C 567 26.01 2.29 54.87
N ASP C 568 25.67 1.08 55.30
CA ASP C 568 24.35 0.53 55.03
C ASP C 568 23.26 1.36 55.71
N ASN C 569 23.51 1.81 56.93
CA ASN C 569 22.54 2.66 57.61
C ASN C 569 22.35 3.97 56.86
N LEU C 570 23.45 4.56 56.37
CA LEU C 570 23.33 5.78 55.58
C LEU C 570 22.54 5.55 54.30
N ILE C 571 22.78 4.41 53.64
CA ILE C 571 22.07 4.10 52.40
C ILE C 571 20.58 3.91 52.67
N MET C 572 20.24 3.19 53.74
CA MET C 572 18.83 3.00 54.08
C MET C 572 18.16 4.34 54.40
N ASP C 573 18.87 5.22 55.12
CA ASP C 573 18.32 6.54 55.38
C ASP C 573 18.11 7.33 54.08
N SER C 574 19.05 7.19 53.14
CA SER C 574 18.91 7.88 51.86
C SER C 574 17.70 7.37 51.08
N LEU C 575 17.49 6.06 51.06
CA LEU C 575 16.39 5.46 50.31
C LEU C 575 15.11 5.35 51.12
N GLY C 576 15.11 5.75 52.39
CA GLY C 576 13.92 5.67 53.22
C GLY C 576 13.44 4.27 53.50
N ILE C 577 14.35 3.35 53.81
CA ILE C 577 13.99 1.97 54.14
C ILE C 577 14.74 1.51 55.37
#